data_2V1N
#
_entry.id   2V1N
#
_cell.length_a   1.000
_cell.length_b   1.000
_cell.length_c   1.000
_cell.angle_alpha   90.00
_cell.angle_beta   90.00
_cell.angle_gamma   90.00
#
_symmetry.space_group_name_H-M   'P 1'
#
_entity_poly.entity_id   1
_entity_poly.type   'polypeptide(L)'
_entity_poly.pdbx_seq_one_letter_code
;GQRQLLLASENPQQFMDYFSEEFRNDFLELLRRRFGTKRVHNNIVYNEYISHREHIHMNATQWETLTDFTKWLGREGLCK
VDETPKGWYIQYIDRDPETIRRQLELEKKKK
;
_entity_poly.pdbx_strand_id   A
#
# COMPACT_ATOMS: atom_id res chain seq x y z
N GLY A 1 15.59 11.08 -36.69
CA GLY A 1 14.34 10.83 -36.01
C GLY A 1 13.98 9.40 -36.14
N GLN A 2 14.93 8.60 -36.67
CA GLN A 2 14.81 7.19 -36.94
C GLN A 2 15.17 6.27 -35.79
N ARG A 3 16.47 6.22 -35.41
CA ARG A 3 17.05 5.33 -34.40
C ARG A 3 16.80 5.71 -32.93
N GLN A 4 15.50 5.93 -32.59
CA GLN A 4 14.98 6.34 -31.29
C GLN A 4 14.67 5.21 -30.33
N LEU A 5 14.42 3.97 -30.84
CA LEU A 5 14.09 2.74 -30.10
C LEU A 5 12.68 2.75 -29.51
N LEU A 6 12.41 3.74 -28.62
CA LEU A 6 11.16 4.07 -27.95
C LEU A 6 10.65 3.07 -26.91
N LEU A 7 10.36 1.81 -27.33
CA LEU A 7 9.86 0.66 -26.57
C LEU A 7 8.44 0.70 -26.05
N ALA A 8 7.94 1.91 -25.72
CA ALA A 8 6.55 2.23 -25.43
C ALA A 8 6.05 1.91 -24.02
N SER A 9 6.99 1.65 -23.06
CA SER A 9 6.74 1.28 -21.66
C SER A 9 6.52 2.47 -20.70
N GLU A 10 5.54 3.34 -21.06
CA GLU A 10 5.18 4.56 -20.34
C GLU A 10 3.75 4.52 -19.85
N ASN A 11 3.27 5.68 -19.36
CA ASN A 11 1.92 6.02 -18.91
C ASN A 11 1.35 5.23 -17.71
N PRO A 12 1.86 5.43 -16.47
CA PRO A 12 1.46 4.69 -15.26
C PRO A 12 0.14 5.15 -14.60
N GLN A 13 -0.37 6.38 -14.91
CA GLN A 13 -1.60 6.97 -14.38
C GLN A 13 -2.92 6.46 -14.98
N GLN A 14 -2.83 5.46 -15.90
CA GLN A 14 -3.93 4.82 -16.58
C GLN A 14 -4.10 3.35 -16.17
N PHE A 15 -3.17 2.78 -15.35
CA PHE A 15 -3.21 1.41 -14.87
C PHE A 15 -3.52 1.38 -13.37
N MET A 16 -4.14 2.49 -12.84
CA MET A 16 -4.59 2.72 -11.45
C MET A 16 -5.67 1.75 -10.99
N ASP A 17 -6.54 1.26 -11.93
CA ASP A 17 -7.56 0.23 -11.69
C ASP A 17 -6.93 -1.13 -11.34
N TYR A 18 -5.98 -1.62 -12.19
CA TYR A 18 -5.20 -2.83 -11.96
C TYR A 18 -4.12 -2.77 -10.87
N PHE A 19 -3.20 -1.76 -10.92
CA PHE A 19 -2.07 -1.60 -10.00
C PHE A 19 -2.48 -1.11 -8.62
N SER A 20 -3.53 -0.22 -8.51
CA SER A 20 -4.07 0.18 -7.19
C SER A 20 -4.89 -0.92 -6.53
N GLU A 21 -5.57 -1.82 -7.32
CA GLU A 21 -6.26 -3.00 -6.79
C GLU A 21 -5.28 -4.07 -6.30
N GLU A 22 -4.25 -4.49 -7.11
CA GLU A 22 -3.20 -5.44 -6.72
C GLU A 22 -2.26 -4.92 -5.64
N PHE A 23 -1.89 -3.61 -5.70
CA PHE A 23 -1.11 -2.95 -4.65
C PHE A 23 -1.94 -2.72 -3.39
N ARG A 24 -3.15 -2.09 -3.36
CA ARG A 24 -3.92 -1.96 -2.10
C ARG A 24 -4.52 -3.25 -1.57
N ASN A 25 -4.88 -4.28 -2.39
CA ASN A 25 -5.35 -5.58 -1.88
C ASN A 25 -4.30 -6.35 -1.10
N ASP A 26 -3.08 -6.55 -1.66
CA ASP A 26 -1.96 -7.18 -0.96
C ASP A 26 -1.25 -6.28 0.03
N PHE A 27 -1.05 -4.96 -0.22
CA PHE A 27 -0.41 -3.97 0.69
C PHE A 27 -1.26 -3.68 1.90
N LEU A 28 -2.59 -3.40 1.72
CA LEU A 28 -3.55 -3.17 2.80
C LEU A 28 -3.81 -4.42 3.63
N GLU A 29 -3.80 -5.65 3.01
CA GLU A 29 -3.83 -6.94 3.73
C GLU A 29 -2.54 -7.22 4.52
N LEU A 30 -1.34 -6.99 3.91
CA LEU A 30 0.00 -7.14 4.50
C LEU A 30 0.30 -6.18 5.63
N LEU A 31 -0.18 -4.91 5.48
CA LEU A 31 -0.21 -3.79 6.44
C LEU A 31 -1.13 -4.13 7.59
N ARG A 32 -2.29 -4.79 7.31
CA ARG A 32 -3.19 -5.22 8.34
C ARG A 32 -2.76 -6.45 9.17
N ARG A 33 -2.31 -7.57 8.55
CA ARG A 33 -1.72 -8.73 9.24
C ARG A 33 -0.37 -8.63 9.82
N ARG A 34 0.59 -8.08 9.05
CA ARG A 34 1.97 -8.04 9.47
C ARG A 34 2.31 -6.88 10.40
N PHE A 35 1.48 -5.81 10.37
CA PHE A 35 1.71 -4.57 11.11
C PHE A 35 0.58 -4.25 12.13
N GLY A 36 -0.76 -4.43 11.84
CA GLY A 36 -1.85 -3.99 12.72
C GLY A 36 -2.11 -2.55 12.54
N THR A 37 -1.93 -1.68 13.56
CA THR A 37 -1.97 -0.25 13.30
C THR A 37 -0.73 0.25 14.01
N LYS A 38 0.28 0.64 13.23
CA LYS A 38 1.55 1.14 13.70
C LYS A 38 1.93 2.32 12.85
N ARG A 39 2.61 3.35 13.43
CA ARG A 39 3.24 4.43 12.69
C ARG A 39 4.54 3.87 12.05
N VAL A 40 4.50 3.70 10.73
CA VAL A 40 5.51 2.98 9.94
C VAL A 40 5.64 3.68 8.62
N HIS A 41 6.81 3.55 7.94
CA HIS A 41 7.12 4.21 6.68
C HIS A 41 6.67 3.36 5.49
N ASN A 42 5.82 3.90 4.59
CA ASN A 42 5.24 3.21 3.41
C ASN A 42 6.22 2.51 2.44
N ASN A 43 7.47 3.03 2.30
CA ASN A 43 8.57 2.41 1.54
C ASN A 43 9.08 1.12 2.22
N ILE A 44 8.99 1.00 3.58
CA ILE A 44 9.30 -0.20 4.38
C ILE A 44 8.24 -1.27 4.17
N VAL A 45 6.95 -0.84 4.08
CA VAL A 45 5.78 -1.68 3.82
C VAL A 45 5.74 -2.15 2.35
N TYR A 46 6.08 -1.25 1.36
CA TYR A 46 6.21 -1.47 -0.11
C TYR A 46 7.29 -2.48 -0.44
N ASN A 47 8.53 -2.31 0.11
CA ASN A 47 9.71 -3.19 0.00
C ASN A 47 9.52 -4.52 0.69
N GLU A 48 8.64 -4.53 1.73
CA GLU A 48 8.20 -5.75 2.42
C GLU A 48 7.19 -6.57 1.60
N TYR A 49 6.16 -5.85 1.06
CA TYR A 49 5.05 -6.28 0.19
C TYR A 49 5.53 -6.93 -1.10
N ILE A 50 6.44 -6.29 -1.88
CA ILE A 50 6.93 -6.82 -3.15
C ILE A 50 7.90 -7.99 -3.19
N SER A 51 8.32 -8.50 -2.01
CA SER A 51 9.17 -9.67 -1.81
C SER A 51 8.45 -11.02 -2.11
N HIS A 52 7.13 -10.92 -2.30
CA HIS A 52 6.14 -11.91 -2.69
C HIS A 52 5.91 -11.86 -4.23
N ARG A 53 4.71 -12.25 -4.77
CA ARG A 53 4.37 -12.30 -6.21
C ARG A 53 4.32 -10.95 -6.93
N GLU A 54 3.70 -10.02 -6.20
CA GLU A 54 3.18 -8.69 -6.38
C GLU A 54 4.07 -7.55 -6.75
N HIS A 55 5.36 -7.81 -7.13
CA HIS A 55 6.40 -6.84 -7.53
C HIS A 55 6.01 -5.72 -8.50
N ILE A 56 5.51 -4.64 -7.85
CA ILE A 56 5.05 -3.35 -8.31
C ILE A 56 5.96 -2.37 -7.61
N HIS A 57 6.33 -1.27 -8.29
CA HIS A 57 7.00 -0.14 -7.67
C HIS A 57 5.98 0.97 -7.61
N MET A 58 6.04 1.95 -6.64
CA MET A 58 5.09 3.09 -6.43
C MET A 58 4.80 3.96 -7.61
N ASN A 59 5.79 3.92 -8.50
CA ASN A 59 6.01 4.60 -9.74
C ASN A 59 5.08 4.03 -10.87
N ALA A 60 4.45 2.81 -10.63
CA ALA A 60 3.43 2.12 -11.44
C ALA A 60 1.97 2.63 -11.24
N THR A 61 1.81 3.62 -10.34
CA THR A 61 0.58 4.27 -9.90
C THR A 61 0.40 5.64 -10.57
N GLN A 62 -0.76 6.32 -10.32
CA GLN A 62 -1.03 7.69 -10.77
C GLN A 62 -0.53 8.75 -9.81
N TRP A 63 0.09 8.29 -8.69
CA TRP A 63 0.71 9.06 -7.63
C TRP A 63 2.20 9.23 -8.00
N GLU A 64 2.59 10.45 -8.45
CA GLU A 64 3.93 10.83 -8.91
C GLU A 64 4.97 11.01 -7.81
N THR A 65 4.47 11.04 -6.56
CA THR A 65 5.20 11.22 -5.32
C THR A 65 4.52 10.25 -4.38
N LEU A 66 5.14 9.83 -3.23
CA LEU A 66 4.53 8.96 -2.21
C LEU A 66 3.45 9.69 -1.41
N THR A 67 3.58 11.04 -1.31
CA THR A 67 2.79 12.09 -0.69
C THR A 67 1.39 12.08 -1.21
N ASP A 68 1.19 11.92 -2.54
CA ASP A 68 -0.09 11.77 -3.22
C ASP A 68 -0.81 10.43 -3.03
N PHE A 69 -0.06 9.33 -2.75
CA PHE A 69 -0.55 8.00 -2.38
C PHE A 69 -1.06 8.05 -0.93
N THR A 70 -0.35 8.83 -0.08
CA THR A 70 -0.69 9.14 1.31
C THR A 70 -1.88 10.09 1.38
N LYS A 71 -1.97 11.05 0.42
CA LYS A 71 -3.19 11.88 0.22
C LYS A 71 -4.47 11.12 -0.19
N TRP A 72 -4.35 10.05 -1.04
CA TRP A 72 -5.45 9.19 -1.50
C TRP A 72 -5.85 8.10 -0.51
N LEU A 73 -4.90 7.25 -0.04
CA LEU A 73 -5.08 6.13 0.93
C LEU A 73 -5.50 6.50 2.34
N GLY A 74 -4.96 7.67 2.79
CA GLY A 74 -5.30 8.43 4.01
C GLY A 74 -6.73 8.94 4.04
N ARG A 75 -7.28 9.14 2.83
CA ARG A 75 -8.62 9.68 2.56
C ARG A 75 -9.76 8.70 2.62
N GLU A 76 -9.45 7.39 2.51
CA GLU A 76 -10.42 6.31 2.42
C GLU A 76 -10.85 5.78 3.77
N GLY A 77 -10.05 6.08 4.84
CA GLY A 77 -10.37 5.56 6.18
C GLY A 77 -9.65 4.26 6.43
N LEU A 78 -8.51 4.09 5.74
CA LEU A 78 -7.62 2.95 5.88
C LEU A 78 -6.37 3.37 6.55
N CYS A 79 -5.86 4.59 6.28
CA CYS A 79 -4.64 5.10 6.88
C CYS A 79 -4.71 6.52 7.47
N LYS A 80 -3.85 6.80 8.48
CA LYS A 80 -3.58 8.08 9.13
C LYS A 80 -2.17 8.47 8.71
N VAL A 81 -1.84 9.76 8.48
CA VAL A 81 -0.55 10.15 7.96
C VAL A 81 0.05 11.33 8.69
N ASP A 82 1.41 11.31 8.81
CA ASP A 82 2.24 12.39 9.36
C ASP A 82 3.58 12.47 8.62
N GLU A 83 4.23 13.68 8.57
CA GLU A 83 5.54 13.87 7.93
C GLU A 83 6.52 14.43 8.94
N THR A 84 7.76 13.88 8.86
CA THR A 84 8.92 14.13 9.70
C THR A 84 10.09 14.54 8.86
N PRO A 85 11.22 14.90 9.50
CA PRO A 85 12.49 15.03 8.82
C PRO A 85 13.14 13.74 8.28
N LYS A 86 12.56 12.53 8.54
CA LYS A 86 13.06 11.24 8.12
C LYS A 86 12.08 10.52 7.19
N GLY A 87 11.11 11.24 6.56
CA GLY A 87 10.18 10.62 5.61
C GLY A 87 8.71 10.86 5.84
N TRP A 88 7.90 9.96 5.21
CA TRP A 88 6.45 9.88 5.26
C TRP A 88 6.10 8.61 6.06
N TYR A 89 5.44 8.82 7.23
CA TYR A 89 5.07 7.83 8.21
C TYR A 89 3.57 7.80 8.23
N ILE A 90 3.00 6.61 8.09
CA ILE A 90 1.59 6.32 8.11
C ILE A 90 1.31 5.46 9.33
N GLN A 91 0.19 5.72 10.01
CA GLN A 91 -0.38 4.94 11.08
C GLN A 91 -1.67 4.50 10.44
N TYR A 92 -1.90 3.21 10.26
CA TYR A 92 -3.09 2.63 9.65
C TYR A 92 -4.29 2.61 10.63
N ILE A 93 -5.55 2.72 10.13
CA ILE A 93 -6.84 2.80 10.80
C ILE A 93 -7.30 1.36 11.07
N ASP A 94 -7.61 0.90 12.31
CA ASP A 94 -7.89 -0.52 12.57
C ASP A 94 -9.21 -1.12 12.12
N ARG A 95 -9.76 -0.65 10.96
CA ARG A 95 -10.94 -1.00 10.18
C ARG A 95 -12.06 -1.71 10.95
N ASP A 96 -12.14 -3.05 10.79
CA ASP A 96 -12.82 -3.94 11.74
C ASP A 96 -11.72 -4.61 12.54
N PRO A 97 -11.52 -4.39 13.86
CA PRO A 97 -10.39 -4.90 14.64
C PRO A 97 -10.32 -6.40 14.74
N GLU A 98 -11.47 -7.12 14.71
CA GLU A 98 -11.60 -8.57 14.61
C GLU A 98 -11.04 -9.08 13.29
N THR A 99 -10.97 -8.21 12.22
CA THR A 99 -10.26 -8.50 10.98
C THR A 99 -8.76 -8.34 11.15
N ILE A 100 -8.29 -7.29 11.90
CA ILE A 100 -6.91 -6.87 12.25
C ILE A 100 -6.25 -7.90 13.14
N ARG A 101 -6.92 -8.33 14.23
CA ARG A 101 -6.50 -9.34 15.20
C ARG A 101 -6.56 -10.79 14.64
N ARG A 102 -7.49 -11.09 13.67
CA ARG A 102 -7.62 -12.38 12.94
C ARG A 102 -6.57 -12.48 11.83
N GLN A 103 -6.16 -11.32 11.25
CA GLN A 103 -5.03 -11.15 10.32
C GLN A 103 -3.69 -11.50 10.97
N LEU A 104 -3.40 -10.78 12.05
CA LEU A 104 -2.33 -10.83 13.05
C LEU A 104 -2.05 -12.20 13.68
N GLU A 105 -3.07 -12.82 14.33
CA GLU A 105 -3.04 -14.14 14.96
C GLU A 105 -3.29 -15.39 14.10
N LEU A 106 -4.47 -15.47 13.45
CA LEU A 106 -5.03 -16.65 12.78
C LEU A 106 -4.58 -16.93 11.37
N GLU A 107 -4.55 -15.88 10.48
CA GLU A 107 -4.20 -15.94 9.06
C GLU A 107 -2.77 -16.37 8.80
N LYS A 108 -1.97 -16.30 9.89
CA LYS A 108 -0.59 -16.74 10.04
C LYS A 108 -0.41 -18.27 10.07
N LYS A 109 -1.50 -19.01 10.44
CA LYS A 109 -1.60 -20.45 10.57
C LYS A 109 -1.88 -21.16 9.25
N LYS A 110 -2.32 -20.38 8.22
CA LYS A 110 -2.67 -20.84 6.89
C LYS A 110 -1.80 -20.14 5.86
N LYS A 111 -1.63 -18.80 5.93
CA LYS A 111 -0.76 -18.03 5.06
C LYS A 111 0.30 -17.39 5.95
N GLY A 1 -11.56 -15.41 -15.58
CA GLY A 1 -11.31 -16.66 -16.26
C GLY A 1 -9.86 -17.00 -16.12
N GLN A 2 -8.96 -16.12 -16.62
CA GLN A 2 -7.51 -16.23 -16.56
C GLN A 2 -6.92 -15.73 -15.25
N ARG A 3 -7.45 -14.59 -14.74
CA ARG A 3 -6.90 -13.90 -13.61
C ARG A 3 -7.95 -12.89 -13.20
N GLN A 4 -7.70 -12.08 -12.14
CA GLN A 4 -8.55 -11.05 -11.52
C GLN A 4 -9.82 -11.52 -10.82
N LEU A 5 -10.78 -12.04 -11.61
CA LEU A 5 -12.12 -12.53 -11.27
C LEU A 5 -13.06 -11.39 -10.90
N LEU A 6 -13.16 -10.44 -11.85
CA LEU A 6 -13.82 -9.15 -11.76
C LEU A 6 -15.24 -9.10 -12.32
N LEU A 7 -15.83 -7.88 -12.37
CA LEU A 7 -17.17 -7.59 -12.88
C LEU A 7 -17.13 -6.81 -14.17
N ALA A 8 -15.93 -6.71 -14.78
CA ALA A 8 -15.66 -6.15 -16.10
C ALA A 8 -15.76 -4.63 -16.23
N SER A 9 -15.08 -3.94 -15.28
CA SER A 9 -14.96 -2.50 -15.17
C SER A 9 -13.77 -2.30 -14.23
N GLU A 10 -12.99 -1.22 -14.45
CA GLU A 10 -11.82 -0.77 -13.72
C GLU A 10 -11.59 0.60 -14.32
N ASN A 11 -10.82 1.47 -13.66
CA ASN A 11 -10.45 2.80 -14.13
C ASN A 11 -8.96 2.82 -14.43
N PRO A 12 -8.47 2.73 -15.69
CA PRO A 12 -7.04 2.75 -16.02
C PRO A 12 -6.49 4.19 -16.10
N GLN A 13 -6.78 5.07 -15.09
CA GLN A 13 -6.32 6.45 -14.93
C GLN A 13 -4.84 6.54 -14.60
N GLN A 14 -4.04 6.14 -15.63
CA GLN A 14 -2.60 5.94 -15.74
C GLN A 14 -2.19 4.62 -15.08
N PHE A 15 -3.09 3.62 -15.31
CA PHE A 15 -3.16 2.22 -14.90
C PHE A 15 -3.38 2.03 -13.41
N MET A 16 -4.00 3.08 -12.78
CA MET A 16 -4.35 3.20 -11.36
C MET A 16 -5.20 2.10 -10.83
N ASP A 17 -6.38 1.72 -11.37
CA ASP A 17 -7.16 0.59 -10.81
C ASP A 17 -6.55 -0.78 -11.08
N TYR A 18 -5.68 -0.95 -12.13
CA TYR A 18 -4.88 -2.16 -12.37
C TYR A 18 -3.73 -2.34 -11.35
N PHE A 19 -2.84 -1.31 -11.19
CA PHE A 19 -1.72 -1.27 -10.26
C PHE A 19 -2.14 -1.04 -8.80
N SER A 20 -3.17 -0.20 -8.57
CA SER A 20 -3.77 0.14 -7.27
C SER A 20 -4.59 -0.95 -6.68
N GLU A 21 -5.22 -1.87 -7.49
CA GLU A 21 -5.88 -3.08 -6.99
C GLU A 21 -4.84 -4.07 -6.46
N GLU A 22 -3.75 -4.36 -7.24
CA GLU A 22 -2.63 -5.23 -6.84
C GLU A 22 -1.76 -4.68 -5.70
N PHE A 23 -1.56 -3.34 -5.62
CA PHE A 23 -0.94 -2.66 -4.48
C PHE A 23 -1.88 -2.62 -3.28
N ARG A 24 -3.14 -2.11 -3.40
CA ARG A 24 -4.07 -1.98 -2.27
C ARG A 24 -4.66 -3.24 -1.66
N ASN A 25 -4.99 -4.31 -2.45
CA ASN A 25 -5.52 -5.59 -1.94
C ASN A 25 -4.53 -6.39 -1.09
N ASP A 26 -3.32 -6.60 -1.63
CA ASP A 26 -2.20 -7.25 -0.98
C ASP A 26 -1.56 -6.36 0.08
N PHE A 27 -1.40 -5.01 -0.12
CA PHE A 27 -0.89 -4.08 0.89
C PHE A 27 -1.82 -3.88 2.06
N LEU A 28 -3.19 -3.79 1.91
CA LEU A 28 -4.09 -3.77 3.08
C LEU A 28 -4.07 -5.07 3.86
N GLU A 29 -3.97 -6.27 3.22
CA GLU A 29 -3.68 -7.53 3.94
C GLU A 29 -2.35 -7.53 4.68
N LEU A 30 -1.21 -7.18 4.01
CA LEU A 30 0.17 -7.09 4.49
C LEU A 30 0.37 -6.15 5.69
N LEU A 31 -0.29 -4.96 5.60
CA LEU A 31 -0.42 -3.87 6.56
C LEU A 31 -1.17 -4.34 7.79
N ARG A 32 -2.38 -4.92 7.59
CA ARG A 32 -3.22 -5.54 8.62
C ARG A 32 -2.64 -6.76 9.34
N ARG A 33 -2.05 -7.79 8.66
CA ARG A 33 -1.35 -8.90 9.29
C ARG A 33 -0.02 -8.62 9.91
N ARG A 34 0.92 -8.03 9.13
CA ARG A 34 2.28 -7.99 9.59
C ARG A 34 2.58 -6.82 10.56
N PHE A 35 1.76 -5.74 10.47
CA PHE A 35 1.92 -4.52 11.23
C PHE A 35 0.70 -4.23 12.12
N GLY A 36 -0.58 -4.55 11.69
CA GLY A 36 -1.82 -4.11 12.33
C GLY A 36 -2.11 -2.68 12.03
N THR A 37 -2.10 -1.85 13.07
CA THR A 37 -2.21 -0.41 12.96
C THR A 37 -0.95 0.07 13.69
N LYS A 38 0.03 0.57 12.93
CA LYS A 38 1.29 1.09 13.44
C LYS A 38 1.75 2.22 12.55
N ARG A 39 2.33 3.30 13.12
CA ARG A 39 2.96 4.42 12.43
C ARG A 39 4.29 3.96 11.76
N VAL A 40 4.33 3.84 10.42
CA VAL A 40 5.45 3.22 9.71
C VAL A 40 5.53 3.83 8.35
N HIS A 41 6.73 3.85 7.68
CA HIS A 41 6.87 4.32 6.31
C HIS A 41 6.43 3.22 5.39
N ASN A 42 5.47 3.61 4.54
CA ASN A 42 4.87 2.81 3.50
C ASN A 42 5.88 2.24 2.48
N ASN A 43 7.10 2.86 2.34
CA ASN A 43 8.17 2.38 1.48
C ASN A 43 8.89 1.18 2.09
N ILE A 44 8.92 1.05 3.45
CA ILE A 44 9.43 -0.10 4.23
C ILE A 44 8.51 -1.29 4.03
N VAL A 45 7.19 -0.99 4.14
CA VAL A 45 6.05 -1.89 3.92
C VAL A 45 5.89 -2.29 2.45
N TYR A 46 6.24 -1.39 1.45
CA TYR A 46 6.21 -1.61 0.00
C TYR A 46 7.16 -2.72 -0.40
N ASN A 47 8.44 -2.61 0.05
CA ASN A 47 9.57 -3.55 -0.09
C ASN A 47 9.33 -4.91 0.53
N GLU A 48 8.53 -4.88 1.62
CA GLU A 48 8.03 -6.07 2.34
C GLU A 48 6.92 -6.81 1.57
N TYR A 49 5.96 -6.00 1.01
CA TYR A 49 4.82 -6.35 0.18
C TYR A 49 5.22 -6.90 -1.19
N ILE A 50 6.09 -6.18 -1.94
CA ILE A 50 6.53 -6.57 -3.30
C ILE A 50 7.51 -7.72 -3.39
N SER A 51 8.04 -8.17 -2.23
CA SER A 51 8.91 -9.33 -2.04
C SER A 51 8.04 -10.59 -1.87
N HIS A 52 7.12 -10.78 -2.84
CA HIS A 52 6.09 -11.79 -2.97
C HIS A 52 5.95 -11.91 -4.49
N ARG A 53 4.76 -12.27 -5.06
CA ARG A 53 4.54 -12.35 -6.52
C ARG A 53 4.47 -10.99 -7.25
N GLU A 54 3.80 -10.04 -6.58
CA GLU A 54 3.38 -8.70 -6.90
C GLU A 54 4.40 -7.62 -7.24
N HIS A 55 5.70 -7.94 -7.49
CA HIS A 55 6.85 -7.05 -7.69
C HIS A 55 6.76 -5.74 -8.52
N ILE A 56 5.99 -4.79 -7.95
CA ILE A 56 5.63 -3.42 -8.30
C ILE A 56 6.66 -2.44 -7.73
N HIS A 57 6.52 -1.15 -8.06
CA HIS A 57 7.18 0.00 -7.47
C HIS A 57 6.09 1.02 -7.24
N MET A 58 6.26 1.99 -6.29
CA MET A 58 5.36 3.11 -5.94
C MET A 58 5.06 4.09 -7.06
N ASN A 59 6.03 4.11 -7.99
CA ASN A 59 6.07 4.91 -9.18
C ASN A 59 5.32 4.25 -10.38
N ALA A 60 4.68 3.04 -10.18
CA ALA A 60 3.74 2.32 -11.08
C ALA A 60 2.28 2.79 -10.91
N THR A 61 2.13 3.89 -10.16
CA THR A 61 0.89 4.54 -9.76
C THR A 61 0.77 5.94 -10.38
N GLN A 62 -0.40 6.63 -10.18
CA GLN A 62 -0.69 8.03 -10.58
C GLN A 62 -0.19 9.06 -9.55
N TRP A 63 0.46 8.55 -8.48
CA TRP A 63 1.02 9.21 -7.34
C TRP A 63 2.54 9.35 -7.59
N GLU A 64 3.00 10.60 -7.87
CA GLU A 64 4.36 11.01 -8.26
C GLU A 64 5.42 10.81 -7.19
N THR A 65 4.97 10.79 -5.93
CA THR A 65 5.78 10.61 -4.75
C THR A 65 4.80 9.94 -3.81
N LEU A 66 5.25 9.48 -2.61
CA LEU A 66 4.47 8.82 -1.55
C LEU A 66 3.40 9.72 -0.97
N THR A 67 3.59 11.06 -1.05
CA THR A 67 2.73 12.14 -0.57
C THR A 67 1.31 12.14 -1.13
N ASP A 68 1.09 12.03 -2.46
CA ASP A 68 -0.20 11.97 -3.14
C ASP A 68 -0.99 10.69 -3.02
N PHE A 69 -0.28 9.56 -2.78
CA PHE A 69 -0.81 8.24 -2.46
C PHE A 69 -1.36 8.21 -1.03
N THR A 70 -0.62 8.89 -0.12
CA THR A 70 -0.89 9.13 1.30
C THR A 70 -2.06 10.11 1.47
N LYS A 71 -2.19 11.10 0.52
CA LYS A 71 -3.37 11.97 0.38
C LYS A 71 -4.66 11.18 0.01
N TRP A 72 -4.61 10.24 -1.00
CA TRP A 72 -5.72 9.38 -1.45
C TRP A 72 -6.13 8.29 -0.45
N LEU A 73 -5.17 7.45 0.03
CA LEU A 73 -5.32 6.32 0.98
C LEU A 73 -5.73 6.71 2.37
N GLY A 74 -5.21 7.90 2.80
CA GLY A 74 -5.58 8.68 3.98
C GLY A 74 -6.99 9.20 3.95
N ARG A 75 -7.52 9.40 2.71
CA ARG A 75 -8.87 9.91 2.47
C ARG A 75 -9.96 8.86 2.62
N GLU A 76 -9.61 7.56 2.51
CA GLU A 76 -10.55 6.46 2.44
C GLU A 76 -11.02 5.93 3.79
N GLY A 77 -10.26 6.22 4.88
CA GLY A 77 -10.57 5.72 6.21
C GLY A 77 -9.80 4.48 6.53
N LEU A 78 -8.70 4.23 5.78
CA LEU A 78 -7.82 3.08 5.94
C LEU A 78 -6.60 3.45 6.69
N CYS A 79 -6.00 4.61 6.39
CA CYS A 79 -4.76 5.06 7.01
C CYS A 79 -4.78 6.50 7.49
N LYS A 80 -3.96 6.81 8.52
CA LYS A 80 -3.71 8.11 9.12
C LYS A 80 -2.32 8.55 8.69
N VAL A 81 -2.02 9.83 8.41
CA VAL A 81 -0.74 10.20 7.82
C VAL A 81 -0.07 11.36 8.52
N ASP A 82 1.29 11.26 8.59
CA ASP A 82 2.22 12.25 9.15
C ASP A 82 3.49 12.34 8.28
N GLU A 83 4.22 13.50 8.29
CA GLU A 83 5.50 13.69 7.60
C GLU A 83 6.57 14.23 8.54
N THR A 84 7.80 13.67 8.35
CA THR A 84 9.05 13.87 9.07
C THR A 84 10.12 14.30 8.11
N PRO A 85 11.32 14.64 8.61
CA PRO A 85 12.50 14.77 7.79
C PRO A 85 13.09 13.48 7.17
N LYS A 86 12.53 12.27 7.43
CA LYS A 86 13.01 11.01 6.90
C LYS A 86 12.01 10.36 5.93
N GLY A 87 10.81 10.99 5.75
CA GLY A 87 9.77 10.48 4.86
C GLY A 87 8.38 10.62 5.38
N TRP A 88 7.42 9.92 4.70
CA TRP A 88 6.01 9.81 5.03
C TRP A 88 5.77 8.55 5.87
N TYR A 89 5.15 8.75 7.05
CA TYR A 89 4.81 7.73 8.02
C TYR A 89 3.31 7.73 8.01
N ILE A 90 2.75 6.53 7.79
CA ILE A 90 1.34 6.25 7.77
C ILE A 90 1.10 5.35 8.96
N GLN A 91 0.02 5.58 9.72
CA GLN A 91 -0.47 4.71 10.75
C GLN A 91 -1.80 4.30 10.24
N TYR A 92 -2.04 2.98 10.08
CA TYR A 92 -3.30 2.40 9.61
C TYR A 92 -4.40 2.50 10.71
N ILE A 93 -5.66 2.67 10.27
CA ILE A 93 -6.94 2.79 10.94
C ILE A 93 -7.46 1.40 11.08
N ASP A 94 -7.73 0.86 12.31
CA ASP A 94 -8.25 -0.50 12.46
C ASP A 94 -9.72 -0.55 12.21
N ARG A 95 -10.01 -0.82 10.91
CA ARG A 95 -11.27 -1.04 10.20
C ARG A 95 -12.29 -1.87 10.98
N ASP A 96 -12.21 -3.19 10.87
CA ASP A 96 -12.81 -4.11 11.83
C ASP A 96 -11.65 -4.62 12.70
N PRO A 97 -11.32 -4.25 13.97
CA PRO A 97 -10.16 -4.71 14.77
C PRO A 97 -10.02 -6.21 14.97
N GLU A 98 -11.16 -6.96 14.90
CA GLU A 98 -11.27 -8.42 14.80
C GLU A 98 -10.58 -8.91 13.52
N THR A 99 -10.64 -8.14 12.40
CA THR A 99 -9.87 -8.40 11.18
C THR A 99 -8.36 -8.19 11.39
N ILE A 100 -7.88 -7.13 12.10
CA ILE A 100 -6.47 -6.89 12.44
C ILE A 100 -5.93 -7.97 13.41
N ARG A 101 -6.63 -8.28 14.54
CA ARG A 101 -6.26 -9.31 15.52
C ARG A 101 -6.40 -10.75 14.99
N ARG A 102 -7.33 -10.98 14.01
CA ARG A 102 -7.47 -12.24 13.28
C ARG A 102 -6.39 -12.37 12.22
N GLN A 103 -6.04 -11.22 11.54
CA GLN A 103 -4.99 -11.10 10.54
C GLN A 103 -3.58 -11.40 11.06
N LEU A 104 -3.27 -11.05 12.34
CA LEU A 104 -2.02 -11.39 13.01
C LEU A 104 -2.00 -12.81 13.60
N GLU A 105 -2.98 -13.10 14.50
CA GLU A 105 -3.01 -14.29 15.35
C GLU A 105 -3.58 -15.61 14.79
N LEU A 106 -4.87 -15.62 14.33
CA LEU A 106 -5.68 -16.76 13.89
C LEU A 106 -5.49 -17.18 12.45
N GLU A 107 -5.55 -16.19 11.50
CA GLU A 107 -5.46 -16.36 10.04
C GLU A 107 -4.10 -16.86 9.58
N LYS A 108 -3.12 -16.65 10.48
CA LYS A 108 -1.73 -17.03 10.31
C LYS A 108 -1.38 -18.45 10.78
N LYS A 109 -2.38 -19.19 11.33
CA LYS A 109 -2.31 -20.58 11.80
C LYS A 109 -2.44 -21.60 10.65
N LYS A 110 -1.44 -21.61 9.73
CA LYS A 110 -1.32 -22.40 8.50
C LYS A 110 -1.12 -23.91 8.69
N LYS A 111 -2.03 -24.58 9.44
CA LYS A 111 -2.01 -25.99 9.75
C LYS A 111 -3.31 -26.63 9.29
N GLY A 1 -12.78 2.46 -34.22
CA GLY A 1 -12.39 1.39 -33.34
C GLY A 1 -11.08 1.72 -32.70
N GLN A 2 -10.21 2.43 -33.42
CA GLN A 2 -8.90 2.88 -32.99
C GLN A 2 -8.81 4.36 -33.27
N ARG A 3 -8.11 5.10 -32.36
CA ARG A 3 -7.79 6.51 -32.45
C ARG A 3 -8.94 7.48 -32.13
N GLN A 4 -9.89 7.07 -31.23
CA GLN A 4 -11.04 7.86 -30.80
C GLN A 4 -10.75 8.70 -29.55
N LEU A 5 -10.12 8.05 -28.53
CA LEU A 5 -9.77 8.57 -27.20
C LEU A 5 -11.01 8.48 -26.30
N LEU A 6 -11.66 7.28 -26.32
CA LEU A 6 -12.95 7.00 -25.72
C LEU A 6 -12.86 6.37 -24.34
N LEU A 7 -11.84 5.48 -24.23
CA LEU A 7 -11.38 4.63 -23.13
C LEU A 7 -10.82 3.40 -23.72
N ALA A 8 -11.25 3.05 -24.96
CA ALA A 8 -10.68 1.99 -25.78
C ALA A 8 -11.06 0.56 -25.43
N SER A 9 -10.99 0.19 -24.13
CA SER A 9 -11.39 -1.11 -23.57
C SER A 9 -11.31 -1.04 -22.07
N GLU A 10 -10.07 -0.89 -21.53
CA GLU A 10 -9.78 -0.87 -20.10
C GLU A 10 -9.57 0.55 -19.52
N ASN A 11 -8.56 0.73 -18.64
CA ASN A 11 -8.28 2.00 -17.98
C ASN A 11 -6.78 2.25 -17.80
N PRO A 12 -5.99 2.72 -18.78
CA PRO A 12 -4.56 3.04 -18.61
C PRO A 12 -4.30 4.35 -17.81
N GLN A 13 -4.85 4.51 -16.57
CA GLN A 13 -4.68 5.62 -15.63
C GLN A 13 -3.32 5.57 -14.94
N GLN A 14 -2.22 5.45 -15.75
CA GLN A 14 -0.84 5.10 -15.42
C GLN A 14 -0.76 3.69 -14.80
N PHE A 15 -1.84 2.92 -15.11
CA PHE A 15 -2.23 1.58 -14.73
C PHE A 15 -2.74 1.48 -13.28
N MET A 16 -3.27 2.63 -12.73
CA MET A 16 -3.79 2.83 -11.38
C MET A 16 -4.97 1.95 -10.99
N ASP A 17 -5.93 1.67 -11.92
CA ASP A 17 -7.09 0.77 -11.73
C ASP A 17 -6.72 -0.66 -11.30
N TYR A 18 -5.83 -1.34 -12.09
CA TYR A 18 -5.25 -2.64 -11.76
C TYR A 18 -4.22 -2.60 -10.61
N PHE A 19 -3.21 -1.69 -10.70
CA PHE A 19 -2.12 -1.59 -9.73
C PHE A 19 -2.49 -1.01 -8.37
N SER A 20 -3.39 0.01 -8.27
CA SER A 20 -3.88 0.51 -6.97
C SER A 20 -4.82 -0.46 -6.26
N GLU A 21 -5.63 -1.27 -7.00
CA GLU A 21 -6.43 -2.37 -6.46
C GLU A 21 -5.57 -3.56 -6.02
N GLU A 22 -4.60 -4.07 -6.85
CA GLU A 22 -3.67 -5.16 -6.51
C GLU A 22 -2.72 -4.82 -5.36
N PHE A 23 -2.12 -3.58 -5.41
CA PHE A 23 -1.29 -2.99 -4.36
C PHE A 23 -2.08 -2.73 -3.10
N ARG A 24 -3.25 -2.03 -3.12
CA ARG A 24 -4.05 -1.79 -1.92
C ARG A 24 -4.71 -3.02 -1.31
N ASN A 25 -5.04 -4.07 -2.12
CA ASN A 25 -5.55 -5.36 -1.63
C ASN A 25 -4.49 -6.19 -0.91
N ASP A 26 -3.29 -6.44 -1.50
CA ASP A 26 -2.21 -7.20 -0.86
C ASP A 26 -1.46 -6.41 0.20
N PHE A 27 -1.34 -5.07 0.02
CA PHE A 27 -0.74 -4.13 0.98
C PHE A 27 -1.62 -3.91 2.20
N LEU A 28 -3.00 -3.81 2.09
CA LEU A 28 -3.91 -3.64 3.26
C LEU A 28 -3.89 -4.89 4.09
N GLU A 29 -4.01 -6.04 3.39
CA GLU A 29 -3.90 -7.40 3.87
C GLU A 29 -2.62 -7.73 4.63
N LEU A 30 -1.40 -7.42 4.06
CA LEU A 30 -0.08 -7.57 4.69
C LEU A 30 0.26 -6.55 5.76
N LEU A 31 -0.19 -5.26 5.61
CA LEU A 31 -0.17 -4.14 6.57
C LEU A 31 -0.87 -4.52 7.86
N ARG A 32 -2.13 -5.00 7.72
CA ARG A 32 -3.00 -5.55 8.76
C ARG A 32 -2.51 -6.81 9.47
N ARG A 33 -1.88 -7.84 8.83
CA ARG A 33 -1.14 -8.87 9.56
C ARG A 33 0.18 -8.50 10.18
N ARG A 34 1.11 -7.91 9.39
CA ARG A 34 2.48 -7.82 9.85
C ARG A 34 2.75 -6.63 10.79
N PHE A 35 1.97 -5.53 10.59
CA PHE A 35 2.09 -4.27 11.29
C PHE A 35 0.83 -4.01 12.14
N GLY A 36 -0.42 -4.46 11.73
CA GLY A 36 -1.68 -4.10 12.34
C GLY A 36 -2.12 -2.73 11.92
N THR A 37 -2.11 -1.84 12.92
CA THR A 37 -2.26 -0.42 12.80
C THR A 37 -1.01 0.06 13.56
N LYS A 38 0.01 0.57 12.84
CA LYS A 38 1.25 1.05 13.41
C LYS A 38 1.74 2.18 12.55
N ARG A 39 2.45 3.20 13.11
CA ARG A 39 3.12 4.24 12.35
C ARG A 39 4.36 3.64 11.64
N VAL A 40 4.31 3.48 10.30
CA VAL A 40 5.35 2.83 9.55
C VAL A 40 5.50 3.69 8.34
N HIS A 41 6.69 3.66 7.69
CA HIS A 41 6.96 4.36 6.45
C HIS A 41 6.51 3.45 5.33
N ASN A 42 5.57 3.93 4.48
CA ASN A 42 4.89 3.18 3.41
C ASN A 42 5.81 2.52 2.36
N ASN A 43 7.02 3.08 2.11
CA ASN A 43 8.04 2.43 1.26
C ASN A 43 8.70 1.23 1.94
N ILE A 44 8.79 1.16 3.30
CA ILE A 44 9.21 0.01 4.11
C ILE A 44 8.22 -1.14 3.99
N VAL A 45 6.91 -0.80 4.04
CA VAL A 45 5.79 -1.75 3.86
C VAL A 45 5.60 -2.17 2.42
N TYR A 46 5.96 -1.25 1.45
CA TYR A 46 6.09 -1.50 -0.02
C TYR A 46 7.20 -2.48 -0.22
N ASN A 47 8.42 -2.25 0.28
CA ASN A 47 9.54 -3.18 0.22
C ASN A 47 9.34 -4.57 0.87
N GLU A 48 8.47 -4.67 1.91
CA GLU A 48 8.01 -5.91 2.55
C GLU A 48 7.05 -6.71 1.65
N TYR A 49 6.14 -5.97 0.97
CA TYR A 49 5.18 -6.32 -0.07
C TYR A 49 5.83 -6.69 -1.43
N ILE A 50 6.92 -5.98 -1.82
CA ILE A 50 7.69 -5.96 -3.07
C ILE A 50 8.29 -7.27 -3.47
N SER A 51 8.79 -8.01 -2.47
CA SER A 51 9.31 -9.36 -2.70
C SER A 51 8.24 -10.45 -2.52
N HIS A 52 7.30 -10.54 -3.50
CA HIS A 52 6.17 -11.47 -3.55
C HIS A 52 5.72 -11.54 -5.02
N ARG A 53 4.46 -11.97 -5.31
CA ARG A 53 3.81 -12.09 -6.65
C ARG A 53 3.41 -10.78 -7.33
N GLU A 54 3.22 -9.81 -6.43
CA GLU A 54 2.64 -8.49 -6.48
C GLU A 54 3.56 -7.34 -6.76
N HIS A 55 4.85 -7.56 -7.15
CA HIS A 55 5.89 -6.55 -7.37
C HIS A 55 5.60 -5.35 -8.29
N ILE A 56 4.99 -4.36 -7.61
CA ILE A 56 4.58 -3.04 -8.00
C ILE A 56 5.45 -2.15 -7.17
N HIS A 57 6.12 -1.15 -7.77
CA HIS A 57 6.81 -0.10 -7.05
C HIS A 57 5.97 1.13 -7.35
N MET A 58 6.15 2.26 -6.60
CA MET A 58 5.41 3.54 -6.63
C MET A 58 5.22 4.23 -8.00
N ASN A 59 6.04 3.76 -8.93
CA ASN A 59 6.30 4.12 -10.27
C ASN A 59 5.22 3.58 -11.25
N ALA A 60 4.47 2.51 -10.85
CA ALA A 60 3.39 1.83 -11.57
C ALA A 60 1.95 2.34 -11.31
N THR A 61 1.78 3.67 -11.01
CA THR A 61 0.53 4.27 -10.55
C THR A 61 0.49 5.80 -10.75
N GLN A 62 -0.58 6.49 -10.26
CA GLN A 62 -0.97 7.92 -10.40
C GLN A 62 -0.48 8.85 -9.27
N TRP A 63 0.35 8.23 -8.42
CA TRP A 63 1.03 8.80 -7.27
C TRP A 63 2.50 8.86 -7.67
N GLU A 64 3.34 9.78 -7.13
CA GLU A 64 4.72 9.91 -7.58
C GLU A 64 5.75 9.63 -6.50
N THR A 65 5.68 10.39 -5.38
CA THR A 65 6.66 10.42 -4.28
C THR A 65 6.43 9.36 -3.20
N LEU A 66 5.28 9.52 -2.53
CA LEU A 66 4.67 8.70 -1.51
C LEU A 66 3.49 9.55 -1.08
N THR A 67 3.66 10.90 -1.05
CA THR A 67 2.81 11.99 -0.58
C THR A 67 1.47 12.01 -1.22
N ASP A 68 1.38 11.82 -2.55
CA ASP A 68 0.15 11.71 -3.32
C ASP A 68 -0.66 10.42 -3.14
N PHE A 69 0.03 9.29 -2.83
CA PHE A 69 -0.56 8.00 -2.45
C PHE A 69 -1.06 8.06 -1.02
N THR A 70 -0.36 8.85 -0.16
CA THR A 70 -0.72 9.14 1.23
C THR A 70 -1.91 10.09 1.30
N LYS A 71 -1.96 11.06 0.33
CA LYS A 71 -3.18 11.87 0.08
C LYS A 71 -4.43 11.08 -0.38
N TRP A 72 -4.27 10.05 -1.23
CA TRP A 72 -5.33 9.19 -1.77
C TRP A 72 -5.79 8.08 -0.81
N LEU A 73 -4.89 7.20 -0.29
CA LEU A 73 -5.14 6.11 0.68
C LEU A 73 -5.57 6.53 2.07
N GLY A 74 -5.02 7.69 2.52
CA GLY A 74 -5.43 8.49 3.67
C GLY A 74 -6.82 9.06 3.58
N ARG A 75 -7.31 9.28 2.32
CA ARG A 75 -8.65 9.81 2.05
C ARG A 75 -9.79 8.83 2.29
N GLU A 76 -9.49 7.52 2.14
CA GLU A 76 -10.46 6.44 2.11
C GLU A 76 -10.97 5.93 3.45
N GLY A 77 -10.21 6.16 4.56
CA GLY A 77 -10.59 5.63 5.88
C GLY A 77 -9.84 4.38 6.22
N LEU A 78 -8.68 4.19 5.54
CA LEU A 78 -7.79 3.07 5.76
C LEU A 78 -6.59 3.49 6.48
N CYS A 79 -5.98 4.63 6.14
CA CYS A 79 -4.74 5.10 6.75
C CYS A 79 -4.75 6.53 7.29
N LYS A 80 -4.00 6.79 8.39
CA LYS A 80 -3.72 8.09 9.00
C LYS A 80 -2.31 8.49 8.60
N VAL A 81 -2.01 9.78 8.35
CA VAL A 81 -0.73 10.20 7.82
C VAL A 81 -0.12 11.35 8.58
N ASP A 82 1.22 11.29 8.73
CA ASP A 82 2.07 12.34 9.33
C ASP A 82 3.40 12.43 8.59
N GLU A 83 4.05 13.63 8.55
CA GLU A 83 5.36 13.82 7.91
C GLU A 83 6.37 14.39 8.91
N THR A 84 7.60 13.83 8.80
CA THR A 84 8.79 14.08 9.61
C THR A 84 9.92 14.52 8.73
N PRO A 85 11.08 14.88 9.32
CA PRO A 85 12.31 15.04 8.59
C PRO A 85 12.98 13.77 8.02
N LYS A 86 12.43 12.55 8.24
CA LYS A 86 12.99 11.29 7.77
C LYS A 86 12.11 10.63 6.70
N GLY A 87 10.90 11.18 6.43
CA GLY A 87 9.98 10.60 5.46
C GLY A 87 8.52 10.83 5.74
N TRP A 88 7.68 10.02 5.04
CA TRP A 88 6.22 9.92 5.16
C TRP A 88 5.91 8.66 5.97
N TYR A 89 5.23 8.86 7.13
CA TYR A 89 4.86 7.83 8.07
C TYR A 89 3.36 7.79 8.04
N ILE A 90 2.82 6.59 7.81
CA ILE A 90 1.41 6.26 7.76
C ILE A 90 1.17 5.30 8.89
N GLN A 91 0.07 5.50 9.60
CA GLN A 91 -0.43 4.61 10.60
C GLN A 91 -1.80 4.28 10.12
N TYR A 92 -2.11 2.98 9.96
CA TYR A 92 -3.38 2.46 9.49
C TYR A 92 -4.50 2.58 10.56
N ILE A 93 -5.76 2.79 10.10
CA ILE A 93 -7.04 2.95 10.75
C ILE A 93 -7.58 1.56 10.93
N ASP A 94 -7.87 1.06 12.17
CA ASP A 94 -8.36 -0.30 12.37
C ASP A 94 -9.82 -0.47 12.03
N ARG A 95 -10.05 -0.72 10.71
CA ARG A 95 -11.29 -0.99 9.99
C ARG A 95 -12.31 -1.85 10.74
N ASP A 96 -12.20 -3.20 10.63
CA ASP A 96 -12.79 -4.09 11.62
C ASP A 96 -11.64 -4.56 12.51
N PRO A 97 -11.34 -4.21 13.80
CA PRO A 97 -10.18 -4.66 14.62
C PRO A 97 -10.00 -6.15 14.76
N GLU A 98 -11.11 -6.92 14.63
CA GLU A 98 -11.22 -8.36 14.44
C GLU A 98 -10.40 -8.81 13.23
N THR A 99 -10.45 -8.08 12.07
CA THR A 99 -9.62 -8.34 10.88
C THR A 99 -8.12 -8.31 11.15
N ILE A 100 -7.60 -7.32 11.90
CA ILE A 100 -6.23 -7.15 12.38
C ILE A 100 -5.85 -8.21 13.43
N ARG A 101 -6.66 -8.44 14.50
CA ARG A 101 -6.44 -9.47 15.53
C ARG A 101 -6.51 -10.91 14.98
N ARG A 102 -7.41 -11.16 13.99
CA ARG A 102 -7.49 -12.39 13.20
C ARG A 102 -6.34 -12.45 12.21
N GLN A 103 -5.95 -11.31 11.56
CA GLN A 103 -4.79 -11.20 10.67
C GLN A 103 -3.43 -11.45 11.31
N LEU A 104 -3.20 -11.06 12.59
CA LEU A 104 -1.97 -11.34 13.32
C LEU A 104 -1.97 -12.73 13.92
N GLU A 105 -3.02 -13.09 14.69
CA GLU A 105 -3.10 -14.33 15.46
C GLU A 105 -3.44 -15.63 14.71
N LEU A 106 -4.41 -15.60 13.75
CA LEU A 106 -4.84 -16.77 12.99
C LEU A 106 -3.98 -17.09 11.77
N GLU A 107 -3.68 -16.03 10.97
CA GLU A 107 -2.89 -16.04 9.74
C GLU A 107 -1.41 -16.35 9.95
N LYS A 108 -1.02 -16.19 11.23
CA LYS A 108 0.32 -16.47 11.77
C LYS A 108 0.28 -17.33 13.03
N LYS A 109 -0.60 -18.34 13.01
CA LYS A 109 -0.90 -19.28 14.10
C LYS A 109 0.08 -20.44 14.21
N LYS A 110 1.33 -20.13 14.61
CA LYS A 110 2.47 -21.04 14.74
C LYS A 110 2.46 -22.00 15.94
N LYS A 111 1.37 -22.82 16.05
CA LYS A 111 1.19 -23.86 17.06
C LYS A 111 1.44 -25.24 16.45
N GLY A 1 -12.37 15.61 -14.58
CA GLY A 1 -13.66 14.96 -14.62
C GLY A 1 -14.54 15.66 -15.59
N GLN A 2 -13.92 16.25 -16.64
CA GLN A 2 -14.60 17.02 -17.68
C GLN A 2 -13.73 16.98 -18.94
N ARG A 3 -14.20 17.64 -20.03
CA ARG A 3 -13.51 17.88 -21.31
C ARG A 3 -13.43 16.70 -22.30
N GLN A 4 -13.13 15.49 -21.76
CA GLN A 4 -13.08 14.20 -22.45
C GLN A 4 -14.46 13.58 -22.58
N LEU A 5 -15.24 13.74 -21.48
CA LEU A 5 -16.59 13.27 -21.23
C LEU A 5 -16.63 11.80 -20.83
N LEU A 6 -16.14 11.51 -19.58
CA LEU A 6 -15.96 10.22 -18.91
C LEU A 6 -17.21 9.32 -18.76
N LEU A 7 -16.99 7.97 -18.70
CA LEU A 7 -18.03 6.95 -18.62
C LEU A 7 -18.08 6.20 -17.30
N ALA A 8 -17.38 6.69 -16.25
CA ALA A 8 -17.45 6.23 -14.87
C ALA A 8 -16.98 4.81 -14.49
N SER A 9 -17.11 3.83 -15.43
CA SER A 9 -16.76 2.41 -15.45
C SER A 9 -15.29 2.11 -15.18
N GLU A 10 -14.45 2.34 -16.21
CA GLU A 10 -13.01 2.30 -16.14
C GLU A 10 -12.52 3.70 -16.41
N ASN A 11 -11.72 4.21 -15.46
CA ASN A 11 -11.16 5.54 -15.46
C ASN A 11 -9.64 5.49 -15.70
N PRO A 12 -9.04 5.83 -16.87
CA PRO A 12 -7.59 5.84 -17.14
C PRO A 12 -6.72 6.86 -16.35
N GLN A 13 -6.71 6.83 -14.99
CA GLN A 13 -5.94 7.65 -14.05
C GLN A 13 -4.51 7.12 -13.97
N GLN A 14 -3.83 7.13 -15.16
CA GLN A 14 -2.57 6.52 -15.57
C GLN A 14 -2.59 5.00 -15.48
N PHE A 15 -3.84 4.47 -15.38
CA PHE A 15 -4.29 3.09 -15.31
C PHE A 15 -4.19 2.53 -13.89
N MET A 16 -4.27 3.43 -12.86
CA MET A 16 -4.29 3.29 -11.38
C MET A 16 -5.12 2.17 -10.83
N ASP A 17 -6.31 1.88 -11.42
CA ASP A 17 -7.26 0.82 -11.01
C ASP A 17 -6.69 -0.60 -11.01
N TYR A 18 -5.80 -0.92 -11.98
CA TYR A 18 -5.07 -2.17 -12.10
C TYR A 18 -4.00 -2.38 -11.02
N PHE A 19 -3.10 -1.37 -10.86
CA PHE A 19 -1.99 -1.30 -9.91
C PHE A 19 -2.43 -1.05 -8.47
N SER A 20 -3.44 -0.16 -8.25
CA SER A 20 -4.00 0.16 -6.93
C SER A 20 -4.85 -0.93 -6.35
N GLU A 21 -5.56 -1.76 -7.15
CA GLU A 21 -6.23 -2.96 -6.63
C GLU A 21 -5.27 -4.07 -6.20
N GLU A 22 -4.17 -4.39 -6.95
CA GLU A 22 -3.13 -5.36 -6.55
C GLU A 22 -2.29 -4.91 -5.37
N PHE A 23 -1.83 -3.61 -5.42
CA PHE A 23 -1.12 -2.95 -4.33
C PHE A 23 -1.99 -2.78 -3.08
N ARG A 24 -3.23 -2.22 -3.15
CA ARG A 24 -4.13 -2.12 -2.00
C ARG A 24 -4.73 -3.45 -1.50
N ASN A 25 -4.94 -4.51 -2.35
CA ASN A 25 -5.34 -5.84 -1.85
C ASN A 25 -4.25 -6.53 -1.02
N ASP A 26 -3.00 -6.63 -1.57
CA ASP A 26 -1.86 -7.25 -0.91
C ASP A 26 -1.19 -6.42 0.18
N PHE A 27 -0.82 -5.13 -0.06
CA PHE A 27 -0.25 -4.17 0.90
C PHE A 27 -1.17 -3.87 2.05
N LEU A 28 -2.49 -3.58 1.79
CA LEU A 28 -3.46 -3.28 2.83
C LEU A 28 -3.77 -4.49 3.72
N GLU A 29 -3.72 -5.74 3.13
CA GLU A 29 -3.75 -7.01 3.85
C GLU A 29 -2.56 -7.28 4.72
N LEU A 30 -1.34 -7.08 4.16
CA LEU A 30 -0.02 -7.24 4.76
C LEU A 30 0.26 -6.24 5.88
N LEU A 31 -0.30 -5.01 5.72
CA LEU A 31 -0.40 -3.91 6.66
C LEU A 31 -1.29 -4.31 7.82
N ARG A 32 -2.52 -4.83 7.54
CA ARG A 32 -3.47 -5.41 8.48
C ARG A 32 -2.99 -6.61 9.30
N ARG A 33 -2.33 -7.64 8.69
CA ARG A 33 -1.62 -8.76 9.33
C ARG A 33 -0.29 -8.57 10.01
N ARG A 34 0.70 -7.98 9.31
CA ARG A 34 2.06 -7.91 9.81
C ARG A 34 2.31 -6.77 10.78
N PHE A 35 1.64 -5.63 10.54
CA PHE A 35 1.78 -4.40 11.29
C PHE A 35 0.54 -4.15 12.16
N GLY A 36 -0.72 -4.48 11.66
CA GLY A 36 -2.00 -4.12 12.26
C GLY A 36 -2.34 -2.70 11.95
N THR A 37 -2.16 -1.89 13.01
CA THR A 37 -2.23 -0.46 12.95
C THR A 37 -1.01 -0.01 13.73
N LYS A 38 0.00 0.52 13.02
CA LYS A 38 1.24 1.05 13.57
C LYS A 38 1.68 2.19 12.69
N ARG A 39 2.43 3.19 13.23
CA ARG A 39 3.06 4.27 12.47
C ARG A 39 4.34 3.77 11.79
N VAL A 40 4.30 3.63 10.45
CA VAL A 40 5.37 3.04 9.66
C VAL A 40 5.30 3.73 8.33
N HIS A 41 6.45 3.85 7.60
CA HIS A 41 6.53 4.45 6.28
C HIS A 41 6.14 3.42 5.24
N ASN A 42 5.34 3.88 4.26
CA ASN A 42 4.83 3.03 3.15
C ASN A 42 5.91 2.34 2.30
N ASN A 43 7.11 2.98 2.19
CA ASN A 43 8.33 2.53 1.52
C ASN A 43 8.96 1.31 2.21
N ILE A 44 8.75 1.14 3.55
CA ILE A 44 9.10 -0.04 4.34
C ILE A 44 8.08 -1.17 4.08
N VAL A 45 6.77 -0.80 4.00
CA VAL A 45 5.65 -1.73 3.74
C VAL A 45 5.60 -2.21 2.26
N TYR A 46 5.88 -1.31 1.24
CA TYR A 46 5.96 -1.55 -0.22
C TYR A 46 7.03 -2.58 -0.55
N ASN A 47 8.26 -2.38 -0.02
CA ASN A 47 9.46 -3.23 -0.04
C ASN A 47 9.28 -4.56 0.67
N GLU A 48 8.36 -4.59 1.65
CA GLU A 48 7.93 -5.80 2.38
C GLU A 48 6.93 -6.64 1.57
N TYR A 49 5.98 -5.94 0.91
CA TYR A 49 4.92 -6.38 0.01
C TYR A 49 5.45 -7.01 -1.28
N ILE A 50 6.40 -6.37 -1.98
CA ILE A 50 6.91 -6.81 -3.29
C ILE A 50 7.93 -7.91 -3.41
N SER A 51 8.42 -8.47 -2.29
CA SER A 51 9.33 -9.63 -2.27
C SER A 51 8.60 -10.98 -2.49
N HIS A 52 7.26 -10.89 -2.66
CA HIS A 52 6.25 -11.86 -3.03
C HIS A 52 6.06 -11.75 -4.57
N ARG A 53 4.98 -12.32 -5.20
CA ARG A 53 4.70 -12.28 -6.65
C ARG A 53 4.54 -10.91 -7.33
N GLU A 54 3.86 -10.04 -6.58
CA GLU A 54 3.27 -8.74 -6.77
C GLU A 54 4.12 -7.54 -7.08
N HIS A 55 5.43 -7.72 -7.42
CA HIS A 55 6.41 -6.68 -7.76
C HIS A 55 5.97 -5.59 -8.76
N ILE A 56 5.59 -4.48 -8.11
CA ILE A 56 5.09 -3.21 -8.53
C ILE A 56 6.01 -2.30 -7.75
N HIS A 57 6.20 -1.05 -8.17
CA HIS A 57 6.81 -0.04 -7.34
C HIS A 57 5.89 1.16 -7.52
N MET A 58 5.87 2.11 -6.56
CA MET A 58 4.98 3.30 -6.40
C MET A 58 4.79 4.25 -7.56
N ASN A 59 5.69 4.07 -8.52
CA ASN A 59 5.96 4.70 -9.77
C ASN A 59 4.97 4.17 -10.85
N ALA A 60 4.44 2.90 -10.67
CA ALA A 60 3.32 2.28 -11.43
C ALA A 60 1.96 2.67 -10.85
N THR A 61 1.71 3.99 -10.67
CA THR A 61 0.51 4.52 -10.01
C THR A 61 0.12 5.87 -10.66
N GLN A 62 -0.85 6.62 -10.04
CA GLN A 62 -1.24 7.98 -10.40
C GLN A 62 -0.53 9.01 -9.50
N TRP A 63 0.32 8.51 -8.58
CA TRP A 63 1.01 9.21 -7.53
C TRP A 63 2.48 9.39 -7.95
N GLU A 64 2.92 10.65 -8.26
CA GLU A 64 4.26 11.01 -8.76
C GLU A 64 5.40 10.94 -7.74
N THR A 65 5.04 10.80 -6.46
CA THR A 65 5.94 10.72 -5.33
C THR A 65 5.04 10.10 -4.26
N LEU A 66 5.65 9.47 -3.22
CA LEU A 66 5.07 8.68 -2.12
C LEU A 66 4.02 9.40 -1.28
N THR A 67 4.18 10.73 -1.17
CA THR A 67 3.36 11.76 -0.56
C THR A 67 1.94 11.86 -1.13
N ASP A 68 1.75 11.75 -2.47
CA ASP A 68 0.46 11.75 -3.17
C ASP A 68 -0.39 10.48 -3.01
N PHE A 69 0.30 9.34 -2.77
CA PHE A 69 -0.23 8.02 -2.43
C PHE A 69 -0.74 8.02 -0.99
N THR A 70 0.01 8.75 -0.13
CA THR A 70 -0.28 8.98 1.27
C THR A 70 -1.45 9.95 1.48
N LYS A 71 -1.59 10.96 0.58
CA LYS A 71 -2.77 11.84 0.43
C LYS A 71 -4.07 11.10 0.04
N TRP A 72 -3.97 10.11 -0.91
CA TRP A 72 -5.06 9.27 -1.44
C TRP A 72 -5.49 8.18 -0.47
N LEU A 73 -4.54 7.38 0.11
CA LEU A 73 -4.78 6.32 1.11
C LEU A 73 -5.29 6.80 2.45
N GLY A 74 -4.79 8.02 2.82
CA GLY A 74 -5.28 8.92 3.85
C GLY A 74 -6.67 9.48 3.60
N ARG A 75 -7.08 9.59 2.31
CA ARG A 75 -8.40 10.05 1.86
C ARG A 75 -9.50 9.01 2.01
N GLU A 76 -9.16 7.71 1.77
CA GLU A 76 -10.09 6.60 1.74
C GLU A 76 -10.65 6.14 3.10
N GLY A 77 -10.03 6.60 4.22
CA GLY A 77 -10.46 6.29 5.59
C GLY A 77 -9.80 5.06 6.15
N LEU A 78 -8.67 4.60 5.55
CA LEU A 78 -7.92 3.41 5.96
C LEU A 78 -6.65 3.77 6.64
N CYS A 79 -6.02 4.95 6.41
CA CYS A 79 -4.76 5.25 7.09
C CYS A 79 -4.68 6.71 7.53
N LYS A 80 -4.14 7.01 8.74
CA LYS A 80 -3.89 8.37 9.23
C LYS A 80 -2.42 8.73 9.01
N VAL A 81 -2.09 9.73 8.17
CA VAL A 81 -0.74 10.07 7.83
C VAL A 81 -0.20 11.27 8.58
N ASP A 82 1.15 11.24 8.75
CA ASP A 82 1.95 12.33 9.32
C ASP A 82 3.35 12.36 8.68
N GLU A 83 4.03 13.54 8.66
CA GLU A 83 5.34 13.73 8.04
C GLU A 83 6.41 14.17 9.05
N THR A 84 7.61 13.58 8.86
CA THR A 84 8.86 13.70 9.60
C THR A 84 9.96 14.23 8.70
N PRO A 85 11.18 14.45 9.23
CA PRO A 85 12.34 14.65 8.41
C PRO A 85 12.91 13.43 7.66
N LYS A 86 12.39 12.18 7.84
CA LYS A 86 12.93 10.98 7.22
C LYS A 86 11.98 10.28 6.25
N GLY A 87 10.72 10.75 6.12
CA GLY A 87 9.73 10.15 5.25
C GLY A 87 8.32 10.42 5.68
N TRP A 88 7.39 9.73 4.98
CA TRP A 88 5.95 9.77 5.16
C TRP A 88 5.49 8.51 5.91
N TYR A 89 5.03 8.70 7.18
CA TYR A 89 4.63 7.65 8.11
C TYR A 89 3.12 7.68 8.17
N ILE A 90 2.54 6.48 8.07
CA ILE A 90 1.14 6.21 8.01
C ILE A 90 0.86 5.36 9.22
N GLN A 91 -0.23 5.62 9.96
CA GLN A 91 -0.74 4.75 10.99
C GLN A 91 -2.09 4.37 10.47
N TYR A 92 -2.34 3.08 10.31
CA TYR A 92 -3.55 2.48 9.79
C TYR A 92 -4.74 2.59 10.76
N ILE A 93 -5.95 2.72 10.19
CA ILE A 93 -7.28 2.74 10.76
C ILE A 93 -7.68 1.30 10.88
N ASP A 94 -7.90 0.76 12.11
CA ASP A 94 -8.28 -0.63 12.26
C ASP A 94 -9.75 -0.85 11.98
N ARG A 95 -9.99 -1.25 10.70
CA ARG A 95 -11.19 -1.60 9.95
C ARG A 95 -12.25 -2.33 10.76
N ASP A 96 -12.27 -3.67 10.76
CA ASP A 96 -12.87 -4.43 11.85
C ASP A 96 -11.67 -4.90 12.68
N PRO A 97 -11.36 -4.58 13.96
CA PRO A 97 -10.21 -5.06 14.75
C PRO A 97 -10.13 -6.59 14.93
N GLU A 98 -11.27 -7.31 14.77
CA GLU A 98 -11.42 -8.76 14.64
C GLU A 98 -10.82 -9.25 13.33
N THR A 99 -10.63 -8.36 12.31
CA THR A 99 -9.84 -8.60 11.09
C THR A 99 -8.36 -8.49 11.43
N ILE A 100 -7.83 -7.38 12.07
CA ILE A 100 -6.44 -7.13 12.51
C ILE A 100 -5.94 -8.19 13.48
N ARG A 101 -6.68 -8.52 14.57
CA ARG A 101 -6.27 -9.52 15.55
C ARG A 101 -6.37 -10.96 15.04
N ARG A 102 -7.21 -11.21 13.99
CA ARG A 102 -7.28 -12.51 13.27
C ARG A 102 -6.17 -12.57 12.24
N GLN A 103 -5.87 -11.41 11.59
CA GLN A 103 -4.76 -11.13 10.68
C GLN A 103 -3.40 -11.30 11.31
N LEU A 104 -3.15 -10.78 12.51
CA LEU A 104 -1.90 -10.99 13.22
C LEU A 104 -1.80 -12.30 13.99
N GLU A 105 -2.81 -12.63 14.84
CA GLU A 105 -2.75 -13.76 15.77
C GLU A 105 -3.10 -15.15 15.24
N LEU A 106 -4.28 -15.35 14.59
CA LEU A 106 -4.83 -16.62 14.10
C LEU A 106 -4.31 -17.09 12.75
N GLU A 107 -4.43 -16.21 11.70
CA GLU A 107 -4.06 -16.40 10.29
C GLU A 107 -2.61 -16.77 10.08
N LYS A 108 -1.79 -16.27 11.01
CA LYS A 108 -0.34 -16.40 10.97
C LYS A 108 0.22 -17.73 11.51
N LYS A 109 -0.63 -18.58 12.14
CA LYS A 109 -0.35 -19.87 12.77
C LYS A 109 -0.25 -21.05 11.79
N LYS A 110 0.60 -20.87 10.75
CA LYS A 110 0.86 -21.79 9.66
C LYS A 110 2.21 -22.48 9.85
N LYS A 111 2.20 -23.83 9.90
CA LYS A 111 3.39 -24.64 10.07
C LYS A 111 3.06 -26.00 9.51
N GLY A 1 -1.47 0.36 -20.96
CA GLY A 1 -2.89 0.59 -20.80
C GLY A 1 -3.65 -0.44 -21.57
N GLN A 2 -3.01 -0.98 -22.63
CA GLN A 2 -3.52 -2.02 -23.50
C GLN A 2 -2.52 -3.18 -23.50
N ARG A 3 -3.08 -4.42 -23.58
CA ARG A 3 -2.49 -5.74 -23.80
C ARG A 3 -1.20 -6.17 -23.11
N GLN A 4 -0.06 -5.52 -23.45
CA GLN A 4 1.27 -5.72 -22.89
C GLN A 4 1.43 -5.00 -21.56
N LEU A 5 0.68 -3.87 -21.43
CA LEU A 5 0.60 -2.89 -20.34
C LEU A 5 1.83 -1.99 -20.39
N LEU A 6 2.15 -1.54 -21.64
CA LEU A 6 3.35 -0.81 -22.04
C LEU A 6 3.29 0.71 -21.85
N LEU A 7 2.13 1.33 -22.23
CA LEU A 7 1.83 2.77 -22.12
C LEU A 7 2.50 3.68 -23.11
N ALA A 8 3.78 3.42 -23.45
CA ALA A 8 4.56 4.04 -24.51
C ALA A 8 5.28 5.31 -24.08
N SER A 9 5.29 5.52 -22.75
CA SER A 9 5.83 6.61 -21.96
C SER A 9 5.43 6.17 -20.55
N GLU A 10 5.33 7.08 -19.55
CA GLU A 10 4.88 6.71 -18.20
C GLU A 10 3.65 7.50 -17.79
N ASN A 11 3.42 7.56 -16.45
CA ASN A 11 2.32 8.17 -15.73
C ASN A 11 0.97 7.45 -15.90
N PRO A 12 0.84 6.17 -15.44
CA PRO A 12 -0.38 5.37 -15.50
C PRO A 12 -1.43 5.82 -14.47
N GLN A 13 -2.03 7.02 -14.71
CA GLN A 13 -3.07 7.70 -13.93
C GLN A 13 -4.43 7.03 -14.05
N GLN A 14 -4.86 6.84 -15.32
CA GLN A 14 -6.11 6.21 -15.75
C GLN A 14 -6.03 4.69 -15.74
N PHE A 15 -4.81 4.14 -15.47
CA PHE A 15 -4.52 2.71 -15.38
C PHE A 15 -3.98 2.39 -13.99
N MET A 16 -4.21 3.30 -12.99
CA MET A 16 -3.88 3.21 -11.56
C MET A 16 -4.78 2.21 -10.89
N ASP A 17 -6.00 1.98 -11.45
CA ASP A 17 -7.02 1.03 -11.00
C ASP A 17 -6.59 -0.45 -11.08
N TYR A 18 -5.73 -0.77 -12.09
CA TYR A 18 -5.11 -2.08 -12.34
C TYR A 18 -4.05 -2.46 -11.30
N PHE A 19 -3.06 -1.55 -11.06
CA PHE A 19 -1.95 -1.63 -10.11
C PHE A 19 -2.37 -1.43 -8.66
N SER A 20 -3.40 -0.55 -8.44
CA SER A 20 -4.08 -0.31 -7.15
C SER A 20 -4.93 -1.47 -6.67
N GLU A 21 -5.52 -2.30 -7.59
CA GLU A 21 -6.24 -3.53 -7.25
C GLU A 21 -5.33 -4.62 -6.64
N GLU A 22 -4.08 -4.78 -7.17
CA GLU A 22 -3.02 -5.62 -6.63
C GLU A 22 -2.34 -4.99 -5.39
N PHE A 23 -1.92 -3.70 -5.47
CA PHE A 23 -1.24 -2.96 -4.40
C PHE A 23 -2.11 -2.68 -3.17
N ARG A 24 -3.31 -2.09 -3.32
CA ARG A 24 -4.24 -1.79 -2.22
C ARG A 24 -4.82 -3.01 -1.52
N ASN A 25 -5.17 -4.11 -2.23
CA ASN A 25 -5.61 -5.36 -1.64
C ASN A 25 -4.51 -6.16 -0.94
N ASP A 26 -3.35 -6.42 -1.60
CA ASP A 26 -2.23 -7.20 -1.04
C ASP A 26 -1.41 -6.47 0.01
N PHE A 27 -1.13 -5.14 -0.18
CA PHE A 27 -0.43 -4.26 0.77
C PHE A 27 -1.24 -4.05 2.02
N LEU A 28 -2.58 -3.77 1.93
CA LEU A 28 -3.46 -3.72 3.09
C LEU A 28 -3.64 -5.07 3.76
N GLU A 29 -3.68 -6.20 3.00
CA GLU A 29 -3.69 -7.56 3.57
C GLU A 29 -2.47 -7.93 4.41
N LEU A 30 -1.24 -7.77 3.85
CA LEU A 30 0.04 -8.02 4.50
C LEU A 30 0.41 -7.04 5.59
N LEU A 31 0.03 -5.73 5.41
CA LEU A 31 0.11 -4.64 6.39
C LEU A 31 -0.72 -4.95 7.59
N ARG A 32 -2.03 -5.27 7.35
CA ARG A 32 -2.99 -5.52 8.40
C ARG A 32 -2.68 -6.75 9.28
N ARG A 33 -2.16 -7.89 8.72
CA ARG A 33 -1.55 -8.97 9.51
C ARG A 33 -0.22 -8.68 10.13
N ARG A 34 0.79 -8.19 9.35
CA ARG A 34 2.14 -8.18 9.87
C ARG A 34 2.45 -7.01 10.82
N PHE A 35 1.74 -5.87 10.62
CA PHE A 35 1.93 -4.63 11.37
C PHE A 35 0.69 -4.23 12.17
N GLY A 36 -0.57 -4.56 11.69
CA GLY A 36 -1.83 -4.14 12.28
C GLY A 36 -2.17 -2.72 12.00
N THR A 37 -2.26 -1.92 13.09
CA THR A 37 -2.37 -0.49 13.00
C THR A 37 -1.20 -0.07 13.85
N LYS A 38 -0.16 0.45 13.18
CA LYS A 38 1.10 0.86 13.76
C LYS A 38 1.65 1.84 12.76
N ARG A 39 2.32 2.91 13.23
CA ARG A 39 3.00 3.89 12.40
C ARG A 39 4.28 3.32 11.74
N VAL A 40 4.22 3.08 10.42
CA VAL A 40 5.31 2.47 9.65
C VAL A 40 5.34 3.18 8.33
N HIS A 41 6.57 3.32 7.78
CA HIS A 41 6.91 3.97 6.54
C HIS A 41 6.42 3.20 5.32
N ASN A 42 5.83 3.88 4.31
CA ASN A 42 5.21 3.21 3.13
C ASN A 42 6.17 2.45 2.20
N ASN A 43 7.44 2.90 2.10
CA ASN A 43 8.55 2.22 1.40
C ASN A 43 8.96 0.89 2.07
N ILE A 44 8.74 0.76 3.42
CA ILE A 44 8.95 -0.42 4.28
C ILE A 44 7.87 -1.46 4.11
N VAL A 45 6.57 -1.03 4.05
CA VAL A 45 5.45 -1.94 3.71
C VAL A 45 5.55 -2.32 2.21
N TYR A 46 5.96 -1.38 1.27
CA TYR A 46 6.19 -1.62 -0.18
C TYR A 46 7.33 -2.56 -0.41
N ASN A 47 8.56 -2.35 0.16
CA ASN A 47 9.69 -3.31 0.04
C ASN A 47 9.43 -4.69 0.58
N GLU A 48 8.51 -4.73 1.58
CA GLU A 48 8.07 -5.94 2.22
C GLU A 48 7.09 -6.73 1.34
N TYR A 49 6.14 -5.98 0.72
CA TYR A 49 5.11 -6.33 -0.24
C TYR A 49 5.63 -6.82 -1.60
N ILE A 50 6.51 -6.05 -2.26
CA ILE A 50 7.09 -6.35 -3.58
C ILE A 50 8.26 -7.27 -3.73
N SER A 51 8.81 -7.76 -2.61
CA SER A 51 9.81 -8.84 -2.55
C SER A 51 9.04 -10.17 -2.48
N HIS A 52 8.20 -10.36 -3.53
CA HIS A 52 7.21 -11.38 -3.80
C HIS A 52 7.15 -11.34 -5.32
N ARG A 53 6.12 -11.99 -5.96
CA ARG A 53 5.84 -11.97 -7.40
C ARG A 53 5.44 -10.63 -8.02
N GLU A 54 4.78 -9.79 -7.20
CA GLU A 54 4.02 -8.61 -7.59
C GLU A 54 4.73 -7.32 -7.87
N HIS A 55 6.09 -7.29 -7.96
CA HIS A 55 7.01 -6.13 -8.12
C HIS A 55 6.57 -4.84 -8.85
N ILE A 56 5.68 -4.09 -8.16
CA ILE A 56 5.10 -2.79 -8.39
C ILE A 56 5.83 -1.86 -7.47
N HIS A 57 6.32 -0.73 -8.00
CA HIS A 57 6.86 0.34 -7.19
C HIS A 57 5.87 1.48 -7.42
N MET A 58 5.84 2.50 -6.52
CA MET A 58 4.88 3.64 -6.43
C MET A 58 4.61 4.49 -7.63
N ASN A 59 5.54 4.34 -8.54
CA ASN A 59 5.82 4.91 -9.82
C ASN A 59 4.91 4.24 -10.90
N ALA A 60 4.37 3.00 -10.59
CA ALA A 60 3.31 2.25 -11.31
C ALA A 60 1.91 2.62 -10.77
N THR A 61 1.63 3.94 -10.68
CA THR A 61 0.41 4.55 -10.11
C THR A 61 0.11 5.89 -10.83
N GLN A 62 -0.92 6.63 -10.31
CA GLN A 62 -1.38 7.98 -10.68
C GLN A 62 -0.65 9.06 -9.89
N TRP A 63 -0.08 8.61 -8.76
CA TRP A 63 0.63 9.36 -7.75
C TRP A 63 2.11 9.56 -8.12
N GLU A 64 2.52 10.79 -8.51
CA GLU A 64 3.89 11.19 -8.87
C GLU A 64 4.90 11.30 -7.73
N THR A 65 4.40 11.23 -6.48
CA THR A 65 5.11 11.41 -5.22
C THR A 65 4.40 10.49 -4.25
N LEU A 66 5.03 9.97 -3.15
CA LEU A 66 4.39 9.10 -2.13
C LEU A 66 3.47 9.86 -1.15
N THR A 67 3.40 11.22 -1.29
CA THR A 67 2.58 12.19 -0.59
C THR A 67 1.21 12.18 -1.22
N ASP A 68 1.10 12.01 -2.57
CA ASP A 68 -0.17 11.85 -3.30
C ASP A 68 -0.88 10.51 -3.13
N PHE A 69 -0.10 9.43 -2.88
CA PHE A 69 -0.55 8.09 -2.51
C PHE A 69 -1.07 8.08 -1.06
N THR A 70 -0.38 8.84 -0.18
CA THR A 70 -0.76 9.05 1.22
C THR A 70 -1.98 9.95 1.36
N LYS A 71 -2.11 10.98 0.45
CA LYS A 71 -3.33 11.80 0.32
C LYS A 71 -4.60 11.00 -0.11
N TRP A 72 -4.43 9.97 -1.01
CA TRP A 72 -5.46 9.06 -1.51
C TRP A 72 -5.81 7.95 -0.49
N LEU A 73 -4.82 7.22 0.10
CA LEU A 73 -4.99 6.16 1.11
C LEU A 73 -5.56 6.62 2.45
N GLY A 74 -5.15 7.88 2.78
CA GLY A 74 -5.79 8.78 3.75
C GLY A 74 -7.24 9.15 3.47
N ARG A 75 -7.64 9.18 2.17
CA ARG A 75 -9.00 9.46 1.67
C ARG A 75 -9.93 8.26 1.68
N GLU A 76 -9.40 7.06 1.31
CA GLU A 76 -10.03 5.73 1.28
C GLU A 76 -10.39 5.20 2.64
N GLY A 77 -9.75 5.77 3.70
CA GLY A 77 -10.18 5.61 5.09
C GLY A 77 -9.52 4.45 5.74
N LEU A 78 -8.45 3.98 5.07
CA LEU A 78 -7.66 2.83 5.47
C LEU A 78 -6.48 3.23 6.26
N CYS A 79 -5.88 4.41 6.02
CA CYS A 79 -4.68 4.79 6.76
C CYS A 79 -4.62 6.24 7.14
N LYS A 80 -4.01 6.52 8.32
CA LYS A 80 -3.72 7.81 8.92
C LYS A 80 -2.27 8.12 8.62
N VAL A 81 -1.89 9.39 8.36
CA VAL A 81 -0.57 9.73 7.89
C VAL A 81 0.04 10.87 8.66
N ASP A 82 1.39 10.76 8.83
CA ASP A 82 2.23 11.80 9.43
C ASP A 82 3.59 11.86 8.72
N GLU A 83 4.24 13.05 8.68
CA GLU A 83 5.55 13.24 8.08
C GLU A 83 6.53 13.77 9.12
N THR A 84 7.76 13.20 9.06
CA THR A 84 8.88 13.42 9.97
C THR A 84 10.13 13.86 9.22
N PRO A 85 11.24 14.20 9.92
CA PRO A 85 12.56 14.30 9.31
C PRO A 85 13.19 12.99 8.75
N LYS A 86 12.55 11.79 8.95
CA LYS A 86 12.98 10.48 8.51
C LYS A 86 11.95 9.83 7.59
N GLY A 87 11.10 10.63 6.88
CA GLY A 87 10.14 10.11 5.89
C GLY A 87 8.66 10.28 6.15
N TRP A 88 7.87 9.55 5.32
CA TRP A 88 6.41 9.42 5.29
C TRP A 88 6.03 8.12 6.02
N TYR A 89 5.40 8.29 7.23
CA TYR A 89 4.95 7.26 8.14
C TYR A 89 3.45 7.24 8.10
N ILE A 90 2.88 6.03 7.95
CA ILE A 90 1.47 5.77 7.88
C ILE A 90 1.13 4.81 8.99
N GLN A 91 0.02 5.05 9.69
CA GLN A 91 -0.56 4.17 10.66
C GLN A 91 -1.95 3.94 10.14
N TYR A 92 -2.36 2.67 9.95
CA TYR A 92 -3.67 2.20 9.51
C TYR A 92 -4.84 2.56 10.46
N ILE A 93 -6.04 2.80 9.90
CA ILE A 93 -7.34 3.09 10.51
C ILE A 93 -7.94 1.72 10.57
N ASP A 94 -8.02 1.10 11.78
CA ASP A 94 -8.34 -0.32 12.04
C ASP A 94 -9.51 -1.01 11.42
N ARG A 95 -10.53 -0.20 11.10
CA ARG A 95 -11.80 -0.54 10.51
C ARG A 95 -12.67 -1.22 11.56
N ASP A 96 -12.61 -2.56 11.63
CA ASP A 96 -12.99 -3.36 12.79
C ASP A 96 -11.66 -3.76 13.43
N PRO A 97 -11.23 -3.47 14.68
CA PRO A 97 -9.91 -3.85 15.24
C PRO A 97 -9.80 -5.33 15.57
N GLU A 98 -10.94 -6.06 15.51
CA GLU A 98 -11.07 -7.50 15.55
C GLU A 98 -10.54 -8.11 14.26
N THR A 99 -10.61 -7.35 13.11
CA THR A 99 -10.03 -7.75 11.82
C THR A 99 -8.49 -7.76 11.85
N ILE A 100 -7.90 -6.75 12.57
CA ILE A 100 -6.47 -6.47 12.79
C ILE A 100 -5.90 -7.47 13.77
N ARG A 101 -6.55 -7.67 14.95
CA ARG A 101 -6.17 -8.68 15.97
C ARG A 101 -6.35 -10.12 15.50
N ARG A 102 -7.41 -10.40 14.66
CA ARG A 102 -7.65 -11.70 14.00
C ARG A 102 -6.69 -11.91 12.83
N GLN A 103 -6.18 -10.80 12.22
CA GLN A 103 -5.15 -10.84 11.19
C GLN A 103 -3.77 -11.18 11.70
N LEU A 104 -3.38 -10.65 12.88
CA LEU A 104 -2.08 -10.95 13.50
C LEU A 104 -2.06 -12.29 14.21
N GLU A 105 -3.02 -12.50 15.15
CA GLU A 105 -3.11 -13.68 16.02
C GLU A 105 -3.77 -14.95 15.49
N LEU A 106 -5.05 -14.87 15.05
CA LEU A 106 -5.93 -15.97 14.63
C LEU A 106 -5.57 -16.63 13.29
N GLU A 107 -5.22 -15.78 12.27
CA GLU A 107 -4.82 -16.10 10.89
C GLU A 107 -3.51 -16.91 10.77
N LYS A 108 -3.01 -17.33 11.94
CA LYS A 108 -1.85 -18.17 12.19
C LYS A 108 -2.23 -19.56 12.69
N LYS A 109 -3.48 -19.76 13.16
CA LYS A 109 -3.98 -20.96 13.82
C LYS A 109 -4.80 -21.89 12.94
N LYS A 110 -4.93 -21.61 11.62
CA LYS A 110 -5.75 -22.33 10.65
C LYS A 110 -5.20 -23.67 10.13
N LYS A 111 -4.88 -24.60 11.08
CA LYS A 111 -4.42 -25.97 10.92
C LYS A 111 -3.07 -26.16 10.22
N GLY A 1 12.58 9.21 -37.01
CA GLY A 1 11.94 9.64 -35.80
C GLY A 1 10.63 10.29 -36.12
N GLN A 2 10.17 10.12 -37.38
CA GLN A 2 8.94 10.66 -37.91
C GLN A 2 8.05 9.55 -38.39
N ARG A 3 6.72 9.87 -38.45
CA ARG A 3 5.62 9.03 -38.94
C ARG A 3 5.13 8.00 -37.93
N GLN A 4 5.35 8.35 -36.64
CA GLN A 4 5.00 7.62 -35.43
C GLN A 4 3.65 8.00 -34.89
N LEU A 5 3.23 9.29 -35.07
CA LEU A 5 2.02 9.95 -34.55
C LEU A 5 1.73 9.74 -33.05
N LEU A 6 2.78 9.94 -32.19
CA LEU A 6 2.73 9.73 -30.74
C LEU A 6 1.98 10.83 -29.98
N LEU A 7 1.44 10.48 -28.79
CA LEU A 7 0.67 11.38 -27.92
C LEU A 7 1.24 11.40 -26.53
N ALA A 8 2.53 10.99 -26.42
CA ALA A 8 3.36 11.01 -25.22
C ALA A 8 2.92 10.06 -24.10
N SER A 9 2.51 8.83 -24.51
CA SER A 9 1.93 7.78 -23.69
C SER A 9 2.91 6.95 -22.85
N GLU A 10 3.15 7.42 -21.60
CA GLU A 10 3.94 6.79 -20.58
C GLU A 10 3.29 7.33 -19.33
N ASN A 11 3.82 6.96 -18.13
CA ASN A 11 3.37 7.40 -16.80
C ASN A 11 2.19 6.54 -16.31
N PRO A 12 2.37 5.37 -15.63
CA PRO A 12 1.29 4.41 -15.26
C PRO A 12 0.14 4.89 -14.32
N GLN A 13 -0.53 6.03 -14.65
CA GLN A 13 -1.63 6.70 -14.00
C GLN A 13 -2.96 5.96 -14.15
N GLN A 14 -3.36 5.70 -15.43
CA GLN A 14 -4.57 5.00 -15.85
C GLN A 14 -4.56 3.48 -15.68
N PHE A 15 -3.54 2.95 -14.97
CA PHE A 15 -3.36 1.57 -14.57
C PHE A 15 -3.61 1.48 -13.06
N MET A 16 -4.15 2.58 -12.43
CA MET A 16 -4.54 2.69 -11.02
C MET A 16 -5.63 1.71 -10.59
N ASP A 17 -6.58 1.33 -11.51
CA ASP A 17 -7.59 0.29 -11.29
C ASP A 17 -7.01 -1.13 -11.12
N TYR A 18 -6.07 -1.52 -12.03
CA TYR A 18 -5.31 -2.77 -12.03
C TYR A 18 -4.26 -2.89 -10.91
N PHE A 19 -3.35 -1.88 -10.78
CA PHE A 19 -2.26 -1.79 -9.82
C PHE A 19 -2.68 -1.48 -8.39
N SER A 20 -3.62 -0.49 -8.21
CA SER A 20 -4.20 -0.12 -6.92
C SER A 20 -5.09 -1.18 -6.29
N GLU A 21 -5.79 -2.07 -7.06
CA GLU A 21 -6.57 -3.18 -6.50
C GLU A 21 -5.71 -4.26 -5.87
N GLU A 22 -4.64 -4.74 -6.57
CA GLU A 22 -3.64 -5.70 -6.08
C GLU A 22 -2.79 -5.11 -4.94
N PHE A 23 -2.30 -3.84 -5.11
CA PHE A 23 -1.62 -3.05 -4.07
C PHE A 23 -2.46 -2.82 -2.84
N ARG A 24 -3.73 -2.33 -2.96
CA ARG A 24 -4.63 -2.11 -1.82
C ARG A 24 -5.14 -3.36 -1.13
N ASN A 25 -5.39 -4.49 -1.84
CA ASN A 25 -5.75 -5.78 -1.23
C ASN A 25 -4.60 -6.48 -0.50
N ASP A 26 -3.41 -6.65 -1.16
CA ASP A 26 -2.21 -7.27 -0.57
C ASP A 26 -1.42 -6.41 0.39
N PHE A 27 -1.27 -5.06 0.15
CA PHE A 27 -0.61 -4.09 1.06
C PHE A 27 -1.46 -3.84 2.28
N LEU A 28 -2.83 -3.75 2.19
CA LEU A 28 -3.71 -3.68 3.38
C LEU A 28 -3.66 -4.95 4.18
N GLU A 29 -3.60 -6.15 3.53
CA GLU A 29 -3.36 -7.43 4.20
C GLU A 29 -2.03 -7.52 4.95
N LEU A 30 -0.89 -7.23 4.26
CA LEU A 30 0.48 -7.18 4.78
C LEU A 30 0.67 -6.18 5.92
N LEU A 31 0.05 -4.97 5.77
CA LEU A 31 -0.06 -3.86 6.71
C LEU A 31 -0.87 -4.23 7.94
N ARG A 32 -2.04 -4.89 7.80
CA ARG A 32 -2.88 -5.32 8.90
C ARG A 32 -2.36 -6.49 9.68
N ARG A 33 -1.89 -7.60 9.03
CA ARG A 33 -1.28 -8.75 9.72
C ARG A 33 0.05 -8.57 10.34
N ARG A 34 0.99 -7.98 9.58
CA ARG A 34 2.34 -7.83 10.05
C ARG A 34 2.57 -6.60 10.94
N PHE A 35 1.80 -5.50 10.69
CA PHE A 35 1.97 -4.23 11.36
C PHE A 35 0.81 -3.86 12.30
N GLY A 36 -0.50 -4.32 12.12
CA GLY A 36 -1.65 -3.91 12.93
C GLY A 36 -2.06 -2.52 12.71
N THR A 37 -1.82 -1.61 13.69
CA THR A 37 -1.96 -0.20 13.42
C THR A 37 -0.69 0.34 14.07
N LYS A 38 0.27 0.77 13.24
CA LYS A 38 1.57 1.28 13.65
C LYS A 38 1.96 2.45 12.79
N ARG A 39 2.57 3.53 13.36
CA ARG A 39 3.21 4.61 12.60
C ARG A 39 4.52 4.08 11.95
N VAL A 40 4.54 3.94 10.61
CA VAL A 40 5.58 3.20 9.89
C VAL A 40 5.76 3.90 8.55
N HIS A 41 6.94 3.78 7.88
CA HIS A 41 7.17 4.36 6.56
C HIS A 41 6.67 3.39 5.50
N ASN A 42 5.70 3.85 4.68
CA ASN A 42 4.99 3.18 3.59
C ASN A 42 5.87 2.51 2.52
N ASN A 43 7.06 3.10 2.23
CA ASN A 43 8.04 2.53 1.28
C ASN A 43 8.71 1.27 1.86
N ILE A 44 8.83 1.17 3.23
CA ILE A 44 9.26 -0.01 4.03
C ILE A 44 8.22 -1.11 3.91
N VAL A 45 6.93 -0.71 3.94
CA VAL A 45 5.77 -1.59 3.81
C VAL A 45 5.56 -2.09 2.38
N TYR A 46 5.79 -1.19 1.36
CA TYR A 46 5.75 -1.38 -0.10
C TYR A 46 6.82 -2.32 -0.53
N ASN A 47 8.10 -2.09 -0.11
CA ASN A 47 9.27 -2.96 -0.29
C ASN A 47 9.12 -4.31 0.38
N GLU A 48 8.39 -4.34 1.53
CA GLU A 48 8.00 -5.58 2.23
C GLU A 48 6.96 -6.41 1.46
N TYR A 49 5.92 -5.73 0.91
CA TYR A 49 4.86 -6.24 0.05
C TYR A 49 5.36 -6.70 -1.35
N ILE A 50 6.10 -5.85 -2.11
CA ILE A 50 6.63 -6.16 -3.46
C ILE A 50 7.77 -7.15 -3.58
N SER A 51 8.50 -7.41 -2.46
CA SER A 51 9.58 -8.40 -2.33
C SER A 51 9.14 -9.88 -2.47
N HIS A 52 7.83 -10.12 -2.70
CA HIS A 52 7.15 -11.36 -3.02
C HIS A 52 7.11 -11.48 -4.56
N ARG A 53 5.96 -11.91 -5.15
CA ARG A 53 5.72 -12.03 -6.58
C ARG A 53 5.42 -10.74 -7.35
N GLU A 54 4.67 -9.87 -6.64
CA GLU A 54 3.86 -8.75 -7.07
C GLU A 54 4.42 -7.42 -7.45
N HIS A 55 5.76 -7.23 -7.65
CA HIS A 55 6.51 -5.97 -7.87
C HIS A 55 5.97 -4.67 -8.53
N ILE A 56 4.75 -4.22 -8.09
CA ILE A 56 4.05 -2.98 -8.31
C ILE A 56 4.54 -2.06 -7.24
N HIS A 57 5.56 -1.26 -7.53
CA HIS A 57 6.19 -0.33 -6.64
C HIS A 57 5.49 1.02 -6.82
N MET A 58 5.95 2.10 -6.15
CA MET A 58 5.54 3.51 -6.34
C MET A 58 5.74 4.02 -7.80
N ASN A 59 6.49 3.20 -8.54
CA ASN A 59 6.87 3.19 -9.92
C ASN A 59 5.79 2.48 -10.83
N ALA A 60 4.74 1.80 -10.27
CA ALA A 60 3.67 1.09 -10.97
C ALA A 60 2.29 1.60 -10.52
N THR A 61 2.01 2.94 -10.62
CA THR A 61 0.79 3.58 -10.09
C THR A 61 0.86 5.08 -10.40
N GLN A 62 -0.22 5.85 -10.07
CA GLN A 62 -0.45 7.26 -10.38
C GLN A 62 0.20 8.26 -9.42
N TRP A 63 0.70 7.71 -8.30
CA TRP A 63 1.32 8.36 -7.19
C TRP A 63 2.83 8.17 -7.30
N GLU A 64 3.53 9.18 -7.87
CA GLU A 64 4.96 9.22 -8.16
C GLU A 64 5.80 9.44 -6.91
N THR A 65 5.33 10.37 -6.05
CA THR A 65 5.93 10.76 -4.80
C THR A 65 4.96 10.23 -3.76
N LEU A 66 5.46 9.71 -2.59
CA LEU A 66 4.75 9.03 -1.50
C LEU A 66 3.56 9.79 -0.94
N THR A 67 3.66 11.15 -0.97
CA THR A 67 2.80 12.23 -0.55
C THR A 67 1.47 12.13 -1.22
N ASP A 68 1.36 11.85 -2.54
CA ASP A 68 0.11 11.60 -3.25
C ASP A 68 -0.60 10.28 -2.97
N PHE A 69 0.16 9.21 -2.58
CA PHE A 69 -0.36 7.93 -2.12
C PHE A 69 -0.96 8.08 -0.71
N THR A 70 -0.30 8.91 0.12
CA THR A 70 -0.68 9.30 1.48
C THR A 70 -1.89 10.22 1.49
N LYS A 71 -1.96 11.15 0.47
CA LYS A 71 -3.17 11.96 0.18
C LYS A 71 -4.42 11.16 -0.22
N TRP A 72 -4.27 10.06 -1.01
CA TRP A 72 -5.36 9.18 -1.44
C TRP A 72 -5.78 8.14 -0.38
N LEU A 73 -4.86 7.29 0.12
CA LEU A 73 -5.08 6.21 1.11
C LEU A 73 -5.51 6.64 2.49
N GLY A 74 -4.94 7.80 2.93
CA GLY A 74 -5.29 8.58 4.12
C GLY A 74 -6.72 9.07 4.16
N ARG A 75 -7.29 9.25 2.95
CA ARG A 75 -8.64 9.77 2.70
C ARG A 75 -9.75 8.76 2.77
N GLU A 76 -9.42 7.45 2.66
CA GLU A 76 -10.37 6.36 2.63
C GLU A 76 -10.78 5.90 4.00
N GLY A 77 -9.98 6.26 5.05
CA GLY A 77 -10.28 5.78 6.41
C GLY A 77 -9.59 4.49 6.69
N LEU A 78 -8.45 4.24 5.96
CA LEU A 78 -7.59 3.09 6.19
C LEU A 78 -6.35 3.52 6.88
N CYS A 79 -5.83 4.71 6.58
CA CYS A 79 -4.60 5.22 7.20
C CYS A 79 -4.61 6.67 7.69
N LYS A 80 -3.81 6.98 8.74
CA LYS A 80 -3.53 8.31 9.26
C LYS A 80 -2.13 8.69 8.80
N VAL A 81 -1.83 9.96 8.47
CA VAL A 81 -0.54 10.35 7.92
C VAL A 81 0.06 11.50 8.67
N ASP A 82 1.41 11.44 8.83
CA ASP A 82 2.26 12.48 9.45
C ASP A 82 3.56 12.61 8.66
N GLU A 83 4.21 13.81 8.63
CA GLU A 83 5.45 14.05 7.89
C GLU A 83 6.57 14.57 8.79
N THR A 84 7.79 14.03 8.52
CA THR A 84 9.08 14.24 9.15
C THR A 84 10.06 14.74 8.12
N PRO A 85 11.31 15.06 8.52
CA PRO A 85 12.38 15.25 7.58
C PRO A 85 12.93 14.00 6.85
N LYS A 86 12.42 12.77 7.11
CA LYS A 86 12.92 11.54 6.53
C LYS A 86 11.96 10.88 5.55
N GLY A 87 10.71 11.40 5.41
CA GLY A 87 9.70 10.72 4.61
C GLY A 87 8.31 10.99 5.09
N TRP A 88 7.37 10.13 4.60
CA TRP A 88 5.99 10.05 5.05
C TRP A 88 5.85 8.80 5.90
N TYR A 89 5.23 9.00 7.08
CA TYR A 89 4.96 8.00 8.09
C TYR A 89 3.46 7.94 8.14
N ILE A 90 2.94 6.72 7.97
CA ILE A 90 1.53 6.39 7.96
C ILE A 90 1.31 5.50 9.16
N GLN A 91 0.21 5.71 9.88
CA GLN A 91 -0.28 4.86 10.94
C GLN A 91 -1.63 4.48 10.45
N TYR A 92 -1.90 3.19 10.27
CA TYR A 92 -3.16 2.63 9.81
C TYR A 92 -4.25 2.68 10.91
N ILE A 93 -5.52 2.85 10.48
CA ILE A 93 -6.81 3.01 11.15
C ILE A 93 -7.28 1.60 11.38
N ASP A 94 -7.54 1.10 12.63
CA ASP A 94 -8.03 -0.28 12.78
C ASP A 94 -9.52 -0.37 12.61
N ARG A 95 -9.87 -0.50 11.31
CA ARG A 95 -11.13 -0.71 10.60
C ARG A 95 -12.24 -1.43 11.41
N ASP A 96 -12.44 -2.74 11.16
CA ASP A 96 -13.19 -3.61 12.07
C ASP A 96 -12.12 -4.42 12.82
N PRO A 97 -11.90 -4.49 14.16
CA PRO A 97 -10.81 -5.22 14.86
C PRO A 97 -10.69 -6.72 14.56
N GLU A 98 -11.82 -7.37 14.14
CA GLU A 98 -11.97 -8.69 13.57
C GLU A 98 -11.06 -8.86 12.36
N THR A 99 -11.00 -7.86 11.42
CA THR A 99 -10.12 -7.82 10.24
C THR A 99 -8.62 -7.92 10.57
N ILE A 100 -8.10 -7.16 11.57
CA ILE A 100 -6.77 -7.08 12.16
C ILE A 100 -6.44 -8.39 12.91
N ARG A 101 -7.32 -8.89 13.81
CA ARG A 101 -7.14 -10.15 14.55
C ARG A 101 -7.23 -11.40 13.65
N ARG A 102 -8.12 -11.36 12.60
CA ARG A 102 -8.19 -12.33 11.50
C ARG A 102 -6.94 -12.29 10.63
N GLN A 103 -6.35 -11.08 10.50
CA GLN A 103 -5.02 -10.84 9.92
C GLN A 103 -3.86 -11.43 10.67
N LEU A 104 -3.65 -11.06 11.94
CA LEU A 104 -2.51 -11.51 12.73
C LEU A 104 -2.52 -12.99 13.13
N GLU A 105 -3.72 -13.54 13.49
CA GLU A 105 -3.90 -14.92 13.91
C GLU A 105 -4.02 -15.93 12.77
N LEU A 106 -4.86 -15.67 11.73
CA LEU A 106 -5.09 -16.59 10.62
C LEU A 106 -4.06 -16.56 9.50
N GLU A 107 -3.86 -15.36 8.87
CA GLU A 107 -2.99 -15.07 7.72
C GLU A 107 -1.49 -15.33 7.91
N LYS A 108 -1.13 -15.45 9.19
CA LYS A 108 0.24 -15.72 9.67
C LYS A 108 0.47 -17.14 10.17
N LYS A 109 -0.61 -17.86 10.57
CA LYS A 109 -0.56 -19.22 11.10
C LYS A 109 -1.09 -20.28 10.14
N LYS A 110 -2.14 -19.95 9.34
CA LYS A 110 -2.84 -20.89 8.45
C LYS A 110 -2.79 -20.41 7.00
N LYS A 111 -1.57 -20.06 6.51
CA LYS A 111 -1.34 -19.61 5.14
C LYS A 111 -0.12 -20.34 4.58
N GLY A 1 21.02 8.11 -23.33
CA GLY A 1 21.08 9.52 -23.63
C GLY A 1 21.85 9.70 -24.90
N GLN A 2 22.04 8.57 -25.60
CA GLN A 2 22.81 8.50 -26.84
C GLN A 2 22.32 7.33 -27.66
N ARG A 3 22.54 6.13 -27.10
CA ARG A 3 22.29 4.84 -27.68
C ARG A 3 21.07 4.17 -27.05
N GLN A 4 19.88 4.59 -27.52
CA GLN A 4 18.60 4.06 -27.07
C GLN A 4 17.53 4.57 -27.98
N LEU A 5 17.38 5.92 -28.05
CA LEU A 5 16.40 6.69 -28.84
C LEU A 5 14.99 6.59 -28.21
N LEU A 6 14.90 6.93 -26.90
CA LEU A 6 13.69 6.84 -26.10
C LEU A 6 12.73 8.02 -26.18
N LEU A 7 11.40 7.69 -26.20
CA LEU A 7 10.27 8.62 -26.19
C LEU A 7 9.40 8.36 -24.99
N ALA A 8 9.95 7.54 -24.05
CA ALA A 8 9.38 7.17 -22.79
C ALA A 8 8.26 6.14 -22.93
N SER A 9 7.04 6.66 -23.26
CA SER A 9 5.78 5.96 -23.57
C SER A 9 5.19 5.12 -22.45
N GLU A 10 5.23 5.65 -21.19
CA GLU A 10 4.76 5.00 -19.98
C GLU A 10 3.54 5.71 -19.39
N ASN A 11 3.72 6.38 -18.21
CA ASN A 11 2.78 7.15 -17.40
C ASN A 11 1.67 6.29 -16.73
N PRO A 12 1.86 5.56 -15.60
CA PRO A 12 0.89 4.59 -15.06
C PRO A 12 -0.43 5.12 -14.43
N GLN A 13 -1.21 5.90 -15.23
CA GLN A 13 -2.50 6.53 -14.96
C GLN A 13 -3.65 5.52 -15.12
N GLN A 14 -3.85 5.02 -16.37
CA GLN A 14 -4.82 3.96 -16.73
C GLN A 14 -4.48 2.59 -16.14
N PHE A 15 -3.19 2.41 -15.74
CA PHE A 15 -2.65 1.25 -15.06
C PHE A 15 -2.74 1.39 -13.53
N MET A 16 -3.29 2.55 -12.99
CA MET A 16 -3.57 2.73 -11.55
C MET A 16 -4.80 1.94 -11.15
N ASP A 17 -5.78 1.75 -12.07
CA ASP A 17 -6.95 0.85 -11.92
C ASP A 17 -6.53 -0.64 -11.79
N TYR A 18 -5.57 -1.06 -12.66
CA TYR A 18 -4.91 -2.37 -12.65
C TYR A 18 -3.94 -2.63 -11.46
N PHE A 19 -2.95 -1.72 -11.23
CA PHE A 19 -1.94 -1.78 -10.16
C PHE A 19 -2.44 -1.43 -8.77
N SER A 20 -3.34 -0.39 -8.61
CA SER A 20 -3.98 -0.01 -7.33
C SER A 20 -4.92 -1.08 -6.81
N GLU A 21 -5.59 -1.88 -7.71
CA GLU A 21 -6.36 -3.07 -7.36
C GLU A 21 -5.52 -4.24 -6.86
N GLU A 22 -4.28 -4.48 -7.40
CA GLU A 22 -3.30 -5.46 -6.87
C GLU A 22 -2.61 -4.98 -5.59
N PHE A 23 -2.07 -3.72 -5.65
CA PHE A 23 -1.36 -3.00 -4.58
C PHE A 23 -2.21 -2.77 -3.36
N ARG A 24 -3.44 -2.20 -3.49
CA ARG A 24 -4.33 -1.92 -2.37
C ARG A 24 -4.96 -3.14 -1.70
N ASN A 25 -5.17 -4.26 -2.44
CA ASN A 25 -5.60 -5.55 -1.90
C ASN A 25 -4.54 -6.30 -1.10
N ASP A 26 -3.33 -6.49 -1.68
CA ASP A 26 -2.20 -7.20 -1.07
C ASP A 26 -1.49 -6.38 -0.02
N PHE A 27 -1.31 -5.04 -0.24
CA PHE A 27 -0.74 -4.08 0.71
C PHE A 27 -1.67 -3.80 1.86
N LEU A 28 -3.04 -3.61 1.72
CA LEU A 28 -3.92 -3.47 2.90
C LEU A 28 -3.99 -4.77 3.71
N GLU A 29 -4.02 -5.97 3.05
CA GLU A 29 -3.96 -7.28 3.72
C GLU A 29 -2.69 -7.52 4.51
N LEU A 30 -1.51 -7.32 3.86
CA LEU A 30 -0.16 -7.38 4.40
C LEU A 30 0.10 -6.38 5.52
N LEU A 31 -0.40 -5.12 5.36
CA LEU A 31 -0.45 -4.06 6.37
C LEU A 31 -1.25 -4.44 7.62
N ARG A 32 -2.50 -4.95 7.42
CA ARG A 32 -3.38 -5.45 8.46
C ARG A 32 -2.91 -6.71 9.21
N ARG A 33 -2.25 -7.75 8.60
CA ARG A 33 -1.63 -8.86 9.32
C ARG A 33 -0.39 -8.54 10.01
N ARG A 34 0.52 -7.97 9.21
CA ARG A 34 1.90 -7.92 9.56
C ARG A 34 2.30 -6.77 10.49
N PHE A 35 1.59 -5.61 10.37
CA PHE A 35 1.90 -4.39 11.10
C PHE A 35 0.81 -4.02 12.10
N GLY A 36 -0.49 -4.48 11.96
CA GLY A 36 -1.59 -4.12 12.86
C GLY A 36 -2.14 -2.76 12.55
N THR A 37 -1.76 -1.79 13.38
CA THR A 37 -1.94 -0.39 13.06
C THR A 37 -0.73 0.16 13.77
N LYS A 38 0.28 0.61 13.01
CA LYS A 38 1.55 1.11 13.52
C LYS A 38 2.03 2.21 12.62
N ARG A 39 2.66 3.28 13.17
CA ARG A 39 3.27 4.38 12.43
C ARG A 39 4.57 3.88 11.69
N VAL A 40 4.52 3.74 10.36
CA VAL A 40 5.56 3.11 9.54
C VAL A 40 5.49 3.75 8.21
N HIS A 41 6.59 3.78 7.41
CA HIS A 41 6.59 4.36 6.06
C HIS A 41 5.91 3.42 5.09
N ASN A 42 5.09 3.91 4.11
CA ASN A 42 4.53 3.05 3.05
C ASN A 42 5.58 2.35 2.20
N ASN A 43 6.78 2.99 2.02
CA ASN A 43 7.93 2.39 1.29
C ASN A 43 8.54 1.14 1.92
N ILE A 44 8.48 0.97 3.28
CA ILE A 44 8.87 -0.22 4.07
C ILE A 44 7.80 -1.29 3.97
N VAL A 45 6.50 -0.88 3.95
CA VAL A 45 5.37 -1.81 3.73
C VAL A 45 5.32 -2.26 2.26
N TYR A 46 5.66 -1.33 1.29
CA TYR A 46 5.79 -1.50 -0.19
C TYR A 46 6.92 -2.44 -0.50
N ASN A 47 8.16 -2.17 0.04
CA ASN A 47 9.36 -3.00 -0.07
C ASN A 47 9.23 -4.38 0.56
N GLU A 48 8.33 -4.50 1.59
CA GLU A 48 7.96 -5.78 2.23
C GLU A 48 7.01 -6.60 1.35
N TYR A 49 5.97 -5.93 0.78
CA TYR A 49 4.95 -6.39 -0.14
C TYR A 49 5.49 -6.87 -1.50
N ILE A 50 6.41 -6.11 -2.16
CA ILE A 50 6.92 -6.42 -3.49
C ILE A 50 8.01 -7.45 -3.68
N SER A 51 8.58 -8.01 -2.59
CA SER A 51 9.53 -9.13 -2.66
C SER A 51 8.83 -10.49 -2.86
N HIS A 52 7.50 -10.44 -3.09
CA HIS A 52 6.54 -11.47 -3.46
C HIS A 52 6.48 -11.50 -5.02
N ARG A 53 5.37 -11.93 -5.68
CA ARG A 53 5.23 -12.00 -7.14
C ARG A 53 5.07 -10.67 -7.89
N GLU A 54 4.24 -9.83 -7.26
CA GLU A 54 3.63 -8.56 -7.53
C GLU A 54 4.46 -7.33 -7.71
N HIS A 55 5.80 -7.41 -7.90
CA HIS A 55 6.83 -6.36 -7.98
C HIS A 55 6.58 -5.01 -8.69
N ILE A 56 5.54 -4.29 -8.19
CA ILE A 56 4.95 -2.99 -8.48
C ILE A 56 5.52 -1.99 -7.51
N HIS A 57 6.35 -1.00 -7.90
CA HIS A 57 6.84 -0.02 -6.93
C HIS A 57 5.95 1.21 -6.96
N MET A 58 6.25 2.29 -6.18
CA MET A 58 5.54 3.61 -6.15
C MET A 58 5.41 4.28 -7.52
N ASN A 59 6.32 3.86 -8.39
CA ASN A 59 6.51 4.25 -9.76
C ASN A 59 5.61 3.45 -10.73
N ALA A 60 4.91 2.39 -10.25
CA ALA A 60 3.90 1.59 -10.97
C ALA A 60 2.46 2.03 -10.60
N THR A 61 2.22 3.35 -10.41
CA THR A 61 0.94 3.94 -9.97
C THR A 61 0.98 5.45 -10.29
N GLN A 62 -0.21 6.15 -10.30
CA GLN A 62 -0.46 7.56 -10.69
C GLN A 62 -0.03 8.66 -9.74
N TRP A 63 0.56 8.24 -8.60
CA TRP A 63 1.10 9.05 -7.54
C TRP A 63 2.58 9.17 -7.81
N GLU A 64 3.15 10.38 -8.04
CA GLU A 64 4.58 10.56 -8.34
C GLU A 64 5.47 10.70 -7.11
N THR A 65 4.83 10.83 -5.93
CA THR A 65 5.44 11.05 -4.64
C THR A 65 4.76 10.08 -3.70
N LEU A 66 5.40 9.64 -2.58
CA LEU A 66 4.88 8.72 -1.55
C LEU A 66 3.69 9.33 -0.78
N THR A 67 3.79 10.67 -0.63
CA THR A 67 2.95 11.73 -0.08
C THR A 67 1.58 11.81 -0.72
N ASP A 68 1.46 11.78 -2.07
CA ASP A 68 0.20 11.82 -2.83
C ASP A 68 -0.65 10.56 -2.76
N PHE A 69 0.00 9.40 -2.54
CA PHE A 69 -0.57 8.08 -2.24
C PHE A 69 -1.18 8.07 -0.82
N THR A 70 -0.49 8.76 0.13
CA THR A 70 -0.92 9.02 1.51
C THR A 70 -2.07 10.03 1.58
N LYS A 71 -2.07 11.03 0.63
CA LYS A 71 -3.20 11.96 0.40
C LYS A 71 -4.48 11.26 -0.12
N TRP A 72 -4.36 10.19 -0.95
CA TRP A 72 -5.49 9.38 -1.44
C TRP A 72 -5.97 8.33 -0.43
N LEU A 73 -5.07 7.42 0.04
CA LEU A 73 -5.34 6.28 0.95
C LEU A 73 -5.80 6.61 2.35
N GLY A 74 -5.27 7.75 2.88
CA GLY A 74 -5.70 8.48 4.07
C GLY A 74 -7.15 8.93 4.07
N ARG A 75 -7.73 9.17 2.86
CA ARG A 75 -9.13 9.59 2.72
C ARG A 75 -10.16 8.46 2.74
N GLU A 76 -9.72 7.20 2.48
CA GLU A 76 -10.58 6.02 2.36
C GLU A 76 -10.91 5.35 3.69
N GLY A 77 -10.23 5.77 4.79
CA GLY A 77 -10.42 5.20 6.12
C GLY A 77 -9.51 4.04 6.39
N LEU A 78 -8.35 3.99 5.69
CA LEU A 78 -7.36 2.90 5.83
C LEU A 78 -6.07 3.44 6.37
N CYS A 79 -5.99 4.75 6.53
CA CYS A 79 -4.78 5.37 7.00
C CYS A 79 -4.99 6.67 7.68
N LYS A 80 -4.12 6.88 8.68
CA LYS A 80 -3.89 8.13 9.32
C LYS A 80 -2.43 8.47 8.98
N VAL A 81 -2.04 9.75 8.72
CA VAL A 81 -0.73 10.07 8.20
C VAL A 81 -0.07 11.21 8.94
N ASP A 82 1.29 11.15 8.98
CA ASP A 82 2.15 12.21 9.55
C ASP A 82 3.50 12.28 8.82
N GLU A 83 4.19 13.47 8.82
CA GLU A 83 5.49 13.65 8.19
C GLU A 83 6.55 14.00 9.24
N THR A 84 7.76 13.39 9.05
CA THR A 84 8.97 13.48 9.84
C THR A 84 10.09 14.05 9.01
N PRO A 85 11.28 14.28 9.60
CA PRO A 85 12.46 14.54 8.83
C PRO A 85 13.07 13.39 8.00
N LYS A 86 12.51 12.15 8.02
CA LYS A 86 13.05 11.03 7.27
C LYS A 86 12.09 10.51 6.18
N GLY A 87 10.83 11.05 6.11
CA GLY A 87 9.86 10.56 5.13
C GLY A 87 8.41 10.79 5.50
N TRP A 88 7.53 10.06 4.76
CA TRP A 88 6.07 10.00 4.91
C TRP A 88 5.65 8.69 5.54
N TYR A 89 5.16 8.79 6.79
CA TYR A 89 4.77 7.73 7.69
C TYR A 89 3.27 7.70 7.77
N ILE A 90 2.73 6.49 7.80
CA ILE A 90 1.35 6.16 7.89
C ILE A 90 1.20 5.28 9.07
N GLN A 91 0.00 5.33 9.63
CA GLN A 91 -0.43 4.46 10.66
C GLN A 91 -1.78 4.15 10.13
N TYR A 92 -2.04 2.86 9.86
CA TYR A 92 -3.28 2.35 9.31
C TYR A 92 -4.42 2.43 10.33
N ILE A 93 -5.65 2.64 9.84
CA ILE A 93 -6.89 2.75 10.62
C ILE A 93 -7.45 1.35 10.83
N ASP A 94 -7.54 0.82 12.09
CA ASP A 94 -7.97 -0.56 12.41
C ASP A 94 -9.43 -0.88 12.26
N ARG A 95 -9.92 -0.71 11.01
CA ARG A 95 -11.18 -1.02 10.36
C ARG A 95 -12.29 -1.63 11.23
N ASP A 96 -12.42 -2.98 11.23
CA ASP A 96 -13.08 -3.69 12.34
C ASP A 96 -11.91 -4.27 13.14
N PRO A 97 -11.52 -3.96 14.39
CA PRO A 97 -10.27 -4.39 15.08
C PRO A 97 -10.03 -5.89 15.17
N GLU A 98 -11.11 -6.71 15.12
CA GLU A 98 -11.06 -8.15 14.99
C GLU A 98 -10.47 -8.62 13.67
N THR A 99 -10.60 -7.85 12.55
CA THR A 99 -9.98 -8.13 11.26
C THR A 99 -8.44 -8.06 11.38
N ILE A 100 -7.92 -7.02 12.09
CA ILE A 100 -6.55 -6.72 12.42
C ILE A 100 -5.96 -7.66 13.46
N ARG A 101 -6.63 -7.92 14.63
CA ARG A 101 -6.18 -8.83 15.68
C ARG A 101 -6.28 -10.33 15.32
N ARG A 102 -7.24 -10.70 14.41
CA ARG A 102 -7.38 -12.05 13.85
C ARG A 102 -6.34 -12.24 12.76
N GLN A 103 -6.03 -11.13 11.98
CA GLN A 103 -4.99 -11.10 10.95
C GLN A 103 -3.56 -11.33 11.45
N LEU A 104 -3.24 -10.85 12.68
CA LEU A 104 -1.96 -11.08 13.34
C LEU A 104 -1.90 -12.45 14.05
N GLU A 105 -2.89 -12.73 14.94
CA GLU A 105 -2.95 -13.89 15.81
C GLU A 105 -3.48 -15.23 15.28
N LEU A 106 -4.76 -15.25 14.78
CA LEU A 106 -5.53 -16.44 14.38
C LEU A 106 -5.27 -16.93 12.96
N GLU A 107 -5.33 -15.98 11.98
CA GLU A 107 -5.17 -16.16 10.52
C GLU A 107 -3.81 -16.72 10.12
N LYS A 108 -2.88 -16.49 11.07
CA LYS A 108 -1.48 -16.91 11.05
C LYS A 108 -1.21 -18.32 11.56
N LYS A 109 -2.25 -19.04 12.04
CA LYS A 109 -2.19 -20.42 12.53
C LYS A 109 -2.48 -21.38 11.37
N LYS A 110 -1.41 -21.74 10.64
CA LYS A 110 -1.41 -22.65 9.50
C LYS A 110 -1.29 -24.10 9.95
N LYS A 111 -2.44 -24.70 10.35
CA LYS A 111 -2.52 -26.08 10.81
C LYS A 111 -3.90 -26.60 10.46
N GLY A 1 -7.87 -1.48 -32.37
CA GLY A 1 -9.27 -1.20 -32.14
C GLY A 1 -9.88 -2.27 -31.30
N GLN A 2 -9.10 -3.34 -31.03
CA GLN A 2 -9.45 -4.47 -30.18
C GLN A 2 -8.15 -4.94 -29.57
N ARG A 3 -7.30 -5.60 -30.39
CA ARG A 3 -6.04 -6.17 -29.96
C ARG A 3 -4.96 -5.81 -30.96
N GLN A 4 -4.39 -4.56 -30.84
CA GLN A 4 -3.33 -4.04 -31.69
C GLN A 4 -1.97 -4.07 -31.03
N LEU A 5 -1.95 -4.39 -29.71
CA LEU A 5 -0.82 -4.56 -28.81
C LEU A 5 -0.15 -3.25 -28.43
N LEU A 6 0.27 -2.52 -29.48
CA LEU A 6 0.87 -1.20 -29.55
C LEU A 6 2.35 -1.18 -29.15
N LEU A 7 2.83 -0.01 -28.69
CA LEU A 7 4.17 0.22 -28.18
C LEU A 7 4.10 0.66 -26.74
N ALA A 8 2.88 0.56 -26.14
CA ALA A 8 2.57 0.84 -24.75
C ALA A 8 2.67 2.31 -24.28
N SER A 9 3.89 2.90 -24.41
CA SER A 9 4.31 4.26 -24.10
C SER A 9 4.66 4.46 -22.63
N GLU A 10 3.88 5.30 -21.92
CA GLU A 10 4.06 5.64 -20.54
C GLU A 10 2.71 6.12 -20.05
N ASN A 11 2.68 6.73 -18.85
CA ASN A 11 1.55 7.37 -18.20
C ASN A 11 0.63 6.38 -17.44
N PRO A 12 1.01 5.88 -16.23
CA PRO A 12 0.26 4.87 -15.48
C PRO A 12 -0.97 5.43 -14.76
N GLN A 13 -2.02 5.78 -15.54
CA GLN A 13 -3.30 6.30 -15.09
C GLN A 13 -4.35 5.21 -15.22
N GLN A 14 -4.45 4.61 -16.45
CA GLN A 14 -5.32 3.51 -16.89
C GLN A 14 -5.03 2.16 -16.26
N PHE A 15 -3.92 2.11 -15.47
CA PHE A 15 -3.42 0.96 -14.75
C PHE A 15 -3.64 1.15 -13.26
N MET A 16 -4.26 2.30 -12.80
CA MET A 16 -4.60 2.57 -11.39
C MET A 16 -5.68 1.66 -10.83
N ASP A 17 -6.63 1.17 -11.67
CA ASP A 17 -7.66 0.17 -11.30
C ASP A 17 -7.06 -1.20 -10.91
N TYR A 18 -6.17 -1.74 -11.77
CA TYR A 18 -5.37 -2.95 -11.57
C TYR A 18 -4.25 -2.82 -10.53
N PHE A 19 -3.36 -1.79 -10.64
CA PHE A 19 -2.22 -1.60 -9.74
C PHE A 19 -2.63 -1.09 -8.36
N SER A 20 -3.69 -0.24 -8.25
CA SER A 20 -4.28 0.15 -6.95
C SER A 20 -5.05 -1.00 -6.30
N GLU A 21 -5.66 -1.95 -7.10
CA GLU A 21 -6.24 -3.19 -6.58
C GLU A 21 -5.18 -4.19 -6.09
N GLU A 22 -4.09 -4.52 -6.87
CA GLU A 22 -3.02 -5.42 -6.44
C GLU A 22 -2.07 -4.84 -5.38
N PHE A 23 -1.82 -3.49 -5.40
CA PHE A 23 -1.11 -2.78 -4.33
C PHE A 23 -1.98 -2.64 -3.08
N ARG A 24 -3.22 -2.09 -3.18
CA ARG A 24 -4.09 -1.88 -2.04
C ARG A 24 -4.69 -3.14 -1.42
N ASN A 25 -4.97 -4.24 -2.19
CA ASN A 25 -5.39 -5.52 -1.60
C ASN A 25 -4.30 -6.26 -0.87
N ASP A 26 -3.10 -6.47 -1.50
CA ASP A 26 -1.99 -7.19 -0.86
C ASP A 26 -1.24 -6.38 0.20
N PHE A 27 -1.06 -5.04 0.00
CA PHE A 27 -0.46 -4.10 0.98
C PHE A 27 -1.36 -3.91 2.18
N LEU A 28 -2.73 -3.86 2.03
CA LEU A 28 -3.73 -3.83 3.12
C LEU A 28 -3.70 -5.16 3.84
N GLU A 29 -3.63 -6.27 3.09
CA GLU A 29 -3.44 -7.63 3.63
C GLU A 29 -2.21 -7.82 4.54
N LEU A 30 -0.97 -7.42 4.08
CA LEU A 30 0.26 -7.44 4.89
C LEU A 30 0.37 -6.36 5.96
N LEU A 31 -0.16 -5.12 5.74
CA LEU A 31 -0.31 -4.00 6.68
C LEU A 31 -1.16 -4.40 7.88
N ARG A 32 -2.36 -4.98 7.61
CA ARG A 32 -3.32 -5.55 8.56
C ARG A 32 -2.79 -6.77 9.32
N ARG A 33 -2.13 -7.81 8.70
CA ARG A 33 -1.43 -8.89 9.42
C ARG A 33 -0.13 -8.64 10.13
N ARG A 34 0.87 -8.04 9.44
CA ARG A 34 2.22 -7.94 9.95
C ARG A 34 2.45 -6.76 10.88
N PHE A 35 1.71 -5.66 10.66
CA PHE A 35 1.85 -4.40 11.36
C PHE A 35 0.62 -4.08 12.23
N GLY A 36 -0.64 -4.46 11.83
CA GLY A 36 -1.88 -4.00 12.44
C GLY A 36 -2.23 -2.60 12.02
N THR A 37 -2.22 -1.70 13.02
CA THR A 37 -2.31 -0.28 12.87
C THR A 37 -1.08 0.18 13.65
N LYS A 38 -0.05 0.67 12.95
CA LYS A 38 1.18 1.16 13.54
C LYS A 38 1.76 2.24 12.64
N ARG A 39 2.49 3.23 13.22
CA ARG A 39 3.21 4.29 12.51
C ARG A 39 4.45 3.74 11.81
N VAL A 40 4.40 3.65 10.47
CA VAL A 40 5.42 2.98 9.68
C VAL A 40 5.41 3.68 8.36
N HIS A 41 6.54 3.64 7.65
CA HIS A 41 6.79 4.29 6.37
C HIS A 41 6.30 3.43 5.22
N ASN A 42 5.57 3.99 4.20
CA ASN A 42 5.05 3.19 3.06
C ASN A 42 6.09 2.42 2.25
N ASN A 43 7.35 2.96 2.12
CA ASN A 43 8.54 2.27 1.58
C ASN A 43 8.96 1.09 2.42
N ILE A 44 8.72 0.98 3.75
CA ILE A 44 8.98 -0.27 4.50
C ILE A 44 7.90 -1.33 4.26
N VAL A 45 6.62 -0.91 4.15
CA VAL A 45 5.47 -1.78 3.82
C VAL A 45 5.47 -2.18 2.33
N TYR A 46 5.81 -1.23 1.38
CA TYR A 46 6.03 -1.40 -0.10
C TYR A 46 7.21 -2.30 -0.27
N ASN A 47 8.41 -2.04 0.33
CA ASN A 47 9.60 -2.90 0.29
C ASN A 47 9.44 -4.30 0.86
N GLU A 48 8.49 -4.45 1.81
CA GLU A 48 8.11 -5.74 2.41
C GLU A 48 7.21 -6.54 1.44
N TYR A 49 6.14 -5.87 0.93
CA TYR A 49 5.12 -6.25 -0.05
C TYR A 49 5.73 -6.66 -1.39
N ILE A 50 6.78 -5.92 -1.80
CA ILE A 50 7.56 -5.95 -3.04
C ILE A 50 8.20 -7.30 -3.32
N SER A 51 8.52 -8.06 -2.25
CA SER A 51 9.20 -9.34 -2.29
C SER A 51 8.35 -10.59 -2.61
N HIS A 52 7.00 -10.44 -2.77
CA HIS A 52 6.01 -11.49 -3.02
C HIS A 52 5.68 -11.63 -4.53
N ARG A 53 4.40 -11.89 -4.94
CA ARG A 53 3.95 -12.03 -6.34
C ARG A 53 3.83 -10.70 -7.09
N GLU A 54 3.23 -9.78 -6.32
CA GLU A 54 2.74 -8.42 -6.41
C GLU A 54 3.72 -7.32 -6.69
N HIS A 55 5.00 -7.63 -7.08
CA HIS A 55 6.15 -6.75 -7.29
C HIS A 55 5.97 -5.59 -8.27
N ILE A 56 5.21 -4.60 -7.76
CA ILE A 56 4.81 -3.31 -8.24
C ILE A 56 5.67 -2.34 -7.50
N HIS A 57 6.14 -1.27 -8.17
CA HIS A 57 6.80 -0.16 -7.51
C HIS A 57 5.82 1.02 -7.56
N MET A 58 6.01 2.07 -6.71
CA MET A 58 5.23 3.32 -6.45
C MET A 58 4.87 4.15 -7.67
N ASN A 59 5.75 3.93 -8.64
CA ASN A 59 5.99 4.49 -9.93
C ASN A 59 5.00 3.87 -10.98
N ALA A 60 4.42 2.67 -10.65
CA ALA A 60 3.31 1.97 -11.35
C ALA A 60 1.96 2.29 -10.70
N THR A 61 1.68 3.58 -10.42
CA THR A 61 0.49 4.12 -9.75
C THR A 61 0.25 5.47 -10.42
N GLN A 62 -0.89 6.19 -10.15
CA GLN A 62 -1.23 7.51 -10.70
C GLN A 62 -0.75 8.66 -9.82
N TRP A 63 -0.09 8.26 -8.71
CA TRP A 63 0.54 9.08 -7.72
C TRP A 63 2.01 9.21 -8.12
N GLU A 64 2.43 10.42 -8.60
CA GLU A 64 3.77 10.73 -9.09
C GLU A 64 4.85 10.87 -8.02
N THR A 65 4.40 10.95 -6.76
CA THR A 65 5.18 11.11 -5.54
C THR A 65 4.52 10.18 -4.54
N LEU A 66 5.22 9.69 -3.47
CA LEU A 66 4.73 8.85 -2.37
C LEU A 66 3.69 9.56 -1.49
N THR A 67 3.83 10.91 -1.42
CA THR A 67 3.11 12.00 -0.79
C THR A 67 1.69 12.07 -1.26
N ASP A 68 1.41 11.93 -2.58
CA ASP A 68 0.09 11.91 -3.20
C ASP A 68 -0.73 10.64 -2.96
N PHE A 69 -0.02 9.51 -2.71
CA PHE A 69 -0.54 8.21 -2.31
C PHE A 69 -0.97 8.25 -0.85
N THR A 70 -0.19 8.99 -0.03
CA THR A 70 -0.45 9.32 1.37
C THR A 70 -1.59 10.34 1.48
N LYS A 71 -1.69 11.29 0.48
CA LYS A 71 -2.89 12.14 0.32
C LYS A 71 -4.23 11.40 -0.01
N TRP A 72 -4.20 10.32 -0.84
CA TRP A 72 -5.33 9.46 -1.25
C TRP A 72 -5.74 8.41 -0.21
N LEU A 73 -4.77 7.63 0.32
CA LEU A 73 -4.88 6.58 1.35
C LEU A 73 -5.30 7.12 2.70
N GLY A 74 -4.80 8.38 2.95
CA GLY A 74 -5.26 9.36 3.95
C GLY A 74 -6.68 9.86 3.77
N ARG A 75 -7.17 9.91 2.50
CA ARG A 75 -8.51 10.30 2.08
C ARG A 75 -9.56 9.22 2.13
N GLU A 76 -9.21 8.00 1.63
CA GLU A 76 -10.04 6.80 1.52
C GLU A 76 -10.40 6.18 2.85
N GLY A 77 -9.60 6.53 3.89
CA GLY A 77 -9.86 6.07 5.25
C GLY A 77 -9.21 4.76 5.58
N LEU A 78 -8.10 4.39 4.90
CA LEU A 78 -7.34 3.20 5.28
C LEU A 78 -6.17 3.58 6.14
N CYS A 79 -5.47 4.71 5.91
CA CYS A 79 -4.34 5.12 6.77
C CYS A 79 -4.34 6.57 7.19
N LYS A 80 -3.80 6.93 8.40
CA LYS A 80 -3.65 8.31 8.88
C LYS A 80 -2.19 8.76 8.83
N VAL A 81 -1.84 9.79 8.05
CA VAL A 81 -0.48 10.20 7.80
C VAL A 81 0.05 11.40 8.58
N ASP A 82 1.40 11.35 8.71
CA ASP A 82 2.24 12.40 9.30
C ASP A 82 3.62 12.43 8.61
N GLU A 83 4.29 13.61 8.54
CA GLU A 83 5.65 13.75 8.02
C GLU A 83 6.59 14.25 9.11
N THR A 84 7.79 13.63 9.10
CA THR A 84 8.91 13.74 10.03
C THR A 84 10.15 14.19 9.33
N PRO A 85 11.25 14.42 10.08
CA PRO A 85 12.56 14.58 9.50
C PRO A 85 13.22 13.35 8.83
N LYS A 86 12.65 12.13 8.93
CA LYS A 86 13.17 10.91 8.33
C LYS A 86 12.33 10.41 7.16
N GLY A 87 11.15 11.05 6.91
CA GLY A 87 10.22 10.63 5.86
C GLY A 87 8.77 10.75 6.19
N TRP A 88 7.96 10.06 5.34
CA TRP A 88 6.51 9.90 5.30
C TRP A 88 6.08 8.60 6.02
N TYR A 89 5.38 8.76 7.18
CA TYR A 89 4.91 7.68 8.03
C TYR A 89 3.40 7.75 8.03
N ILE A 90 2.77 6.58 7.95
CA ILE A 90 1.37 6.32 7.90
C ILE A 90 1.07 5.45 9.10
N GLN A 91 -0.02 5.71 9.83
CA GLN A 91 -0.51 4.86 10.88
C GLN A 91 -1.91 4.53 10.45
N TYR A 92 -2.15 3.24 10.14
CA TYR A 92 -3.36 2.63 9.61
C TYR A 92 -4.62 2.83 10.50
N ILE A 93 -5.81 2.93 9.87
CA ILE A 93 -7.17 3.09 10.38
C ILE A 93 -7.67 1.68 10.56
N ASP A 94 -7.89 1.19 11.81
CA ASP A 94 -8.31 -0.19 12.07
C ASP A 94 -9.75 -0.45 11.74
N ARG A 95 -9.94 -0.98 10.51
CA ARG A 95 -11.13 -1.35 9.80
C ARG A 95 -12.10 -2.23 10.55
N ASP A 96 -12.02 -3.56 10.43
CA ASP A 96 -12.66 -4.45 11.37
C ASP A 96 -11.55 -4.95 12.30
N PRO A 97 -11.40 -4.65 13.62
CA PRO A 97 -10.30 -5.11 14.51
C PRO A 97 -10.19 -6.62 14.66
N GLU A 98 -11.32 -7.36 14.47
CA GLU A 98 -11.43 -8.80 14.35
C GLU A 98 -10.78 -9.29 13.07
N THR A 99 -10.63 -8.45 12.01
CA THR A 99 -9.85 -8.79 10.82
C THR A 99 -8.36 -8.67 11.12
N ILE A 100 -7.92 -7.58 11.81
CA ILE A 100 -6.56 -7.25 12.23
C ILE A 100 -6.03 -8.23 13.27
N ARG A 101 -6.76 -8.55 14.38
CA ARG A 101 -6.34 -9.59 15.34
C ARG A 101 -6.43 -11.03 14.79
N ARG A 102 -7.28 -11.30 13.75
CA ARG A 102 -7.33 -12.57 13.00
C ARG A 102 -6.21 -12.66 11.99
N GLN A 103 -5.88 -11.50 11.33
CA GLN A 103 -4.75 -11.26 10.44
C GLN A 103 -3.41 -11.51 11.10
N LEU A 104 -3.17 -11.01 12.33
CA LEU A 104 -1.96 -11.28 13.06
C LEU A 104 -1.92 -12.63 13.80
N GLU A 105 -2.97 -12.97 14.60
CA GLU A 105 -2.98 -14.13 15.47
C GLU A 105 -3.34 -15.49 14.87
N LEU A 106 -4.51 -15.62 14.18
CA LEU A 106 -5.06 -16.86 13.61
C LEU A 106 -4.53 -17.26 12.25
N GLU A 107 -4.59 -16.29 11.27
CA GLU A 107 -4.23 -16.40 9.85
C GLU A 107 -2.78 -16.79 9.59
N LYS A 108 -1.97 -16.55 10.63
CA LYS A 108 -0.54 -16.83 10.68
C LYS A 108 -0.15 -18.21 11.21
N LYS A 109 -1.13 -19.02 11.70
CA LYS A 109 -1.00 -20.37 12.25
C LYS A 109 -1.18 -21.46 11.19
N LYS A 110 -0.58 -21.26 9.99
CA LYS A 110 -0.64 -22.15 8.82
C LYS A 110 0.32 -23.34 8.92
N LYS A 111 0.11 -24.15 9.99
CA LYS A 111 0.82 -25.36 10.40
C LYS A 111 2.21 -25.12 10.97
N GLY A 1 13.43 -3.37 -27.58
CA GLY A 1 13.24 -3.51 -29.01
C GLY A 1 13.47 -4.93 -29.42
N GLN A 2 13.73 -5.80 -28.43
CA GLN A 2 13.96 -7.22 -28.62
C GLN A 2 13.17 -7.96 -27.59
N ARG A 3 12.94 -9.29 -27.84
CA ARG A 3 12.31 -10.30 -26.99
C ARG A 3 10.88 -10.05 -26.50
N GLN A 4 10.65 -8.87 -25.88
CA GLN A 4 9.37 -8.33 -25.45
C GLN A 4 8.86 -7.39 -26.53
N LEU A 5 9.78 -6.68 -27.26
CA LEU A 5 9.60 -5.67 -28.31
C LEU A 5 8.50 -4.63 -28.05
N LEU A 6 8.52 -4.12 -26.78
CA LEU A 6 7.54 -3.32 -26.10
C LEU A 6 7.44 -1.88 -26.54
N LEU A 7 8.62 -1.24 -26.79
CA LEU A 7 8.84 0.17 -27.16
C LEU A 7 8.77 1.09 -25.98
N ALA A 8 8.59 0.47 -24.78
CA ALA A 8 8.50 1.07 -23.47
C ALA A 8 7.10 1.65 -23.20
N SER A 9 6.13 1.19 -24.03
CA SER A 9 4.73 1.58 -24.23
C SER A 9 3.74 1.48 -23.06
N GLU A 10 4.08 2.07 -21.89
CA GLU A 10 3.21 2.20 -20.72
C GLU A 10 3.52 3.50 -19.97
N ASN A 11 2.47 4.08 -19.34
CA ASN A 11 2.52 5.20 -18.41
C ASN A 11 1.46 4.76 -17.41
N PRO A 12 1.72 4.36 -16.14
CA PRO A 12 0.74 3.64 -15.31
C PRO A 12 -0.25 4.51 -14.54
N GLN A 13 -1.17 5.18 -15.26
CA GLN A 13 -2.23 6.04 -14.75
C GLN A 13 -3.61 5.39 -14.91
N GLN A 14 -3.93 4.88 -16.13
CA GLN A 14 -5.12 4.15 -16.57
C GLN A 14 -5.18 2.75 -15.96
N PHE A 15 -3.99 2.32 -15.50
CA PHE A 15 -3.71 1.08 -14.80
C PHE A 15 -3.72 1.28 -13.28
N MET A 16 -4.28 2.44 -12.78
CA MET A 16 -4.55 2.69 -11.34
C MET A 16 -5.74 1.88 -10.84
N ASP A 17 -6.68 1.49 -11.76
CA ASP A 17 -7.77 0.56 -11.45
C ASP A 17 -7.29 -0.89 -11.32
N TYR A 18 -6.38 -1.34 -12.23
CA TYR A 18 -5.67 -2.62 -12.17
C TYR A 18 -4.59 -2.75 -11.07
N PHE A 19 -3.60 -1.81 -10.97
CA PHE A 19 -2.50 -1.82 -10.00
C PHE A 19 -2.88 -1.43 -8.59
N SER A 20 -3.71 -0.35 -8.39
CA SER A 20 -4.21 0.08 -7.08
C SER A 20 -5.23 -0.85 -6.41
N GLU A 21 -6.05 -1.62 -7.18
CA GLU A 21 -6.97 -2.66 -6.69
C GLU A 21 -6.20 -3.86 -6.15
N GLU A 22 -5.09 -4.24 -6.83
CA GLU A 22 -4.12 -5.24 -6.38
C GLU A 22 -3.21 -4.74 -5.26
N PHE A 23 -2.59 -3.53 -5.44
CA PHE A 23 -1.70 -2.88 -4.48
C PHE A 23 -2.39 -2.50 -3.18
N ARG A 24 -3.59 -1.85 -3.11
CA ARG A 24 -4.27 -1.62 -1.83
C ARG A 24 -4.80 -2.89 -1.19
N ASN A 25 -5.20 -3.97 -1.94
CA ASN A 25 -5.52 -5.28 -1.36
C ASN A 25 -4.34 -6.02 -0.75
N ASP A 26 -3.21 -6.18 -1.49
CA ASP A 26 -1.99 -6.82 -1.01
C ASP A 26 -1.21 -6.02 0.04
N PHE A 27 -1.13 -4.66 -0.10
CA PHE A 27 -0.55 -3.68 0.84
C PHE A 27 -1.38 -3.58 2.10
N LEU A 28 -2.75 -3.45 2.03
CA LEU A 28 -3.61 -3.49 3.21
C LEU A 28 -3.64 -4.85 3.88
N GLU A 29 -3.55 -6.02 3.15
CA GLU A 29 -3.32 -7.35 3.76
C GLU A 29 -2.01 -7.43 4.55
N LEU A 30 -0.86 -7.06 3.91
CA LEU A 30 0.49 -6.98 4.48
C LEU A 30 0.62 -6.05 5.69
N LEU A 31 -0.11 -4.89 5.66
CA LEU A 31 -0.30 -3.84 6.66
C LEU A 31 -1.08 -4.36 7.86
N ARG A 32 -2.29 -4.94 7.63
CA ARG A 32 -3.19 -5.53 8.58
C ARG A 32 -2.69 -6.78 9.29
N ARG A 33 -2.10 -7.82 8.61
CA ARG A 33 -1.44 -8.94 9.28
C ARG A 33 -0.14 -8.66 9.92
N ARG A 34 0.82 -8.03 9.21
CA ARG A 34 2.15 -8.02 9.75
C ARG A 34 2.39 -6.90 10.79
N PHE A 35 1.71 -5.75 10.59
CA PHE A 35 1.86 -4.53 11.37
C PHE A 35 0.61 -4.24 12.24
N GLY A 36 -0.64 -4.46 11.69
CA GLY A 36 -1.93 -4.06 12.24
C GLY A 36 -2.19 -2.63 11.98
N THR A 37 -2.11 -1.84 13.07
CA THR A 37 -2.16 -0.40 13.05
C THR A 37 -0.87 0.01 13.77
N LYS A 38 0.10 0.54 13.01
CA LYS A 38 1.37 1.07 13.50
C LYS A 38 1.80 2.20 12.61
N ARG A 39 2.55 3.22 13.12
CA ARG A 39 3.17 4.28 12.32
C ARG A 39 4.40 3.74 11.57
N VAL A 40 4.26 3.57 10.24
CA VAL A 40 5.26 2.94 9.41
C VAL A 40 5.17 3.60 8.07
N HIS A 41 6.33 3.77 7.38
CA HIS A 41 6.51 4.41 6.08
C HIS A 41 6.02 3.51 4.95
N ASN A 42 5.19 4.03 3.98
CA ASN A 42 4.61 3.23 2.87
C ASN A 42 5.60 2.45 2.03
N ASN A 43 6.80 3.03 1.73
CA ASN A 43 7.93 2.36 1.06
C ASN A 43 8.48 1.11 1.79
N ILE A 44 8.32 1.03 3.15
CA ILE A 44 8.61 -0.12 4.01
C ILE A 44 7.55 -1.20 3.90
N VAL A 45 6.25 -0.81 3.88
CA VAL A 45 5.13 -1.74 3.65
C VAL A 45 5.08 -2.18 2.16
N TYR A 46 5.50 -1.26 1.21
CA TYR A 46 5.68 -1.47 -0.24
C TYR A 46 6.80 -2.44 -0.49
N ASN A 47 8.05 -2.20 0.07
CA ASN A 47 9.22 -3.09 -0.06
C ASN A 47 9.02 -4.42 0.56
N GLU A 48 8.15 -4.45 1.61
CA GLU A 48 7.84 -5.67 2.32
C GLU A 48 6.87 -6.53 1.50
N TYR A 49 5.86 -5.85 0.87
CA TYR A 49 4.86 -6.34 -0.08
C TYR A 49 5.51 -6.82 -1.39
N ILE A 50 6.36 -6.01 -2.07
CA ILE A 50 6.97 -6.36 -3.36
C ILE A 50 8.13 -7.32 -3.36
N SER A 51 8.81 -7.56 -2.22
CA SER A 51 9.84 -8.61 -2.11
C SER A 51 9.16 -10.01 -1.92
N HIS A 52 8.28 -10.33 -2.89
CA HIS A 52 7.36 -11.43 -3.10
C HIS A 52 7.27 -11.40 -4.64
N ARG A 53 6.34 -12.14 -5.32
CA ARG A 53 6.20 -12.16 -6.80
C ARG A 53 5.81 -10.85 -7.51
N GLU A 54 4.88 -10.17 -6.81
CA GLU A 54 4.06 -9.02 -7.05
C GLU A 54 4.62 -7.65 -7.33
N HIS A 55 5.94 -7.53 -7.63
CA HIS A 55 6.78 -6.34 -7.85
C HIS A 55 6.29 -5.05 -8.56
N ILE A 56 5.20 -4.46 -8.04
CA ILE A 56 4.54 -3.18 -8.33
C ILE A 56 5.16 -2.16 -7.41
N HIS A 57 6.05 -1.28 -7.88
CA HIS A 57 6.69 -0.27 -7.04
C HIS A 57 5.89 1.02 -7.07
N MET A 58 6.31 2.16 -6.43
CA MET A 58 5.61 3.47 -6.53
C MET A 58 5.58 4.05 -7.94
N ASN A 59 6.35 3.40 -8.80
CA ASN A 59 6.62 3.54 -10.19
C ASN A 59 5.61 2.78 -11.08
N ALA A 60 4.62 2.05 -10.46
CA ALA A 60 3.57 1.27 -11.12
C ALA A 60 2.14 1.78 -10.81
N THR A 61 2.04 3.05 -10.37
CA THR A 61 0.78 3.70 -9.96
C THR A 61 0.83 5.21 -10.28
N GLN A 62 -0.32 5.96 -10.12
CA GLN A 62 -0.50 7.37 -10.49
C GLN A 62 0.03 8.43 -9.53
N TRP A 63 0.60 7.94 -8.41
CA TRP A 63 1.25 8.70 -7.35
C TRP A 63 2.75 8.59 -7.61
N GLU A 64 3.42 9.69 -8.05
CA GLU A 64 4.85 9.70 -8.40
C GLU A 64 5.74 9.78 -7.17
N THR A 65 5.28 10.57 -6.17
CA THR A 65 5.94 10.78 -4.89
C THR A 65 5.20 9.96 -3.86
N LEU A 66 5.76 9.77 -2.63
CA LEU A 66 5.09 9.05 -1.54
C LEU A 66 3.93 9.84 -0.95
N THR A 67 4.08 11.19 -0.91
CA THR A 67 3.19 12.25 -0.42
C THR A 67 1.85 12.22 -1.11
N ASP A 68 1.77 11.92 -2.44
CA ASP A 68 0.53 11.75 -3.19
C ASP A 68 -0.24 10.47 -2.92
N PHE A 69 0.46 9.35 -2.55
CA PHE A 69 -0.13 8.09 -2.09
C PHE A 69 -0.68 8.24 -0.68
N THR A 70 0.03 9.06 0.13
CA THR A 70 -0.32 9.43 1.49
C THR A 70 -1.52 10.38 1.58
N LYS A 71 -1.63 11.30 0.56
CA LYS A 71 -2.85 12.11 0.30
C LYS A 71 -4.12 11.30 -0.05
N TRP A 72 -4.01 10.28 -0.95
CA TRP A 72 -5.12 9.43 -1.43
C TRP A 72 -5.54 8.40 -0.41
N LEU A 73 -4.57 7.65 0.19
CA LEU A 73 -4.71 6.63 1.23
C LEU A 73 -5.19 7.11 2.60
N GLY A 74 -4.75 8.34 2.90
CA GLY A 74 -5.23 9.26 3.94
C GLY A 74 -6.68 9.70 3.86
N ARG A 75 -7.24 9.71 2.62
CA ARG A 75 -8.58 10.15 2.27
C ARG A 75 -9.69 9.15 2.48
N GLU A 76 -9.40 7.87 2.15
CA GLU A 76 -10.33 6.76 2.11
C GLU A 76 -10.72 6.20 3.45
N GLY A 77 -9.91 6.51 4.48
CA GLY A 77 -10.21 6.03 5.84
C GLY A 77 -9.70 4.64 6.15
N LEU A 78 -8.64 4.20 5.43
CA LEU A 78 -7.92 2.96 5.74
C LEU A 78 -6.64 3.34 6.43
N CYS A 79 -5.96 4.48 6.15
CA CYS A 79 -4.71 4.86 6.83
C CYS A 79 -4.59 6.33 7.24
N LYS A 80 -4.08 6.66 8.46
CA LYS A 80 -3.92 8.05 8.92
C LYS A 80 -2.46 8.47 8.93
N VAL A 81 -2.10 9.55 8.23
CA VAL A 81 -0.74 9.96 8.00
C VAL A 81 -0.19 11.06 8.89
N ASP A 82 1.16 11.02 8.96
CA ASP A 82 2.03 11.96 9.67
C ASP A 82 3.33 12.15 8.90
N GLU A 83 3.99 13.35 8.97
CA GLU A 83 5.26 13.59 8.31
C GLU A 83 6.32 13.99 9.34
N THR A 84 7.55 13.43 9.11
CA THR A 84 8.78 13.55 9.87
C THR A 84 9.85 14.12 8.99
N PRO A 85 11.06 14.38 9.54
CA PRO A 85 12.21 14.66 8.74
C PRO A 85 12.81 13.50 7.90
N LYS A 86 12.30 12.24 7.98
CA LYS A 86 12.83 11.09 7.28
C LYS A 86 11.87 10.58 6.19
N GLY A 87 10.62 11.12 6.10
CA GLY A 87 9.64 10.62 5.13
C GLY A 87 8.20 10.81 5.53
N TRP A 88 7.32 10.05 4.84
CA TRP A 88 5.88 9.97 5.03
C TRP A 88 5.52 8.62 5.64
N TYR A 89 4.99 8.68 6.89
CA TYR A 89 4.61 7.60 7.77
C TYR A 89 3.10 7.58 7.81
N ILE A 90 2.52 6.37 7.87
CA ILE A 90 1.11 6.11 7.92
C ILE A 90 0.89 5.24 9.12
N GLN A 91 -0.15 5.51 9.90
CA GLN A 91 -0.64 4.72 10.99
C GLN A 91 -2.04 4.38 10.58
N TYR A 92 -2.26 3.09 10.29
CA TYR A 92 -3.50 2.48 9.80
C TYR A 92 -4.73 2.66 10.71
N ILE A 93 -5.92 2.75 10.10
CA ILE A 93 -7.26 2.87 10.65
C ILE A 93 -7.69 1.44 10.78
N ASP A 94 -7.93 0.90 12.00
CA ASP A 94 -8.14 -0.54 12.23
C ASP A 94 -9.33 -1.28 11.63
N ARG A 95 -10.29 -0.51 11.04
CA ARG A 95 -11.49 -0.94 10.35
C ARG A 95 -12.46 -1.61 11.32
N ASP A 96 -12.49 -2.95 11.28
CA ASP A 96 -12.99 -3.81 12.35
C ASP A 96 -11.76 -4.36 13.04
N PRO A 97 -11.27 -4.05 14.26
CA PRO A 97 -10.03 -4.59 14.84
C PRO A 97 -9.92 -6.09 15.01
N GLU A 98 -11.03 -6.88 14.95
CA GLU A 98 -10.98 -8.34 14.86
C GLU A 98 -10.38 -8.75 13.52
N THR A 99 -10.49 -7.88 12.46
CA THR A 99 -9.81 -8.07 11.17
C THR A 99 -8.29 -8.10 11.28
N ILE A 100 -7.72 -7.26 12.21
CA ILE A 100 -6.32 -7.08 12.61
C ILE A 100 -5.85 -8.24 13.45
N ARG A 101 -6.63 -8.60 14.50
CA ARG A 101 -6.35 -9.65 15.49
C ARG A 101 -6.48 -11.03 14.84
N ARG A 102 -7.50 -11.24 13.97
CA ARG A 102 -7.64 -12.42 13.10
C ARG A 102 -6.58 -12.43 12.00
N GLN A 103 -6.06 -11.21 11.61
CA GLN A 103 -4.93 -11.04 10.71
C GLN A 103 -3.55 -11.38 11.25
N LEU A 104 -3.22 -10.99 12.51
CA LEU A 104 -1.94 -11.29 13.15
C LEU A 104 -1.90 -12.70 13.75
N GLU A 105 -3.03 -13.12 14.40
CA GLU A 105 -3.15 -14.39 15.11
C GLU A 105 -3.47 -15.64 14.27
N LEU A 106 -4.58 -15.64 13.47
CA LEU A 106 -5.06 -16.80 12.70
C LEU A 106 -4.40 -17.03 11.35
N GLU A 107 -4.26 -15.93 10.54
CA GLU A 107 -3.69 -15.84 9.19
C GLU A 107 -2.20 -16.13 9.13
N LYS A 108 -1.59 -16.23 10.32
CA LYS A 108 -0.17 -16.49 10.55
C LYS A 108 0.15 -17.90 11.03
N LYS A 109 -0.88 -18.77 11.25
CA LYS A 109 -0.80 -20.15 11.73
C LYS A 109 -0.13 -21.15 10.77
N LYS A 110 1.22 -21.25 10.92
CA LYS A 110 2.19 -22.04 10.17
C LYS A 110 2.73 -21.29 8.96
N LYS A 111 2.74 -19.93 9.01
CA LYS A 111 3.21 -19.05 7.95
C LYS A 111 4.60 -18.53 8.23
N GLY A 1 17.42 -7.56 -22.18
CA GLY A 1 17.56 -7.87 -20.77
C GLY A 1 18.13 -6.68 -20.08
N GLN A 2 19.27 -6.17 -20.62
CA GLN A 2 20.05 -5.03 -20.18
C GLN A 2 19.46 -3.68 -20.62
N ARG A 3 20.01 -3.13 -21.74
CA ARG A 3 19.68 -1.86 -22.36
C ARG A 3 18.51 -1.99 -23.34
N GLN A 4 17.35 -2.39 -22.76
CA GLN A 4 16.06 -2.62 -23.39
C GLN A 4 15.16 -1.40 -23.44
N LEU A 5 15.47 -0.34 -22.63
CA LEU A 5 14.78 0.95 -22.52
C LEU A 5 13.40 0.89 -21.85
N LEU A 6 12.51 0.02 -22.39
CA LEU A 6 11.20 -0.36 -21.90
C LEU A 6 10.07 0.67 -21.96
N LEU A 7 10.26 1.82 -21.24
CA LEU A 7 9.39 2.99 -21.07
C LEU A 7 8.21 2.82 -20.14
N ALA A 8 7.73 1.56 -19.99
CA ALA A 8 6.73 1.12 -19.05
C ALA A 8 5.29 1.43 -19.48
N SER A 9 5.07 1.52 -20.82
CA SER A 9 3.84 1.92 -21.52
C SER A 9 2.59 1.06 -21.42
N GLU A 10 2.19 0.75 -20.17
CA GLU A 10 0.97 0.03 -19.79
C GLU A 10 -0.20 0.98 -19.57
N ASN A 11 0.11 2.28 -19.32
CA ASN A 11 -0.74 3.44 -19.09
C ASN A 11 -1.22 3.50 -17.62
N PRO A 12 -0.28 3.71 -16.64
CA PRO A 12 -0.50 3.53 -15.19
C PRO A 12 -1.39 4.59 -14.52
N GLN A 13 -1.50 5.83 -15.09
CA GLN A 13 -2.36 6.94 -14.65
C GLN A 13 -3.81 6.80 -15.14
N GLN A 14 -4.04 5.78 -16.02
CA GLN A 14 -5.31 5.34 -16.58
C GLN A 14 -5.66 4.06 -15.85
N PHE A 15 -4.73 3.08 -15.87
CA PHE A 15 -4.80 1.80 -15.21
C PHE A 15 -4.35 1.82 -13.75
N MET A 16 -4.66 2.95 -13.01
CA MET A 16 -4.51 3.21 -11.57
C MET A 16 -5.24 2.16 -10.80
N ASP A 17 -6.46 1.79 -11.29
CA ASP A 17 -7.37 0.75 -10.79
C ASP A 17 -6.73 -0.63 -10.59
N TYR A 18 -5.91 -1.13 -11.57
CA TYR A 18 -5.15 -2.36 -11.48
C TYR A 18 -3.98 -2.31 -10.48
N PHE A 19 -3.09 -1.27 -10.59
CA PHE A 19 -1.91 -1.07 -9.74
C PHE A 19 -2.25 -0.65 -8.31
N SER A 20 -3.32 0.19 -8.12
CA SER A 20 -3.88 0.55 -6.82
C SER A 20 -4.65 -0.59 -6.18
N GLU A 21 -5.34 -1.49 -6.94
CA GLU A 21 -5.92 -2.74 -6.43
C GLU A 21 -4.87 -3.80 -6.06
N GLU A 22 -3.86 -4.08 -6.97
CA GLU A 22 -2.76 -5.05 -6.75
C GLU A 22 -1.83 -4.67 -5.60
N PHE A 23 -1.49 -3.37 -5.49
CA PHE A 23 -0.82 -2.80 -4.34
C PHE A 23 -1.72 -2.66 -3.11
N ARG A 24 -2.93 -2.04 -3.14
CA ARG A 24 -3.79 -1.87 -1.94
C ARG A 24 -4.37 -3.14 -1.35
N ASN A 25 -4.92 -4.13 -2.13
CA ASN A 25 -5.43 -5.40 -1.61
C ASN A 25 -4.39 -6.27 -0.87
N ASP A 26 -3.20 -6.50 -1.49
CA ASP A 26 -2.04 -7.23 -0.96
C ASP A 26 -1.20 -6.46 0.06
N PHE A 27 -1.04 -5.11 -0.06
CA PHE A 27 -0.37 -4.24 0.92
C PHE A 27 -1.20 -4.08 2.17
N LEU A 28 -2.56 -3.88 2.06
CA LEU A 28 -3.51 -3.73 3.17
C LEU A 28 -3.64 -4.99 3.97
N GLU A 29 -3.64 -6.16 3.26
CA GLU A 29 -3.59 -7.54 3.73
C GLU A 29 -2.40 -7.82 4.66
N LEU A 30 -1.17 -7.45 4.22
CA LEU A 30 0.11 -7.57 4.91
C LEU A 30 0.34 -6.53 5.99
N LEU A 31 -0.17 -5.27 5.78
CA LEU A 31 -0.24 -4.10 6.66
C LEU A 31 -1.04 -4.43 7.89
N ARG A 32 -2.27 -5.01 7.70
CA ARG A 32 -3.15 -5.59 8.68
C ARG A 32 -2.59 -6.79 9.46
N ARG A 33 -1.88 -7.81 8.85
CA ARG A 33 -1.17 -8.82 9.64
C ARG A 33 0.09 -8.43 10.32
N ARG A 34 1.07 -7.87 9.56
CA ARG A 34 2.41 -7.74 10.06
C ARG A 34 2.64 -6.53 10.98
N PHE A 35 1.88 -5.44 10.70
CA PHE A 35 1.95 -4.17 11.40
C PHE A 35 0.67 -3.94 12.22
N GLY A 36 -0.56 -4.38 11.74
CA GLY A 36 -1.89 -4.15 12.31
C GLY A 36 -2.34 -2.79 11.93
N THR A 37 -2.19 -1.87 12.91
CA THR A 37 -2.29 -0.45 12.70
C THR A 37 -1.06 0.03 13.45
N LYS A 38 -0.04 0.48 12.72
CA LYS A 38 1.18 1.02 13.30
C LYS A 38 1.77 2.04 12.38
N ARG A 39 2.35 3.13 12.93
CA ARG A 39 3.09 4.18 12.25
C ARG A 39 4.46 3.68 11.74
N VAL A 40 4.59 3.56 10.40
CA VAL A 40 5.74 2.98 9.73
C VAL A 40 5.80 3.69 8.40
N HIS A 41 7.00 3.76 7.76
CA HIS A 41 7.18 4.38 6.44
C HIS A 41 6.90 3.33 5.37
N ASN A 42 6.10 3.79 4.41
CA ASN A 42 5.60 3.07 3.24
C ASN A 42 6.64 2.41 2.34
N ASN A 43 7.87 3.00 2.28
CA ASN A 43 9.02 2.50 1.55
C ASN A 43 9.56 1.21 2.19
N ILE A 44 9.36 1.02 3.53
CA ILE A 44 9.62 -0.23 4.25
C ILE A 44 8.54 -1.28 3.95
N VAL A 45 7.25 -0.83 3.96
CA VAL A 45 6.04 -1.65 3.69
C VAL A 45 5.89 -2.09 2.20
N TYR A 46 6.27 -1.24 1.18
CA TYR A 46 6.33 -1.50 -0.29
C TYR A 46 7.33 -2.60 -0.61
N ASN A 47 8.58 -2.48 -0.09
CA ASN A 47 9.70 -3.41 -0.14
C ASN A 47 9.41 -4.72 0.57
N GLU A 48 8.50 -4.68 1.59
CA GLU A 48 7.97 -5.85 2.30
C GLU A 48 6.88 -6.59 1.49
N TYR A 49 6.02 -5.79 0.78
CA TYR A 49 4.95 -6.15 -0.15
C TYR A 49 5.45 -6.83 -1.43
N ILE A 50 6.50 -6.31 -2.09
CA ILE A 50 7.00 -6.81 -3.38
C ILE A 50 7.82 -8.07 -3.44
N SER A 51 8.45 -8.52 -2.34
CA SER A 51 9.23 -9.78 -2.28
C SER A 51 8.32 -11.06 -2.25
N HIS A 52 7.39 -11.08 -3.22
CA HIS A 52 6.24 -11.92 -3.46
C HIS A 52 6.08 -11.89 -4.99
N ARG A 53 4.90 -12.29 -5.56
CA ARG A 53 4.57 -12.26 -7.00
C ARG A 53 4.39 -10.88 -7.62
N GLU A 54 3.79 -10.00 -6.81
CA GLU A 54 3.23 -8.67 -7.00
C GLU A 54 4.13 -7.50 -7.29
N HIS A 55 5.44 -7.75 -7.59
CA HIS A 55 6.49 -6.76 -7.87
C HIS A 55 6.17 -5.55 -8.78
N ILE A 56 5.77 -4.46 -8.09
CA ILE A 56 5.38 -3.13 -8.50
C ILE A 56 6.27 -2.17 -7.75
N HIS A 57 6.54 -0.97 -8.30
CA HIS A 57 7.17 0.13 -7.59
C HIS A 57 6.09 1.20 -7.54
N MET A 58 6.01 2.10 -6.50
CA MET A 58 4.96 3.15 -6.30
C MET A 58 4.68 4.09 -7.43
N ASN A 59 5.69 4.17 -8.29
CA ASN A 59 5.91 4.94 -9.48
C ASN A 59 4.99 4.44 -10.63
N ALA A 60 4.50 3.15 -10.57
CA ALA A 60 3.50 2.52 -11.47
C ALA A 60 2.01 2.86 -11.20
N THR A 61 1.74 4.07 -10.69
CA THR A 61 0.44 4.55 -10.19
C THR A 61 0.05 5.92 -10.83
N GLN A 62 -0.80 6.73 -10.10
CA GLN A 62 -1.13 8.11 -10.46
C GLN A 62 -0.64 9.05 -9.35
N TRP A 63 0.15 8.47 -8.43
CA TRP A 63 0.80 9.06 -7.30
C TRP A 63 2.25 9.34 -7.74
N GLU A 64 2.60 10.63 -8.00
CA GLU A 64 3.89 11.11 -8.52
C GLU A 64 5.02 11.17 -7.49
N THR A 65 4.68 10.92 -6.22
CA THR A 65 5.55 10.94 -5.08
C THR A 65 4.71 10.18 -4.08
N LEU A 66 5.33 9.64 -2.97
CA LEU A 66 4.71 8.82 -1.93
C LEU A 66 3.53 9.48 -1.23
N THR A 67 3.60 10.83 -1.07
CA THR A 67 2.68 11.76 -0.42
C THR A 67 1.28 11.69 -0.98
N ASP A 68 1.12 11.57 -2.31
CA ASP A 68 -0.14 11.43 -3.03
C ASP A 68 -0.87 10.10 -2.88
N PHE A 69 -0.17 8.95 -2.63
CA PHE A 69 -0.77 7.64 -2.27
C PHE A 69 -1.37 7.72 -0.86
N THR A 70 -0.62 8.43 0.00
CA THR A 70 -0.94 8.69 1.41
C THR A 70 -2.12 9.66 1.56
N LYS A 71 -2.24 10.65 0.60
CA LYS A 71 -3.42 11.51 0.43
C LYS A 71 -4.69 10.76 -0.03
N TRP A 72 -4.58 9.75 -0.94
CA TRP A 72 -5.69 8.93 -1.48
C TRP A 72 -6.18 7.88 -0.48
N LEU A 73 -5.26 7.03 0.01
CA LEU A 73 -5.49 5.97 0.99
C LEU A 73 -5.88 6.45 2.38
N GLY A 74 -5.30 7.63 2.78
CA GLY A 74 -5.74 8.49 3.89
C GLY A 74 -7.14 9.06 3.75
N ARG A 75 -7.58 9.29 2.47
CA ARG A 75 -8.91 9.78 2.09
C ARG A 75 -9.99 8.71 2.02
N GLU A 76 -9.64 7.44 1.64
CA GLU A 76 -10.57 6.30 1.60
C GLU A 76 -10.84 5.70 2.97
N GLY A 77 -10.08 6.18 3.99
CA GLY A 77 -10.20 5.76 5.38
C GLY A 77 -9.41 4.52 5.70
N LEU A 78 -8.23 4.31 5.06
CA LEU A 78 -7.38 3.16 5.39
C LEU A 78 -6.09 3.65 6.00
N CYS A 79 -5.98 4.95 6.22
CA CYS A 79 -4.84 5.55 6.90
C CYS A 79 -5.08 6.86 7.61
N LYS A 80 -4.24 7.02 8.63
CA LYS A 80 -3.92 8.15 9.45
C LYS A 80 -2.45 8.48 9.14
N VAL A 81 -2.11 9.59 8.46
CA VAL A 81 -0.78 9.91 7.97
C VAL A 81 -0.16 11.10 8.69
N ASP A 82 1.18 11.02 8.84
CA ASP A 82 2.04 12.08 9.41
C ASP A 82 3.40 12.16 8.70
N GLU A 83 4.09 13.35 8.71
CA GLU A 83 5.39 13.53 8.07
C GLU A 83 6.42 14.07 9.07
N THR A 84 7.65 13.52 8.94
CA THR A 84 8.88 13.73 9.70
C THR A 84 9.97 14.24 8.80
N PRO A 85 11.16 14.55 9.35
CA PRO A 85 12.34 14.77 8.54
C PRO A 85 12.97 13.56 7.82
N LYS A 86 12.55 12.28 8.08
CA LYS A 86 13.15 11.12 7.44
C LYS A 86 12.20 10.42 6.46
N GLY A 87 10.91 10.84 6.38
CA GLY A 87 9.94 10.20 5.51
C GLY A 87 8.51 10.38 5.92
N TRP A 88 7.62 9.73 5.13
CA TRP A 88 6.17 9.66 5.23
C TRP A 88 5.74 8.42 6.04
N TYR A 89 5.26 8.63 7.29
CA TYR A 89 4.86 7.58 8.20
C TYR A 89 3.36 7.56 8.16
N ILE A 90 2.87 6.34 7.88
CA ILE A 90 1.52 5.97 7.65
C ILE A 90 1.21 5.04 8.81
N GLN A 91 0.02 5.23 9.42
CA GLN A 91 -0.52 4.50 10.53
C GLN A 91 -1.84 4.17 9.93
N TYR A 92 -2.11 2.89 9.68
CA TYR A 92 -3.33 2.41 9.06
C TYR A 92 -4.52 2.49 10.04
N ILE A 93 -5.74 2.71 9.50
CA ILE A 93 -7.01 2.88 10.20
C ILE A 93 -7.57 1.50 10.37
N ASP A 94 -7.80 1.00 11.62
CA ASP A 94 -8.34 -0.35 11.83
C ASP A 94 -9.82 -0.43 11.55
N ARG A 95 -10.13 -0.90 10.31
CA ARG A 95 -11.41 -1.11 9.66
C ARG A 95 -12.47 -1.74 10.53
N ASP A 96 -12.38 -3.06 10.75
CA ASP A 96 -12.89 -3.76 11.92
C ASP A 96 -11.65 -4.02 12.78
N PRO A 97 -11.46 -3.83 14.12
CA PRO A 97 -10.26 -4.24 14.87
C PRO A 97 -10.13 -5.76 15.01
N GLU A 98 -11.24 -6.53 14.81
CA GLU A 98 -11.22 -7.98 14.67
C GLU A 98 -10.53 -8.39 13.38
N THR A 99 -10.53 -7.56 12.30
CA THR A 99 -9.79 -7.86 11.06
C THR A 99 -8.27 -7.88 11.25
N ILE A 100 -7.72 -6.99 12.16
CA ILE A 100 -6.34 -6.87 12.65
C ILE A 100 -6.01 -8.01 13.61
N ARG A 101 -6.85 -8.27 14.65
CA ARG A 101 -6.67 -9.33 15.65
C ARG A 101 -6.80 -10.73 15.07
N ARG A 102 -7.77 -10.90 14.11
CA ARG A 102 -7.96 -12.11 13.30
C ARG A 102 -6.85 -12.22 12.24
N GLN A 103 -6.22 -11.06 11.89
CA GLN A 103 -5.02 -11.01 11.06
C GLN A 103 -3.76 -11.54 11.71
N LEU A 104 -3.43 -10.99 12.91
CA LEU A 104 -2.23 -11.31 13.68
C LEU A 104 -2.28 -12.64 14.43
N GLU A 105 -3.45 -12.96 15.09
CA GLU A 105 -3.64 -14.13 15.94
C GLU A 105 -3.95 -15.45 15.23
N LEU A 106 -4.78 -15.44 14.13
CA LEU A 106 -5.17 -16.65 13.40
C LEU A 106 -4.14 -17.16 12.41
N GLU A 107 -3.24 -16.24 11.97
CA GLU A 107 -2.06 -16.39 11.10
C GLU A 107 -1.01 -17.34 11.69
N LYS A 108 -1.21 -17.61 12.99
CA LYS A 108 -0.36 -18.44 13.84
C LYS A 108 -0.85 -19.88 13.96
N LYS A 109 -2.10 -20.14 13.50
CA LYS A 109 -2.82 -21.39 13.59
C LYS A 109 -3.03 -22.01 12.20
N LYS A 110 -1.91 -22.20 11.46
CA LYS A 110 -1.88 -22.73 10.09
C LYS A 110 -1.73 -24.24 10.00
N LYS A 111 -1.68 -24.94 11.16
CA LYS A 111 -1.57 -26.39 11.27
C LYS A 111 -2.12 -26.74 12.64
N GLY A 1 16.91 7.34 -16.96
CA GLY A 1 16.92 5.90 -16.75
C GLY A 1 18.35 5.46 -16.75
N GLN A 2 19.16 6.23 -17.51
CA GLN A 2 20.59 6.16 -17.67
C GLN A 2 21.24 7.40 -17.05
N ARG A 3 20.39 8.32 -16.56
CA ARG A 3 20.74 9.65 -16.05
C ARG A 3 19.51 10.28 -15.39
N GLN A 4 19.55 11.62 -15.14
CA GLN A 4 18.53 12.54 -14.61
C GLN A 4 18.02 12.33 -13.19
N LEU A 5 17.70 11.04 -12.89
CA LEU A 5 17.17 10.47 -11.67
C LEU A 5 15.65 10.54 -11.70
N LEU A 6 15.10 9.86 -12.74
CA LEU A 6 13.69 9.71 -13.04
C LEU A 6 12.97 8.65 -12.21
N LEU A 7 11.64 8.84 -11.98
CA LEU A 7 10.74 7.89 -11.34
C LEU A 7 9.83 7.35 -12.42
N ALA A 8 10.48 7.21 -13.61
CA ALA A 8 10.01 6.76 -14.89
C ALA A 8 9.23 7.87 -15.58
N SER A 9 8.14 8.30 -14.91
CA SER A 9 7.22 9.39 -15.24
C SER A 9 6.32 9.04 -16.40
N GLU A 10 5.76 7.81 -16.38
CA GLU A 10 4.98 7.21 -17.46
C GLU A 10 3.50 7.54 -17.45
N ASN A 11 2.93 7.82 -16.26
CA ASN A 11 1.53 8.12 -15.98
C ASN A 11 0.50 7.02 -16.24
N PRO A 12 0.64 5.78 -15.67
CA PRO A 12 -0.33 4.68 -15.80
C PRO A 12 -1.58 4.90 -14.93
N GLN A 13 -2.27 6.08 -15.08
CA GLN A 13 -3.50 6.54 -14.40
C GLN A 13 -4.71 5.73 -14.84
N GLN A 14 -4.71 5.35 -16.14
CA GLN A 14 -5.67 4.47 -16.79
C GLN A 14 -5.56 3.00 -16.37
N PHE A 15 -4.50 2.66 -15.59
CA PHE A 15 -4.22 1.35 -15.04
C PHE A 15 -4.30 1.44 -13.52
N MET A 16 -5.00 2.49 -12.95
CA MET A 16 -5.23 2.73 -11.50
C MET A 16 -6.02 1.62 -10.85
N ASP A 17 -7.03 1.05 -11.57
CA ASP A 17 -7.82 -0.13 -11.23
C ASP A 17 -6.95 -1.38 -10.96
N TYR A 18 -6.03 -1.77 -11.89
CA TYR A 18 -5.05 -2.85 -11.67
C TYR A 18 -3.92 -2.54 -10.67
N PHE A 19 -3.15 -1.41 -10.82
CA PHE A 19 -1.99 -1.12 -9.95
C PHE A 19 -2.37 -0.68 -8.55
N SER A 20 -3.52 0.07 -8.37
CA SER A 20 -4.11 0.34 -7.05
C SER A 20 -4.80 -0.87 -6.42
N GLU A 21 -5.40 -1.84 -7.19
CA GLU A 21 -5.93 -3.11 -6.66
C GLU A 21 -4.83 -4.08 -6.23
N GLU A 22 -3.81 -4.33 -7.12
CA GLU A 22 -2.67 -5.22 -6.88
C GLU A 22 -1.75 -4.75 -5.76
N PHE A 23 -1.46 -3.41 -5.69
CA PHE A 23 -0.81 -2.82 -4.54
C PHE A 23 -1.72 -2.70 -3.32
N ARG A 24 -2.94 -2.09 -3.38
CA ARG A 24 -3.77 -1.91 -2.18
C ARG A 24 -4.44 -3.11 -1.52
N ASN A 25 -4.92 -4.18 -2.27
CA ASN A 25 -5.50 -5.40 -1.69
C ASN A 25 -4.51 -6.20 -0.84
N ASP A 26 -3.31 -6.49 -1.41
CA ASP A 26 -2.14 -7.13 -0.80
C ASP A 26 -1.44 -6.26 0.23
N PHE A 27 -1.21 -4.93 -0.01
CA PHE A 27 -0.63 -3.96 0.93
C PHE A 27 -1.50 -3.73 2.16
N LEU A 28 -2.87 -3.52 2.05
CA LEU A 28 -3.76 -3.39 3.20
C LEU A 28 -3.87 -4.67 3.99
N GLU A 29 -3.85 -5.84 3.31
CA GLU A 29 -3.79 -7.19 3.90
C GLU A 29 -2.55 -7.42 4.74
N LEU A 30 -1.36 -7.15 4.16
CA LEU A 30 -0.02 -7.23 4.72
C LEU A 30 0.28 -6.25 5.85
N LEU A 31 -0.27 -5.00 5.74
CA LEU A 31 -0.32 -3.88 6.69
C LEU A 31 -1.15 -4.28 7.89
N ARG A 32 -2.38 -4.82 7.66
CA ARG A 32 -3.28 -5.37 8.66
C ARG A 32 -2.77 -6.60 9.41
N ARG A 33 -2.21 -7.65 8.74
CA ARG A 33 -1.56 -8.79 9.40
C ARG A 33 -0.23 -8.61 10.04
N ARG A 34 0.77 -8.08 9.29
CA ARG A 34 2.14 -8.02 9.75
C ARG A 34 2.46 -6.83 10.66
N PHE A 35 1.61 -5.77 10.58
CA PHE A 35 1.77 -4.52 11.30
C PHE A 35 0.58 -4.20 12.22
N GLY A 36 -0.74 -4.52 11.88
CA GLY A 36 -1.94 -4.01 12.55
C GLY A 36 -2.16 -2.57 12.20
N THR A 37 -2.11 -1.68 13.22
CA THR A 37 -2.08 -0.25 13.02
C THR A 37 -0.79 0.14 13.74
N LYS A 38 0.25 0.52 12.98
CA LYS A 38 1.55 0.96 13.50
C LYS A 38 2.07 2.10 12.68
N ARG A 39 2.74 3.11 13.29
CA ARG A 39 3.46 4.17 12.58
C ARG A 39 4.81 3.65 12.06
N VAL A 40 4.83 3.47 10.75
CA VAL A 40 5.82 2.78 9.95
C VAL A 40 5.91 3.59 8.69
N HIS A 41 7.03 3.54 7.93
CA HIS A 41 7.20 4.28 6.68
C HIS A 41 6.59 3.50 5.52
N ASN A 42 5.93 4.18 4.54
CA ASN A 42 5.25 3.56 3.39
C ASN A 42 6.14 2.77 2.40
N ASN A 43 7.45 3.16 2.27
CA ASN A 43 8.51 2.43 1.54
C ASN A 43 8.74 1.10 2.23
N ILE A 44 8.92 1.00 3.57
CA ILE A 44 9.00 -0.25 4.35
C ILE A 44 7.83 -1.23 4.18
N VAL A 45 6.57 -0.74 4.14
CA VAL A 45 5.37 -1.58 3.85
C VAL A 45 5.31 -2.00 2.37
N TYR A 46 5.66 -1.10 1.37
CA TYR A 46 5.75 -1.36 -0.09
C TYR A 46 6.84 -2.36 -0.41
N ASN A 47 8.08 -2.11 0.10
CA ASN A 47 9.32 -2.89 0.04
C ASN A 47 9.18 -4.29 0.63
N GLU A 48 8.28 -4.39 1.65
CA GLU A 48 7.92 -5.61 2.36
C GLU A 48 6.90 -6.42 1.57
N TYR A 49 5.84 -5.72 1.05
CA TYR A 49 4.74 -6.19 0.19
C TYR A 49 5.22 -6.84 -1.11
N ILE A 50 6.19 -6.23 -1.81
CA ILE A 50 6.70 -6.68 -3.11
C ILE A 50 7.72 -7.78 -3.20
N SER A 51 8.18 -8.36 -2.07
CA SER A 51 9.11 -9.51 -2.07
C SER A 51 8.38 -10.87 -2.21
N HIS A 52 7.05 -10.78 -2.48
CA HIS A 52 6.05 -11.79 -2.79
C HIS A 52 5.88 -11.79 -4.34
N ARG A 53 4.72 -12.21 -4.92
CA ARG A 53 4.49 -12.24 -6.39
C ARG A 53 4.40 -10.88 -7.11
N GLU A 54 3.71 -9.97 -6.39
CA GLU A 54 3.16 -8.66 -6.63
C GLU A 54 4.05 -7.50 -6.96
N HIS A 55 5.37 -7.74 -7.25
CA HIS A 55 6.41 -6.75 -7.56
C HIS A 55 6.06 -5.67 -8.59
N ILE A 56 5.79 -4.50 -7.97
CA ILE A 56 5.37 -3.20 -8.43
C ILE A 56 6.30 -2.31 -7.65
N HIS A 57 6.48 -1.05 -8.07
CA HIS A 57 7.09 -0.01 -7.27
C HIS A 57 6.15 1.16 -7.45
N MET A 58 6.06 2.15 -6.49
CA MET A 58 5.12 3.30 -6.40
C MET A 58 4.94 4.23 -7.56
N ASN A 59 5.88 4.06 -8.47
CA ASN A 59 6.20 4.76 -9.66
C ASN A 59 5.33 4.21 -10.85
N ALA A 60 4.81 2.95 -10.67
CA ALA A 60 3.88 2.16 -11.51
C ALA A 60 2.41 2.34 -11.15
N THR A 61 1.95 3.60 -10.95
CA THR A 61 0.58 3.87 -10.47
C THR A 61 0.20 5.33 -10.74
N GLN A 62 -0.97 5.78 -10.22
CA GLN A 62 -1.58 7.12 -10.43
C GLN A 62 -0.91 8.29 -9.70
N TRP A 63 -0.25 7.96 -8.58
CA TRP A 63 0.42 8.88 -7.69
C TRP A 63 1.89 9.01 -8.10
N GLU A 64 2.36 10.23 -8.51
CA GLU A 64 3.74 10.51 -8.91
C GLU A 64 4.75 10.45 -7.78
N THR A 65 4.39 11.14 -6.68
CA THR A 65 5.17 11.28 -5.46
C THR A 65 4.49 10.39 -4.42
N LEU A 66 5.17 9.92 -3.32
CA LEU A 66 4.58 9.07 -2.25
C LEU A 66 3.52 9.82 -1.43
N THR A 67 3.65 11.17 -1.32
CA THR A 67 2.84 12.19 -0.68
C THR A 67 1.45 12.20 -1.24
N ASP A 68 1.27 12.01 -2.58
CA ASP A 68 -0.04 11.84 -3.22
C ASP A 68 -0.74 10.49 -3.02
N PHE A 69 0.03 9.37 -2.82
CA PHE A 69 -0.48 8.04 -2.44
C PHE A 69 -0.92 8.05 -0.98
N THR A 70 -0.19 8.84 -0.14
CA THR A 70 -0.47 9.10 1.27
C THR A 70 -1.68 10.02 1.43
N LYS A 71 -1.82 11.03 0.50
CA LYS A 71 -3.07 11.83 0.36
C LYS A 71 -4.33 11.03 -0.06
N TRP A 72 -4.20 10.05 -0.98
CA TRP A 72 -5.31 9.22 -1.49
C TRP A 72 -5.69 8.07 -0.54
N LEU A 73 -4.72 7.22 -0.08
CA LEU A 73 -4.90 6.08 0.84
C LEU A 73 -5.34 6.43 2.25
N GLY A 74 -4.81 7.60 2.72
CA GLY A 74 -5.23 8.34 3.92
C GLY A 74 -6.65 8.86 3.86
N ARG A 75 -7.13 9.10 2.62
CA ARG A 75 -8.46 9.58 2.28
C ARG A 75 -9.54 8.53 2.21
N GLU A 76 -9.17 7.23 2.09
CA GLU A 76 -10.10 6.12 2.06
C GLU A 76 -10.66 5.76 3.43
N GLY A 77 -9.94 6.17 4.51
CA GLY A 77 -10.31 5.75 5.87
C GLY A 77 -9.62 4.46 6.24
N LEU A 78 -8.49 4.15 5.54
CA LEU A 78 -7.63 3.00 5.80
C LEU A 78 -6.42 3.39 6.54
N CYS A 79 -5.81 4.52 6.17
CA CYS A 79 -4.60 5.02 6.80
C CYS A 79 -4.64 6.43 7.38
N LYS A 80 -3.73 6.67 8.34
CA LYS A 80 -3.42 7.88 9.07
C LYS A 80 -1.99 8.26 8.66
N VAL A 81 -1.66 9.57 8.51
CA VAL A 81 -0.38 9.98 7.96
C VAL A 81 0.20 11.16 8.70
N ASP A 82 1.55 11.12 8.86
CA ASP A 82 2.34 12.21 9.45
C ASP A 82 3.66 12.34 8.71
N GLU A 83 4.24 13.58 8.65
CA GLU A 83 5.54 13.82 8.02
C GLU A 83 6.49 14.42 9.06
N THR A 84 7.76 13.94 8.99
CA THR A 84 8.90 14.24 9.82
C THR A 84 10.00 14.81 8.97
N PRO A 85 11.13 15.21 9.59
CA PRO A 85 12.34 15.48 8.86
C PRO A 85 13.09 14.29 8.22
N LYS A 86 12.63 13.01 8.38
CA LYS A 86 13.32 11.84 7.85
C LYS A 86 12.50 11.09 6.80
N GLY A 87 11.21 11.47 6.57
CA GLY A 87 10.37 10.77 5.61
C GLY A 87 8.89 10.93 5.85
N TRP A 88 8.10 10.01 5.22
CA TRP A 88 6.64 9.89 5.30
C TRP A 88 6.32 8.62 6.08
N TYR A 89 5.65 8.79 7.24
CA TYR A 89 5.28 7.77 8.19
C TYR A 89 3.77 7.68 8.15
N ILE A 90 3.25 6.46 7.92
CA ILE A 90 1.86 6.09 7.89
C ILE A 90 1.60 5.15 9.06
N GLN A 91 0.42 5.33 9.66
CA GLN A 91 -0.21 4.57 10.71
C GLN A 91 -1.52 4.19 10.06
N TYR A 92 -2.07 3.02 10.31
CA TYR A 92 -3.32 2.53 9.77
C TYR A 92 -4.47 2.78 10.75
N ILE A 93 -5.69 2.97 10.22
CA ILE A 93 -6.99 3.25 10.82
C ILE A 93 -7.50 1.85 11.14
N ASP A 94 -7.83 1.48 12.41
CA ASP A 94 -8.26 0.10 12.71
C ASP A 94 -9.70 -0.19 12.33
N ARG A 95 -9.89 -0.47 11.01
CA ARG A 95 -11.09 -0.85 10.26
C ARG A 95 -12.07 -1.78 10.99
N ASP A 96 -12.00 -3.10 10.76
CA ASP A 96 -12.64 -4.08 11.65
C ASP A 96 -11.55 -4.70 12.52
N PRO A 97 -11.48 -4.56 13.86
CA PRO A 97 -10.45 -5.14 14.76
C PRO A 97 -10.39 -6.66 14.75
N GLU A 98 -11.56 -7.31 14.47
CA GLU A 98 -11.74 -8.72 14.21
C GLU A 98 -11.15 -9.12 12.87
N THR A 99 -10.94 -8.18 11.90
CA THR A 99 -10.14 -8.44 10.68
C THR A 99 -8.66 -8.42 11.04
N ILE A 100 -8.19 -7.39 11.80
CA ILE A 100 -6.82 -7.10 12.25
C ILE A 100 -6.28 -8.16 13.21
N ARG A 101 -7.01 -8.56 14.30
CA ARG A 101 -6.59 -9.64 15.21
C ARG A 101 -6.66 -11.04 14.58
N ARG A 102 -7.53 -11.23 13.54
CA ARG A 102 -7.65 -12.47 12.74
C ARG A 102 -6.54 -12.51 11.71
N GLN A 103 -6.15 -11.33 11.17
CA GLN A 103 -4.99 -11.07 10.31
C GLN A 103 -3.67 -11.40 10.99
N LEU A 104 -3.44 -10.96 12.24
CA LEU A 104 -2.23 -11.27 12.96
C LEU A 104 -2.17 -12.63 13.65
N GLU A 105 -3.25 -13.06 14.35
CA GLU A 105 -3.30 -14.32 15.11
C GLU A 105 -3.61 -15.61 14.34
N LEU A 106 -4.79 -15.66 13.67
CA LEU A 106 -5.37 -16.83 13.00
C LEU A 106 -4.82 -17.16 11.63
N GLU A 107 -4.76 -16.13 10.73
CA GLU A 107 -4.33 -16.13 9.32
C GLU A 107 -2.90 -16.60 9.07
N LYS A 108 -2.15 -16.71 10.19
CA LYS A 108 -0.78 -17.18 10.25
C LYS A 108 -0.66 -18.70 10.46
N LYS A 109 -1.79 -19.35 10.86
CA LYS A 109 -1.91 -20.77 11.18
C LYS A 109 -2.64 -21.50 10.05
N LYS A 110 -3.81 -22.17 10.34
CA LYS A 110 -4.68 -22.91 9.43
C LYS A 110 -4.14 -24.27 8.92
N LYS A 111 -2.90 -24.29 8.40
CA LYS A 111 -2.21 -25.45 7.86
C LYS A 111 -0.87 -25.60 8.56
N GLY A 1 20.85 9.38 -26.48
CA GLY A 1 20.01 8.89 -25.40
C GLY A 1 20.34 7.46 -25.10
N GLN A 2 21.60 7.07 -25.46
CA GLN A 2 22.30 5.79 -25.36
C GLN A 2 22.09 4.89 -24.13
N ARG A 3 22.22 3.54 -24.33
CA ARG A 3 22.23 2.49 -23.31
C ARG A 3 20.92 2.19 -22.55
N GLN A 4 20.24 3.25 -22.03
CA GLN A 4 18.96 3.19 -21.34
C GLN A 4 17.78 3.31 -22.28
N LEU A 5 17.83 4.33 -23.19
CA LEU A 5 16.83 4.74 -24.18
C LEU A 5 15.55 5.28 -23.52
N LEU A 6 15.68 6.24 -22.54
CA LEU A 6 14.55 6.81 -21.78
C LEU A 6 13.69 7.85 -22.53
N LEU A 7 12.40 7.92 -22.13
CA LEU A 7 11.40 8.85 -22.66
C LEU A 7 10.69 9.53 -21.51
N ALA A 8 11.45 9.71 -20.42
CA ALA A 8 11.14 10.43 -19.19
C ALA A 8 10.00 9.89 -18.30
N SER A 9 8.81 9.67 -18.90
CA SER A 9 7.60 9.11 -18.30
C SER A 9 7.20 7.88 -19.13
N GLU A 10 5.89 7.68 -19.29
CA GLU A 10 5.29 6.58 -20.03
C GLU A 10 3.80 6.83 -19.96
N ASN A 11 3.39 7.19 -18.72
CA ASN A 11 2.05 7.43 -18.20
C ASN A 11 1.31 6.12 -17.88
N PRO A 12 1.69 5.36 -16.83
CA PRO A 12 1.00 4.15 -16.37
C PRO A 12 -0.17 4.47 -15.42
N GLN A 13 -0.70 5.73 -15.41
CA GLN A 13 -1.77 6.31 -14.58
C GLN A 13 -3.15 5.66 -14.81
N GLN A 14 -3.39 5.24 -16.08
CA GLN A 14 -4.52 4.49 -16.64
C GLN A 14 -4.64 3.04 -16.13
N PHE A 15 -3.60 2.55 -15.41
CA PHE A 15 -3.46 1.26 -14.80
C PHE A 15 -3.66 1.32 -13.29
N MET A 16 -4.23 2.44 -12.73
CA MET A 16 -4.57 2.62 -11.29
C MET A 16 -5.60 1.59 -10.82
N ASP A 17 -6.60 1.22 -11.65
CA ASP A 17 -7.57 0.15 -11.38
C ASP A 17 -6.94 -1.25 -11.20
N TYR A 18 -6.00 -1.63 -12.12
CA TYR A 18 -5.19 -2.85 -12.09
C TYR A 18 -4.11 -2.88 -11.01
N PHE A 19 -3.25 -1.84 -10.94
CA PHE A 19 -2.13 -1.72 -10.00
C PHE A 19 -2.56 -1.41 -8.57
N SER A 20 -3.68 -0.64 -8.38
CA SER A 20 -4.33 -0.45 -7.06
C SER A 20 -5.08 -1.68 -6.57
N GLU A 21 -5.64 -2.54 -7.48
CA GLU A 21 -6.22 -3.85 -7.11
C GLU A 21 -5.14 -4.85 -6.67
N GLU A 22 -3.93 -4.81 -7.30
CA GLU A 22 -2.75 -5.58 -6.90
C GLU A 22 -2.04 -5.03 -5.65
N PHE A 23 -1.75 -3.69 -5.60
CA PHE A 23 -1.14 -3.01 -4.47
C PHE A 23 -2.05 -2.83 -3.25
N ARG A 24 -3.28 -2.23 -3.36
CA ARG A 24 -4.18 -2.01 -2.22
C ARG A 24 -4.76 -3.27 -1.57
N ASN A 25 -5.04 -4.39 -2.29
CA ASN A 25 -5.42 -5.67 -1.71
C ASN A 25 -4.31 -6.40 -0.93
N ASP A 26 -3.11 -6.56 -1.59
CA ASP A 26 -1.91 -7.23 -1.07
C ASP A 26 -1.25 -6.46 0.05
N PHE A 27 -1.12 -5.12 -0.11
CA PHE A 27 -0.62 -4.15 0.87
C PHE A 27 -1.59 -3.99 2.01
N LEU A 28 -2.95 -3.97 1.81
CA LEU A 28 -3.89 -4.00 2.95
C LEU A 28 -3.84 -5.31 3.71
N GLU A 29 -3.67 -6.50 3.07
CA GLU A 29 -3.45 -7.76 3.82
C GLU A 29 -2.14 -7.81 4.61
N LEU A 30 -1.00 -7.48 3.96
CA LEU A 30 0.35 -7.42 4.53
C LEU A 30 0.55 -6.38 5.62
N LEU A 31 -0.10 -5.18 5.46
CA LEU A 31 -0.25 -4.09 6.42
C LEU A 31 -1.15 -4.46 7.58
N ARG A 32 -2.29 -5.20 7.35
CA ARG A 32 -3.18 -5.61 8.43
C ARG A 32 -2.62 -6.77 9.27
N ARG A 33 -1.98 -7.82 8.68
CA ARG A 33 -1.25 -8.84 9.43
C ARG A 33 0.04 -8.44 10.04
N ARG A 34 0.99 -7.89 9.25
CA ARG A 34 2.33 -7.74 9.78
C ARG A 34 2.53 -6.49 10.67
N PHE A 35 1.75 -5.42 10.39
CA PHE A 35 1.89 -4.12 11.03
C PHE A 35 0.72 -3.75 11.96
N GLY A 36 -0.56 -4.19 11.69
CA GLY A 36 -1.74 -3.97 12.52
C GLY A 36 -2.31 -2.61 12.38
N THR A 37 -2.11 -1.80 13.44
CA THR A 37 -2.32 -0.37 13.31
C THR A 37 -1.15 0.17 14.10
N LYS A 38 -0.20 0.74 13.38
CA LYS A 38 1.03 1.28 13.92
C LYS A 38 1.49 2.23 12.86
N ARG A 39 2.31 3.25 13.24
CA ARG A 39 3.00 4.19 12.35
C ARG A 39 4.15 3.45 11.58
N VAL A 40 4.00 3.19 10.26
CA VAL A 40 4.93 2.44 9.42
C VAL A 40 5.31 3.38 8.30
N HIS A 41 6.49 3.22 7.69
CA HIS A 41 6.89 4.01 6.52
C HIS A 41 6.53 3.21 5.28
N ASN A 42 5.65 3.74 4.38
CA ASN A 42 5.11 3.02 3.19
C ASN A 42 6.11 2.42 2.19
N ASN A 43 7.32 3.04 2.07
CA ASN A 43 8.52 2.57 1.35
C ASN A 43 9.12 1.30 1.99
N ILE A 44 8.94 1.07 3.33
CA ILE A 44 9.30 -0.16 4.06
C ILE A 44 8.29 -1.27 3.74
N VAL A 45 6.97 -0.91 3.71
CA VAL A 45 5.85 -1.83 3.44
C VAL A 45 5.77 -2.25 1.96
N TYR A 46 6.08 -1.33 0.97
CA TYR A 46 6.12 -1.58 -0.51
C TYR A 46 7.15 -2.64 -0.85
N ASN A 47 8.40 -2.44 -0.34
CA ASN A 47 9.59 -3.30 -0.40
C ASN A 47 9.41 -4.63 0.30
N GLU A 48 8.52 -4.62 1.34
CA GLU A 48 8.05 -5.84 2.04
C GLU A 48 7.05 -6.65 1.20
N TYR A 49 6.12 -5.93 0.51
CA TYR A 49 5.09 -6.39 -0.43
C TYR A 49 5.65 -6.96 -1.73
N ILE A 50 6.53 -6.24 -2.46
CA ILE A 50 7.13 -6.69 -3.74
C ILE A 50 8.24 -7.72 -3.69
N SER A 51 8.66 -8.08 -2.47
CA SER A 51 9.56 -9.17 -2.13
C SER A 51 8.74 -10.49 -2.07
N HIS A 52 8.03 -10.75 -3.20
CA HIS A 52 7.02 -11.74 -3.50
C HIS A 52 6.87 -11.57 -5.03
N ARG A 53 5.88 -12.24 -5.72
CA ARG A 53 5.61 -12.20 -7.18
C ARG A 53 5.33 -10.84 -7.84
N GLU A 54 4.61 -10.02 -7.04
CA GLU A 54 3.91 -8.78 -7.24
C GLU A 54 4.62 -7.50 -7.56
N HIS A 55 5.93 -7.54 -7.93
CA HIS A 55 6.79 -6.39 -8.28
C HIS A 55 6.20 -5.26 -9.16
N ILE A 56 5.73 -4.24 -8.40
CA ILE A 56 5.11 -2.99 -8.74
C ILE A 56 5.84 -2.04 -7.85
N HIS A 57 6.22 -0.85 -8.33
CA HIS A 57 6.73 0.19 -7.45
C HIS A 57 5.72 1.30 -7.58
N MET A 58 5.64 2.22 -6.57
CA MET A 58 4.65 3.31 -6.38
C MET A 58 4.38 4.26 -7.50
N ASN A 59 5.30 4.20 -8.47
CA ASN A 59 5.49 4.99 -9.64
C ASN A 59 4.55 4.43 -10.77
N ALA A 60 4.11 3.13 -10.60
CA ALA A 60 3.07 2.41 -11.36
C ALA A 60 1.68 2.59 -10.72
N THR A 61 1.31 3.87 -10.43
CA THR A 61 0.07 4.29 -9.78
C THR A 61 -0.40 5.55 -10.52
N GLN A 62 -1.00 6.53 -9.77
CA GLN A 62 -1.41 7.84 -10.28
C GLN A 62 -0.98 8.90 -9.25
N TRP A 63 0.02 8.49 -8.43
CA TRP A 63 0.66 9.20 -7.34
C TRP A 63 2.15 9.42 -7.71
N GLU A 64 2.83 10.45 -7.13
CA GLU A 64 4.17 10.89 -7.54
C GLU A 64 5.40 10.46 -6.72
N THR A 65 5.42 10.75 -5.40
CA THR A 65 6.62 10.59 -4.58
C THR A 65 6.24 10.06 -3.22
N LEU A 66 5.20 9.18 -3.18
CA LEU A 66 4.60 8.57 -2.01
C LEU A 66 3.50 9.45 -1.40
N THR A 67 3.69 10.77 -1.29
CA THR A 67 2.93 11.84 -0.66
C THR A 67 1.51 11.97 -1.11
N ASP A 68 1.26 11.79 -2.43
CA ASP A 68 -0.04 11.70 -3.09
C ASP A 68 -0.81 10.39 -2.89
N PHE A 69 -0.09 9.26 -2.64
CA PHE A 69 -0.62 7.94 -2.25
C PHE A 69 -1.03 8.01 -0.78
N THR A 70 -0.22 8.76 0.01
CA THR A 70 -0.44 9.08 1.41
C THR A 70 -1.59 10.09 1.58
N LYS A 71 -1.75 11.04 0.60
CA LYS A 71 -2.97 11.86 0.47
C LYS A 71 -4.28 11.09 0.16
N TRP A 72 -4.26 10.03 -0.70
CA TRP A 72 -5.41 9.20 -1.10
C TRP A 72 -5.81 8.11 -0.08
N LEU A 73 -4.84 7.33 0.45
CA LEU A 73 -4.99 6.31 1.48
C LEU A 73 -5.42 6.89 2.82
N GLY A 74 -4.88 8.13 3.06
CA GLY A 74 -5.36 9.18 3.98
C GLY A 74 -6.78 9.69 3.79
N ARG A 75 -7.24 9.74 2.51
CA ARG A 75 -8.57 10.20 2.08
C ARG A 75 -9.68 9.16 2.14
N GLU A 76 -9.38 7.94 1.63
CA GLU A 76 -10.26 6.79 1.49
C GLU A 76 -10.67 6.14 2.79
N GLY A 77 -9.97 6.50 3.90
CA GLY A 77 -10.29 5.98 5.22
C GLY A 77 -9.57 4.69 5.53
N LEU A 78 -8.41 4.47 4.88
CA LEU A 78 -7.58 3.30 5.12
C LEU A 78 -6.39 3.65 5.95
N CYS A 79 -5.78 4.86 5.89
CA CYS A 79 -4.69 5.17 6.82
C CYS A 79 -4.71 6.58 7.32
N LYS A 80 -4.12 6.83 8.51
CA LYS A 80 -3.83 8.13 9.10
C LYS A 80 -2.39 8.44 8.72
N VAL A 81 -1.97 9.69 8.46
CA VAL A 81 -0.63 9.98 7.99
C VAL A 81 0.00 11.10 8.80
N ASP A 82 1.35 11.10 8.82
CA ASP A 82 2.18 12.13 9.45
C ASP A 82 3.53 12.21 8.73
N GLU A 83 4.14 13.42 8.61
CA GLU A 83 5.46 13.59 8.00
C GLU A 83 6.43 14.12 9.05
N THR A 84 7.66 13.55 8.99
CA THR A 84 8.78 13.78 9.89
C THR A 84 9.98 14.20 9.10
N PRO A 85 11.10 14.53 9.80
CA PRO A 85 12.39 14.63 9.17
C PRO A 85 13.05 13.33 8.67
N LYS A 86 12.41 12.14 8.85
CA LYS A 86 12.92 10.84 8.44
C LYS A 86 11.91 10.14 7.51
N GLY A 87 11.05 10.90 6.78
CA GLY A 87 10.11 10.34 5.79
C GLY A 87 8.65 10.58 5.99
N TRP A 88 7.84 9.77 5.25
CA TRP A 88 6.38 9.69 5.25
C TRP A 88 5.95 8.42 6.01
N TYR A 89 5.30 8.63 7.18
CA TYR A 89 4.83 7.60 8.08
C TYR A 89 3.33 7.59 7.99
N ILE A 90 2.75 6.40 8.10
CA ILE A 90 1.35 6.10 8.01
C ILE A 90 1.00 5.25 9.19
N GLN A 91 -0.12 5.51 9.85
CA GLN A 91 -0.69 4.78 10.95
C GLN A 91 -2.03 4.38 10.38
N TYR A 92 -2.24 3.09 10.05
CA TYR A 92 -3.43 2.47 9.45
C TYR A 92 -4.72 2.74 10.24
N ILE A 93 -5.88 2.81 9.56
CA ILE A 93 -7.19 3.03 10.13
C ILE A 93 -7.68 1.68 10.46
N ASP A 94 -7.82 1.39 11.78
CA ASP A 94 -8.28 0.09 12.24
C ASP A 94 -9.76 -0.07 12.05
N ARG A 95 -10.10 -0.69 10.90
CA ARG A 95 -11.40 -0.85 10.29
C ARG A 95 -12.38 -1.62 11.17
N ASP A 96 -12.34 -2.94 11.12
CA ASP A 96 -12.93 -3.81 12.13
C ASP A 96 -11.79 -4.31 13.00
N PRO A 97 -11.67 -4.08 14.32
CA PRO A 97 -10.55 -4.48 15.19
C PRO A 97 -10.28 -5.97 15.29
N GLU A 98 -11.32 -6.83 15.06
CA GLU A 98 -11.18 -8.27 14.84
C GLU A 98 -10.37 -8.52 13.57
N THR A 99 -10.58 -7.75 12.48
CA THR A 99 -9.74 -7.81 11.27
C THR A 99 -8.27 -7.42 11.46
N ILE A 100 -7.90 -6.54 12.44
CA ILE A 100 -6.56 -6.23 12.91
C ILE A 100 -5.99 -7.32 13.78
N ARG A 101 -6.71 -7.79 14.82
CA ARG A 101 -6.28 -8.82 15.77
C ARG A 101 -6.31 -10.25 15.23
N ARG A 102 -7.38 -10.59 14.47
CA ARG A 102 -7.61 -11.89 13.84
C ARG A 102 -6.66 -12.16 12.68
N GLN A 103 -6.30 -11.09 11.93
CA GLN A 103 -5.24 -11.08 10.91
C GLN A 103 -3.84 -11.42 11.41
N LEU A 104 -3.50 -10.99 12.65
CA LEU A 104 -2.27 -11.35 13.34
C LEU A 104 -2.37 -12.72 14.03
N GLU A 105 -3.39 -12.91 14.93
CA GLU A 105 -3.58 -14.12 15.76
C GLU A 105 -3.93 -15.41 15.01
N LEU A 106 -4.73 -15.34 13.91
CA LEU A 106 -5.10 -16.50 13.08
C LEU A 106 -4.04 -16.87 12.03
N GLU A 107 -3.57 -15.88 11.21
CA GLU A 107 -2.59 -16.05 10.14
C GLU A 107 -1.19 -16.38 10.64
N LYS A 108 -0.98 -16.01 11.93
CA LYS A 108 0.23 -16.28 12.70
C LYS A 108 -0.03 -17.06 13.98
N LYS A 109 -0.91 -18.06 13.87
CA LYS A 109 -1.42 -18.93 14.94
C LYS A 109 -0.45 -20.02 15.37
N LYS A 110 0.29 -20.62 14.40
CA LYS A 110 1.30 -21.66 14.54
C LYS A 110 0.79 -23.05 14.95
N LYS A 111 0.03 -23.12 16.07
CA LYS A 111 -0.52 -24.33 16.66
C LYS A 111 -2.04 -24.33 16.53
#